data_6Y32
#
_entry.id   6Y32
#
_cell.length_a   155.825
_cell.length_b   70.634
_cell.length_c   172.573
_cell.angle_alpha   90.000
_cell.angle_beta   116.810
_cell.angle_gamma   90.000
#
_symmetry.space_group_name_H-M   'P 1 2 1'
#
loop_
_entity.id
_entity.type
_entity.pdbx_description
1 polymer 'Signal recognition particle 54 kDa protein'
2 polymer 'Signal recognition particle receptor subunit alpha'
3 non-polymer 'PHOSPHOAMINOPHOSPHONIC ACID-GUANYLATE ESTER'
4 non-polymer 'MAGNESIUM ION'
5 non-polymer 'SULFATE ION'
6 water water
#
loop_
_entity_poly.entity_id
_entity_poly.type
_entity_poly.pdbx_seq_one_letter_code
_entity_poly.pdbx_strand_id
1 'polypeptide(L)'
;MGHHHHHHMVLADLGRKITSALRSLSNATIINEEVLNAMLKEVCTALLEADVNIKLVKQLRENVKSAIDLEEMASGLNKR
KMIQHAVFKELVKLVDPGVKAWTPTKGKQNVIMFVGLQGSGKTTTCSKLAYYYQRKGWKTCLICADTFRAGAFDQLKQNA
TKARIPFYGSYTEMDPVIIASEGVEKFKNENFEIIIVDTSGRHKQEDSLFEEMLQVANAIQPDNIVYVMDASIGQACEAQ
AKAFKDKVDVASVIVTKLDGHAKGGGALSAVAATKSPIIFIGTGEHIDDFEPFKTQPFISKLLG
;
A,C,E,G
2 'polypeptide(L)'
;MGSLSREDMESVLDKMRDHLIAKNVAADIAVQLCESVANKLEGKVMGTFSTVTSTVKQALQESLVQILQPQRRVDMLRDI
MDAQRRQRPYVVTFCGVNGVGKSTNLAKISFWLLENGFSVLIAACDTFRAGAVEQLRTHTRRLSALHPPEKHGGRTMVQL
FEKGYGKDAAGIAMEAIAFARNQGFDVVLVDTAGRMQDNAPLMTALAKLITVNTPDLVLFVGEALVGNEAVDQLVKFNRA
LADHSMAQTPRLIDGIVLTKFDTIDDKVGAAISMTYITSKPIVFVGTGQTYCDLRSLNAKAVVAALMKAHHHHHH
;
B,D,F,H
#
# COMPACT_ATOMS: atom_id res chain seq x y z
N ILE A 30 -4.05 -36.13 18.62
CA ILE A 30 -5.08 -35.13 18.36
C ILE A 30 -4.54 -33.75 18.60
N ILE A 31 -4.05 -33.51 19.82
CA ILE A 31 -3.50 -32.21 20.19
C ILE A 31 -2.46 -31.77 19.17
N ASN A 32 -1.60 -32.71 18.76
CA ASN A 32 -0.54 -32.38 17.82
C ASN A 32 -1.10 -31.96 16.46
N GLU A 33 -2.13 -32.66 15.97
CA GLU A 33 -2.77 -32.28 14.72
C GLU A 33 -3.30 -30.84 14.79
N GLU A 34 -4.06 -30.54 15.85
CA GLU A 34 -4.58 -29.19 16.01
C GLU A 34 -3.46 -28.17 16.02
N VAL A 35 -2.38 -28.45 16.76
CA VAL A 35 -1.22 -27.56 16.78
C VAL A 35 -0.70 -27.32 15.37
N LEU A 36 -0.49 -28.40 14.63
CA LEU A 36 0.09 -28.28 13.30
C LEU A 36 -0.85 -27.52 12.36
N ASN A 37 -2.14 -27.87 12.36
CA ASN A 37 -3.10 -27.10 11.58
C ASN A 37 -3.18 -25.65 12.03
N ALA A 38 -2.78 -25.37 13.27
CA ALA A 38 -2.88 -24.02 13.81
C ALA A 38 -1.74 -23.16 13.31
N MET A 39 -0.50 -23.65 13.43
CA MET A 39 0.63 -22.93 12.89
C MET A 39 0.53 -22.83 11.38
N LEU A 40 0.11 -23.91 10.73
CA LEU A 40 0.06 -23.92 9.27
C LEU A 40 -0.95 -22.90 8.75
N LYS A 41 -2.13 -22.84 9.35
CA LYS A 41 -3.08 -21.82 8.93
C LYS A 41 -2.48 -20.43 9.10
N GLU A 42 -1.70 -20.24 10.17
CA GLU A 42 -1.07 -18.95 10.43
C GLU A 42 0.00 -18.62 9.40
N VAL A 43 0.85 -19.61 9.07
CA VAL A 43 1.86 -19.45 8.03
C VAL A 43 1.18 -19.11 6.70
N CYS A 44 0.11 -19.83 6.36
CA CYS A 44 -0.49 -19.70 5.04
C CYS A 44 -1.18 -18.37 4.84
N THR A 45 -1.74 -17.81 5.91
CA THR A 45 -2.38 -16.51 5.82
C THR A 45 -1.34 -15.40 5.66
N ALA A 46 -0.21 -15.54 6.37
CA ALA A 46 0.90 -14.60 6.19
C ALA A 46 1.46 -14.69 4.78
N LEU A 47 1.59 -15.90 4.25
CA LEU A 47 2.18 -16.05 2.94
C LEU A 47 1.28 -15.47 1.86
N LEU A 48 -0.03 -15.61 2.00
CA LEU A 48 -0.91 -15.09 0.97
C LEU A 48 -0.87 -13.59 0.94
N GLU A 49 -0.72 -12.98 2.11
CA GLU A 49 -0.67 -11.53 2.22
C GLU A 49 0.72 -10.97 1.92
N ALA A 50 1.73 -11.83 1.81
CA ALA A 50 2.97 -11.49 1.14
C ALA A 50 2.87 -11.69 -0.38
N ASP A 51 1.67 -11.88 -0.91
CA ASP A 51 1.40 -11.96 -2.35
C ASP A 51 2.06 -13.16 -3.02
N VAL A 52 2.23 -14.24 -2.27
CA VAL A 52 2.60 -15.51 -2.88
C VAL A 52 1.38 -16.05 -3.63
N ASN A 53 1.66 -16.69 -4.75
CA ASN A 53 0.61 -17.33 -5.52
C ASN A 53 -0.09 -18.36 -4.66
N ILE A 54 -1.42 -18.35 -4.67
CA ILE A 54 -2.14 -19.19 -3.74
C ILE A 54 -1.86 -20.66 -4.02
N LYS A 55 -1.54 -20.99 -5.27
CA LYS A 55 -1.18 -22.37 -5.57
C LYS A 55 0.13 -22.74 -4.88
N LEU A 56 1.08 -21.82 -4.89
CA LEU A 56 2.34 -22.05 -4.18
C LEU A 56 2.09 -22.26 -2.70
N VAL A 57 1.23 -21.43 -2.10
CA VAL A 57 0.97 -21.52 -0.67
C VAL A 57 0.36 -22.88 -0.33
N LYS A 58 -0.63 -23.32 -1.13
CA LYS A 58 -1.24 -24.62 -0.85
C LYS A 58 -0.26 -25.75 -1.06
N GLN A 59 0.67 -25.59 -2.00
CA GLN A 59 1.64 -26.65 -2.25
C GLN A 59 2.63 -26.76 -1.10
N LEU A 60 3.22 -25.62 -0.71
CA LEU A 60 4.11 -25.62 0.47
C LEU A 60 3.44 -26.27 1.68
N ARG A 61 2.14 -26.00 1.89
CA ARG A 61 1.43 -26.54 3.05
C ARG A 61 1.49 -28.07 3.07
N GLU A 62 1.20 -28.73 1.95
CA GLU A 62 1.34 -30.19 1.95
C GLU A 62 2.79 -30.63 1.93
N ASN A 63 3.70 -29.76 1.47
CA ASN A 63 5.11 -30.10 1.52
C ASN A 63 5.65 -30.10 2.94
N VAL A 64 5.15 -29.19 3.77
CA VAL A 64 5.61 -29.19 5.16
C VAL A 64 4.94 -30.31 5.94
N LYS A 65 3.71 -30.67 5.57
CA LYS A 65 3.01 -31.78 6.23
C LYS A 65 3.69 -33.11 5.98
N SER A 66 4.10 -33.36 4.73
CA SER A 66 4.87 -34.55 4.42
C SER A 66 6.14 -34.61 5.25
N ALA A 67 6.88 -33.50 5.30
CA ALA A 67 8.19 -33.45 5.93
C ALA A 67 8.14 -33.40 7.45
N ILE A 68 6.97 -33.45 8.08
CA ILE A 68 6.88 -33.40 9.53
C ILE A 68 6.04 -34.56 10.04
N ASP A 69 6.51 -35.18 11.11
CA ASP A 69 5.85 -36.30 11.77
C ASP A 69 5.67 -35.93 13.23
N LEU A 70 4.43 -35.69 13.64
CA LEU A 70 4.17 -35.33 15.02
C LEU A 70 4.53 -36.46 15.97
N GLU A 71 4.42 -37.71 15.50
CA GLU A 71 4.53 -38.85 16.40
C GLU A 71 5.96 -39.05 16.89
N GLU A 72 6.95 -38.80 16.02
CA GLU A 72 8.35 -38.99 16.41
C GLU A 72 8.80 -37.97 17.42
N MET A 73 8.23 -36.77 17.39
CA MET A 73 8.63 -35.71 18.32
C MET A 73 8.46 -36.17 19.77
N ALA A 74 9.59 -36.10 20.48
CA ALA A 74 9.72 -36.53 21.88
C ALA A 74 9.44 -35.36 22.81
N SER A 75 8.45 -35.52 23.68
CA SER A 75 8.04 -34.51 24.69
C SER A 75 8.03 -33.10 24.12
N LEU A 77 11.01 -32.06 23.35
CA LEU A 77 11.33 -30.97 22.41
C LEU A 77 10.09 -30.09 22.19
N ASN A 78 10.21 -29.09 21.32
CA ASN A 78 9.17 -28.05 21.08
C ASN A 78 8.64 -28.19 19.65
N LYS A 79 7.32 -28.26 19.51
CA LYS A 79 6.69 -28.47 18.21
C LYS A 79 6.90 -27.27 17.30
N ARG A 80 6.58 -26.07 17.79
CA ARG A 80 6.62 -24.87 16.96
C ARG A 80 7.94 -24.73 16.23
N LYS A 81 9.05 -24.84 16.96
CA LYS A 81 10.36 -24.53 16.40
C LYS A 81 10.69 -25.44 15.24
N MET A 82 10.32 -26.72 15.34
CA MET A 82 10.55 -27.64 14.23
C MET A 82 9.67 -27.29 13.05
N ILE A 83 8.45 -26.81 13.33
CA ILE A 83 7.52 -26.45 12.28
C ILE A 83 7.98 -25.19 11.57
N GLN A 84 8.31 -24.15 12.34
CA GLN A 84 8.86 -22.93 11.79
C GLN A 84 10.08 -23.22 10.92
N HIS A 85 10.95 -24.09 11.39
CA HIS A 85 12.09 -24.49 10.56
C HIS A 85 11.62 -25.15 9.29
N ALA A 86 10.62 -26.03 9.42
CA ALA A 86 10.11 -26.76 8.26
C ALA A 86 9.51 -25.84 7.23
N VAL A 87 8.73 -24.87 7.68
CA VAL A 87 8.21 -23.83 6.80
C VAL A 87 9.36 -23.10 6.10
N PHE A 88 10.29 -22.58 6.90
CA PHE A 88 11.37 -21.75 6.40
C PHE A 88 12.24 -22.53 5.41
N LYS A 89 12.40 -23.82 5.65
CA LYS A 89 13.23 -24.63 4.76
C LYS A 89 12.57 -24.84 3.40
N GLU A 90 11.24 -24.85 3.37
CA GLU A 90 10.50 -25.06 2.13
C GLU A 90 10.41 -23.78 1.32
N LEU A 91 10.35 -22.63 2.00
CA LEU A 91 10.48 -21.35 1.30
C LEU A 91 11.83 -21.23 0.61
N VAL A 92 12.89 -21.68 1.27
CA VAL A 92 14.22 -21.54 0.72
C VAL A 92 14.35 -22.33 -0.58
N LYS A 93 13.67 -23.47 -0.67
CA LYS A 93 13.71 -24.21 -1.93
C LYS A 93 13.04 -23.41 -3.03
N LEU A 94 12.08 -22.58 -2.67
CA LEU A 94 11.25 -21.89 -3.65
C LEU A 94 11.98 -20.72 -4.30
N VAL A 95 12.78 -19.99 -3.53
CA VAL A 95 13.58 -18.91 -4.10
C VAL A 95 14.84 -19.41 -4.79
N ASP A 96 15.33 -20.58 -4.46
CA ASP A 96 16.47 -21.12 -5.17
C ASP A 96 16.00 -21.79 -6.45
N PRO A 97 16.43 -21.32 -7.62
CA PRO A 97 16.15 -22.06 -8.85
C PRO A 97 17.13 -23.18 -9.12
N GLY A 98 18.15 -23.33 -8.29
CA GLY A 98 19.19 -24.31 -8.56
C GLY A 98 20.00 -24.06 -9.81
N VAL A 99 19.92 -22.86 -10.37
CA VAL A 99 20.82 -22.45 -11.45
C VAL A 99 21.67 -21.30 -10.91
N LYS A 100 22.98 -21.42 -11.07
CA LYS A 100 23.87 -20.37 -10.62
C LYS A 100 23.65 -19.11 -11.45
N ALA A 101 23.63 -17.96 -10.77
CA ALA A 101 23.43 -16.68 -11.45
C ALA A 101 24.60 -16.36 -12.37
N TRP A 102 24.26 -15.74 -13.50
CA TRP A 102 25.24 -15.38 -14.52
C TRP A 102 26.05 -14.18 -14.07
N THR A 103 27.31 -14.14 -14.49
CA THR A 103 28.17 -13.02 -14.16
C THR A 103 28.93 -12.51 -15.40
N PRO A 104 29.20 -11.21 -15.47
CA PRO A 104 30.00 -10.68 -16.58
C PRO A 104 31.45 -11.15 -16.50
N THR A 105 32.14 -11.09 -17.65
CA THR A 105 33.51 -11.57 -17.77
C THR A 105 34.42 -10.45 -18.26
N LYS A 106 35.48 -10.19 -17.48
CA LYS A 106 36.35 -9.05 -17.76
C LYS A 106 36.99 -9.14 -19.13
N GLY A 107 37.05 -8.00 -19.82
CA GLY A 107 37.68 -7.92 -21.12
C GLY A 107 36.76 -8.22 -22.29
N LYS A 108 35.72 -9.01 -22.09
CA LYS A 108 34.81 -9.32 -23.17
C LYS A 108 33.63 -8.35 -23.17
N GLN A 109 32.88 -8.37 -24.27
CA GLN A 109 31.76 -7.46 -24.47
C GLN A 109 30.51 -8.13 -23.92
N ASN A 110 30.08 -7.70 -22.74
CA ASN A 110 28.91 -8.28 -22.10
C ASN A 110 27.70 -7.40 -22.39
N VAL A 111 26.68 -7.99 -23.01
CA VAL A 111 25.45 -7.29 -23.34
C VAL A 111 24.36 -7.80 -22.40
N ILE A 112 23.70 -6.88 -21.70
CA ILE A 112 22.65 -7.19 -20.74
C ILE A 112 21.39 -6.46 -21.15
N MET A 113 20.30 -7.20 -21.27
CA MET A 113 19.05 -6.68 -21.78
C MET A 113 18.02 -6.69 -20.68
N PHE A 114 17.23 -5.62 -20.60
CA PHE A 114 16.24 -5.49 -19.55
C PHE A 114 14.84 -5.65 -20.14
N VAL A 115 14.04 -6.53 -19.54
CA VAL A 115 12.64 -6.71 -19.90
C VAL A 115 11.81 -6.70 -18.62
N GLY A 116 10.50 -6.48 -18.77
CA GLY A 116 9.61 -6.33 -17.63
C GLY A 116 8.34 -5.61 -18.02
N LEU A 117 7.37 -5.65 -17.10
CA LEU A 117 6.06 -5.07 -17.38
C LEU A 117 6.12 -3.55 -17.32
N GLN A 118 5.05 -2.92 -17.79
CA GLN A 118 4.95 -1.47 -17.76
C GLN A 118 5.06 -0.95 -16.34
N GLY A 119 6.06 -0.11 -16.09
CA GLY A 119 6.20 0.51 -14.79
C GLY A 119 7.00 -0.28 -13.80
N SER A 120 7.55 -1.42 -14.19
CA SER A 120 8.15 -2.33 -13.24
C SER A 120 9.45 -1.81 -12.65
N GLY A 121 10.05 -0.76 -13.21
CA GLY A 121 11.31 -0.23 -12.75
C GLY A 121 12.50 -0.45 -13.66
N LYS A 122 12.28 -0.81 -14.93
CA LYS A 122 13.39 -1.22 -15.80
C LYS A 122 14.39 -0.10 -16.01
N THR A 123 13.90 1.10 -16.34
CA THR A 123 14.80 2.17 -16.74
C THR A 123 15.66 2.62 -15.55
N THR A 124 15.03 2.77 -14.39
CA THR A 124 15.77 3.16 -13.19
C THR A 124 16.80 2.10 -12.82
N THR A 125 16.41 0.83 -12.89
CA THR A 125 17.30 -0.26 -12.52
C THR A 125 18.48 -0.38 -13.49
N CYS A 126 18.27 -0.04 -14.77
CA CYS A 126 19.36 -0.10 -15.74
C CYS A 126 20.53 0.73 -15.26
N SER A 127 20.23 1.96 -14.83
CA SER A 127 21.26 2.84 -14.34
C SER A 127 21.82 2.37 -13.00
N LYS A 128 20.97 1.76 -12.15
CA LYS A 128 21.46 1.20 -10.89
C LYS A 128 22.47 0.08 -11.14
N LEU A 129 22.19 -0.80 -12.11
CA LEU A 129 23.08 -1.92 -12.35
C LEU A 129 24.38 -1.45 -12.97
N ALA A 130 24.28 -0.49 -13.90
CA ALA A 130 25.46 0.13 -14.50
C ALA A 130 26.32 0.79 -13.43
N TYR A 131 25.69 1.58 -12.55
CA TYR A 131 26.44 2.23 -11.47
C TYR A 131 27.08 1.21 -10.54
N TYR A 132 26.33 0.16 -10.19
CA TYR A 132 26.91 -0.92 -9.40
C TYR A 132 28.20 -1.40 -10.03
N TYR A 133 28.13 -1.79 -11.31
CA TYR A 133 29.31 -2.32 -11.99
C TYR A 133 30.38 -1.27 -12.20
N GLN A 134 30.00 0.01 -12.37
CA GLN A 134 31.00 1.03 -12.66
C GLN A 134 31.86 1.33 -11.44
N ARG A 135 31.26 1.30 -10.25
CA ARG A 135 32.05 1.46 -9.02
C ARG A 135 32.84 0.21 -8.69
N LYS A 136 32.51 -0.93 -9.29
CA LYS A 136 33.33 -2.12 -9.14
C LYS A 136 34.38 -2.25 -10.23
N GLY A 137 34.57 -1.20 -11.04
CA GLY A 137 35.68 -1.15 -12.00
C GLY A 137 35.43 -1.73 -13.37
N TRP A 138 34.21 -1.57 -13.88
CA TRP A 138 33.79 -2.10 -15.17
C TRP A 138 33.51 -0.95 -16.13
N LYS A 139 33.84 -1.14 -17.40
CA LYS A 139 33.55 -0.16 -18.44
C LYS A 139 32.09 -0.33 -18.85
N THR A 140 31.20 0.47 -18.28
CA THR A 140 29.77 0.31 -18.51
C THR A 140 29.22 1.47 -19.33
N CYS A 141 28.14 1.17 -20.05
CA CYS A 141 27.39 2.12 -20.85
C CYS A 141 25.92 1.76 -20.74
N LEU A 142 25.08 2.61 -21.32
CA LEU A 142 23.64 2.43 -21.30
C LEU A 142 23.07 2.72 -22.69
N ILE A 143 22.05 1.95 -23.07
CA ILE A 143 21.33 2.18 -24.32
C ILE A 143 19.86 2.28 -24.02
N CYS A 144 19.26 3.43 -24.33
CA CYS A 144 17.80 3.58 -24.32
C CYS A 144 17.26 3.18 -25.69
N ALA A 145 16.61 2.01 -25.73
CA ALA A 145 15.95 1.50 -26.91
C ALA A 145 14.44 1.43 -26.68
N ASP A 146 13.91 2.37 -25.91
CA ASP A 146 12.47 2.49 -25.71
C ASP A 146 11.98 3.57 -26.66
N THR A 147 11.48 3.16 -27.84
CA THR A 147 11.03 4.17 -28.79
C THR A 147 9.58 4.59 -28.58
N PHE A 148 8.89 4.04 -27.58
CA PHE A 148 7.49 4.34 -27.34
C PHE A 148 7.28 5.35 -26.22
N ARG A 149 7.81 5.10 -25.03
CA ARG A 149 7.43 5.88 -23.86
C ARG A 149 7.88 7.35 -24.00
N ALA A 150 6.94 8.27 -23.76
CA ALA A 150 7.25 9.68 -23.73
C ALA A 150 8.32 9.94 -22.68
N GLY A 151 9.45 10.52 -23.09
CA GLY A 151 10.50 10.82 -22.13
C GLY A 151 11.44 9.68 -21.87
N ALA A 152 11.34 8.60 -22.63
CA ALA A 152 12.12 7.40 -22.33
C ALA A 152 13.62 7.66 -22.47
N PHE A 153 14.02 8.42 -23.50
CA PHE A 153 15.43 8.75 -23.66
C PHE A 153 15.87 9.82 -22.68
N ASP A 154 15.13 10.94 -22.62
CA ASP A 154 15.39 11.97 -21.63
C ASP A 154 15.65 11.39 -20.25
N GLN A 155 14.74 10.51 -19.79
CA GLN A 155 14.86 9.88 -18.49
C GLN A 155 16.19 9.14 -18.36
N LEU A 156 16.41 8.16 -19.22
CA LEU A 156 17.66 7.43 -19.18
C LEU A 156 18.85 8.37 -19.38
N LYS A 157 18.72 9.33 -20.31
CA LYS A 157 19.80 10.29 -20.52
C LYS A 157 20.12 11.04 -19.24
N GLN A 158 19.11 11.62 -18.60
CA GLN A 158 19.35 12.36 -17.36
C GLN A 158 19.97 11.47 -16.29
N ASN A 159 19.41 10.26 -16.10
CA ASN A 159 20.00 9.30 -15.16
C ASN A 159 21.47 9.09 -15.47
N ALA A 160 21.77 8.68 -16.71
CA ALA A 160 23.14 8.38 -17.11
C ALA A 160 24.07 9.58 -16.87
N THR A 161 23.60 10.78 -17.15
CA THR A 161 24.43 11.96 -17.01
C THR A 161 24.74 12.25 -15.56
N LYS A 162 23.74 12.09 -14.68
CA LYS A 162 23.98 12.35 -13.27
C LYS A 162 24.98 11.36 -12.69
N ALA A 163 25.13 10.21 -13.31
CA ALA A 163 25.99 9.16 -12.77
C ALA A 163 27.30 9.03 -13.54
N ARG A 164 27.56 9.90 -14.52
CA ARG A 164 28.79 9.87 -15.33
C ARG A 164 28.93 8.58 -16.15
N ILE A 165 27.84 7.96 -16.55
CA ILE A 165 27.88 6.71 -17.30
C ILE A 165 27.51 6.98 -18.75
N PRO A 166 28.31 6.51 -19.72
CA PRO A 166 27.98 6.73 -21.14
C PRO A 166 26.62 6.14 -21.51
N PHE A 167 25.87 6.89 -22.33
CA PHE A 167 24.55 6.49 -22.80
C PHE A 167 24.45 6.62 -24.32
N TYR A 168 23.48 5.93 -24.90
CA TYR A 168 23.22 6.00 -26.33
C TYR A 168 21.74 5.81 -26.60
N GLY A 169 21.20 6.67 -27.45
CA GLY A 169 19.81 6.58 -27.85
C GLY A 169 19.50 7.61 -28.92
N SER A 170 18.22 7.79 -29.21
CA SER A 170 17.82 8.74 -30.24
C SER A 170 16.49 9.37 -29.90
N TYR A 171 16.41 10.69 -30.09
CA TYR A 171 15.16 11.38 -30.01
C TYR A 171 14.31 11.20 -31.26
N THR A 172 14.89 10.69 -32.34
CA THR A 172 14.20 10.64 -33.62
C THR A 172 13.90 9.23 -34.09
N GLU A 173 14.81 8.28 -33.88
CA GLU A 173 14.60 6.91 -34.34
C GLU A 173 13.45 6.25 -33.62
N MET A 174 12.63 5.51 -34.37
CA MET A 174 11.48 4.82 -33.83
C MET A 174 11.60 3.31 -33.87
N ASP A 175 12.63 2.76 -34.52
CA ASP A 175 12.76 1.32 -34.58
C ASP A 175 13.72 0.85 -33.52
N PRO A 176 13.22 0.28 -32.41
CA PRO A 176 14.11 -0.05 -31.29
C PRO A 176 15.10 -1.15 -31.60
N VAL A 177 14.90 -1.92 -32.67
CA VAL A 177 15.92 -2.89 -33.02
C VAL A 177 17.12 -2.18 -33.61
N ILE A 178 16.88 -1.13 -34.39
CA ILE A 178 17.98 -0.35 -34.96
C ILE A 178 18.79 0.32 -33.85
N ILE A 179 18.10 0.97 -32.90
CA ILE A 179 18.81 1.64 -31.80
C ILE A 179 19.65 0.64 -31.04
N ALA A 180 19.05 -0.50 -30.65
CA ALA A 180 19.77 -1.47 -29.85
C ALA A 180 20.93 -2.08 -30.63
N SER A 181 20.77 -2.22 -31.95
CA SER A 181 21.87 -2.72 -32.76
C SER A 181 22.98 -1.68 -32.86
N GLU A 182 22.62 -0.44 -33.21
CA GLU A 182 23.62 0.60 -33.34
C GLU A 182 24.30 0.88 -32.00
N GLY A 183 23.55 0.87 -30.91
CA GLY A 183 24.16 1.09 -29.62
C GLY A 183 25.14 0.00 -29.25
N VAL A 184 24.72 -1.26 -29.39
CA VAL A 184 25.58 -2.35 -28.95
C VAL A 184 26.89 -2.36 -29.74
N GLU A 185 26.80 -2.24 -31.06
CA GLU A 185 28.03 -2.25 -31.84
C GLU A 185 28.92 -1.06 -31.51
N LYS A 186 28.32 0.13 -31.32
CA LYS A 186 29.12 1.33 -31.04
C LYS A 186 29.95 1.16 -29.77
N PHE A 187 29.32 0.70 -28.70
CA PHE A 187 30.03 0.55 -27.45
C PHE A 187 30.99 -0.63 -27.47
N LYS A 188 30.81 -1.56 -28.41
CA LYS A 188 31.79 -2.61 -28.60
C LYS A 188 33.02 -2.11 -29.34
N ASN A 189 32.81 -1.33 -30.41
CA ASN A 189 33.94 -0.69 -31.11
C ASN A 189 34.70 0.25 -30.20
N GLU A 190 34.06 0.74 -29.15
CA GLU A 190 34.74 1.46 -28.08
C GLU A 190 35.09 0.56 -26.91
N ASN A 191 34.88 -0.75 -27.04
CA ASN A 191 35.42 -1.77 -26.14
C ASN A 191 34.93 -1.61 -24.70
N PHE A 192 33.62 -1.51 -24.57
CA PHE A 192 33.02 -1.48 -23.24
C PHE A 192 32.87 -2.90 -22.72
N GLU A 193 32.67 -3.01 -21.41
CA GLU A 193 32.51 -4.31 -20.79
C GLU A 193 31.07 -4.63 -20.42
N ILE A 194 30.29 -3.62 -20.05
CA ILE A 194 28.91 -3.81 -19.61
C ILE A 194 28.02 -2.94 -20.49
N ILE A 195 27.25 -3.57 -21.37
CA ILE A 195 26.42 -2.86 -22.32
C ILE A 195 24.97 -3.20 -21.97
N ILE A 196 24.29 -2.26 -21.33
CA ILE A 196 22.96 -2.46 -20.74
C ILE A 196 21.91 -1.83 -21.64
N VAL A 197 20.99 -2.63 -22.16
CA VAL A 197 19.94 -2.15 -23.05
C VAL A 197 18.63 -2.07 -22.30
N ASP A 198 18.05 -0.87 -22.28
CA ASP A 198 16.75 -0.59 -21.68
C ASP A 198 15.70 -0.68 -22.78
N THR A 199 14.61 -1.38 -22.52
CA THR A 199 13.57 -1.54 -23.54
C THR A 199 12.25 -1.06 -23.00
N SER A 200 11.23 -1.06 -23.84
CA SER A 200 9.95 -0.52 -23.43
C SER A 200 9.19 -1.52 -22.56
N GLY A 201 8.32 -0.97 -21.72
CA GLY A 201 7.42 -1.79 -20.97
C GLY A 201 6.46 -2.51 -21.91
N ARG A 202 6.18 -3.76 -21.59
CA ARG A 202 5.33 -4.56 -22.45
C ARG A 202 4.67 -5.63 -21.61
N HIS A 203 3.53 -6.12 -22.08
CA HIS A 203 2.76 -7.12 -21.37
C HIS A 203 2.47 -8.27 -22.30
N LYS A 204 2.06 -9.38 -21.71
CA LYS A 204 2.07 -10.64 -22.43
C LYS A 204 1.01 -10.66 -23.52
N GLN A 205 -0.14 -10.04 -23.27
CA GLN A 205 -1.24 -10.15 -24.22
C GLN A 205 -1.11 -9.17 -25.39
N GLU A 206 0.07 -8.59 -25.59
CA GLU A 206 0.36 -7.64 -26.66
C GLU A 206 1.41 -8.29 -27.55
N ASP A 207 0.95 -9.04 -28.55
CA ASP A 207 1.86 -9.93 -29.26
C ASP A 207 2.90 -9.15 -30.03
N SER A 208 2.48 -8.00 -30.57
CA SER A 208 3.39 -7.17 -31.35
C SER A 208 4.54 -6.65 -30.50
N LEU A 209 4.26 -6.28 -29.24
CA LEU A 209 5.34 -5.91 -28.33
C LEU A 209 6.20 -7.12 -28.00
N PHE A 210 5.56 -8.26 -27.70
CA PHE A 210 6.34 -9.44 -27.33
C PHE A 210 7.17 -9.96 -28.50
N GLU A 211 6.77 -9.64 -29.72
CA GLU A 211 7.57 -9.95 -30.90
C GLU A 211 8.71 -8.96 -31.06
N GLU A 212 8.39 -7.66 -30.92
CA GLU A 212 9.43 -6.66 -30.93
C GLU A 212 10.50 -6.97 -29.91
N MET A 213 10.11 -7.48 -28.73
CA MET A 213 11.10 -7.86 -27.74
C MET A 213 11.96 -9.00 -28.24
N LEU A 214 11.37 -9.92 -29.00
CA LEU A 214 12.14 -11.03 -29.54
C LEU A 214 13.15 -10.54 -30.56
N GLN A 215 12.77 -9.52 -31.33
CA GLN A 215 13.63 -9.00 -32.38
C GLN A 215 14.81 -8.25 -31.81
N VAL A 216 14.60 -7.52 -30.70
CA VAL A 216 15.70 -6.83 -30.06
C VAL A 216 16.71 -7.83 -29.48
N ALA A 217 16.21 -8.88 -28.83
CA ALA A 217 17.12 -9.88 -28.25
C ALA A 217 17.93 -10.58 -29.34
N ASN A 218 17.25 -11.08 -30.38
CA ASN A 218 17.96 -11.74 -31.48
C ASN A 218 18.96 -10.79 -32.13
N ALA A 219 18.65 -9.50 -32.14
CA ALA A 219 19.52 -8.53 -32.80
C ALA A 219 20.83 -8.36 -32.05
N ILE A 220 20.77 -8.13 -30.73
CA ILE A 220 21.98 -7.83 -29.96
C ILE A 220 22.58 -9.04 -29.25
N GLN A 221 21.88 -10.18 -29.23
CA GLN A 221 22.40 -11.41 -28.65
C GLN A 221 22.93 -11.20 -27.23
N PRO A 222 22.08 -10.77 -26.30
CA PRO A 222 22.59 -10.42 -24.98
C PRO A 222 23.08 -11.65 -24.23
N ASP A 223 24.12 -11.45 -23.42
CA ASP A 223 24.63 -12.54 -22.61
C ASP A 223 23.73 -12.82 -21.42
N ASN A 224 22.84 -11.90 -21.08
CA ASN A 224 22.03 -12.02 -19.87
C ASN A 224 20.79 -11.15 -20.01
N ILE A 225 19.61 -11.75 -19.97
CA ILE A 225 18.35 -11.02 -20.01
C ILE A 225 17.80 -10.93 -18.60
N VAL A 226 17.40 -9.73 -18.20
CA VAL A 226 16.91 -9.47 -16.86
C VAL A 226 15.42 -9.21 -16.97
N TYR A 227 14.62 -10.10 -16.40
CA TYR A 227 13.21 -9.81 -16.15
C TYR A 227 13.11 -9.02 -14.85
N VAL A 228 12.43 -7.88 -14.89
CA VAL A 228 12.30 -6.98 -13.75
C VAL A 228 10.87 -7.03 -13.28
N MET A 229 10.66 -7.23 -11.97
CA MET A 229 9.31 -7.24 -11.47
C MET A 229 9.12 -6.30 -10.29
N ASP A 230 8.00 -5.60 -10.31
CA ASP A 230 7.59 -4.75 -9.20
C ASP A 230 7.20 -5.63 -8.03
N ALA A 231 7.77 -5.36 -6.85
CA ALA A 231 7.49 -6.20 -5.69
C ALA A 231 6.02 -6.16 -5.28
N SER A 232 5.29 -5.11 -5.63
CA SER A 232 3.89 -5.01 -5.27
C SER A 232 2.98 -5.78 -6.20
N ILE A 233 3.51 -6.65 -7.05
CA ILE A 233 2.65 -7.36 -8.00
C ILE A 233 1.86 -8.44 -7.27
N GLY A 234 0.64 -8.69 -7.75
CA GLY A 234 -0.24 -9.66 -7.12
C GLY A 234 -0.23 -11.02 -7.80
N GLN A 235 -1.43 -11.55 -8.06
CA GLN A 235 -1.54 -12.94 -8.48
C GLN A 235 -1.27 -13.11 -9.97
N ALA A 236 -1.23 -12.01 -10.72
CA ALA A 236 -0.98 -12.07 -12.15
C ALA A 236 0.47 -12.37 -12.50
N CYS A 237 1.35 -12.46 -11.50
CA CYS A 237 2.78 -12.51 -11.74
C CYS A 237 3.19 -13.76 -12.51
N GLU A 238 2.71 -14.93 -12.10
CA GLU A 238 3.15 -16.17 -12.74
C GLU A 238 2.83 -16.19 -14.23
N ALA A 239 1.66 -15.68 -14.61
CA ALA A 239 1.26 -15.72 -16.01
C ALA A 239 2.14 -14.81 -16.86
N GLN A 240 2.31 -13.55 -16.44
CA GLN A 240 3.22 -12.65 -17.14
C GLN A 240 4.63 -13.21 -17.18
N ALA A 241 5.20 -13.51 -16.02
CA ALA A 241 6.60 -13.94 -15.98
C ALA A 241 6.84 -15.18 -16.82
N LYS A 242 5.89 -16.11 -16.85
CA LYS A 242 6.04 -17.30 -17.67
C LYS A 242 6.12 -16.95 -19.16
N ALA A 243 5.26 -16.01 -19.59
CA ALA A 243 5.18 -15.62 -21.00
C ALA A 243 6.45 -14.89 -21.46
N PHE A 244 7.02 -14.04 -20.59
CA PHE A 244 8.32 -13.44 -20.89
C PHE A 244 9.38 -14.53 -21.10
N LYS A 245 9.34 -15.59 -20.29
CA LYS A 245 10.33 -16.65 -20.41
C LYS A 245 10.04 -17.56 -21.61
N ASP A 246 8.77 -17.69 -21.98
CA ASP A 246 8.43 -18.45 -23.19
C ASP A 246 8.86 -17.72 -24.46
N LYS A 247 8.91 -16.39 -24.43
CA LYS A 247 9.26 -15.64 -25.63
C LYS A 247 10.76 -15.40 -25.73
N VAL A 248 11.44 -15.26 -24.60
CA VAL A 248 12.84 -14.87 -24.60
C VAL A 248 13.54 -15.58 -23.44
N ASP A 249 14.81 -15.88 -23.64
CA ASP A 249 15.59 -16.66 -22.69
C ASP A 249 15.93 -15.84 -21.45
N VAL A 250 14.93 -15.54 -20.62
CA VAL A 250 15.21 -14.81 -19.39
C VAL A 250 16.18 -15.62 -18.55
N ALA A 251 17.24 -14.96 -18.08
CA ALA A 251 18.25 -15.63 -17.26
C ALA A 251 18.38 -15.05 -15.84
N SER A 252 17.78 -13.90 -15.56
CA SER A 252 17.96 -13.25 -14.27
C SER A 252 16.68 -12.56 -13.85
N VAL A 253 16.61 -12.16 -12.59
CA VAL A 253 15.46 -11.47 -12.02
C VAL A 253 15.96 -10.39 -11.06
N ILE A 254 15.30 -9.25 -11.09
CA ILE A 254 15.56 -8.17 -10.15
C ILE A 254 14.22 -7.69 -9.65
N VAL A 255 14.00 -7.76 -8.34
CA VAL A 255 12.72 -7.40 -7.76
C VAL A 255 12.84 -5.98 -7.23
N THR A 256 12.10 -5.08 -7.83
CA THR A 256 12.27 -3.67 -7.51
C THR A 256 11.22 -3.28 -6.47
N LYS A 257 11.37 -2.08 -5.92
CA LYS A 257 10.45 -1.46 -4.99
C LYS A 257 10.28 -2.26 -3.71
N LEU A 258 11.27 -3.08 -3.40
CA LEU A 258 11.37 -3.72 -2.10
C LEU A 258 11.85 -2.78 -1.03
N ASP A 259 11.73 -1.47 -1.18
CA ASP A 259 12.21 -0.63 -0.09
C ASP A 259 11.28 -0.76 1.10
N GLY A 260 11.90 -0.76 2.29
CA GLY A 260 11.20 -0.73 3.56
C GLY A 260 10.35 -1.93 3.85
N HIS A 261 9.06 -1.82 3.52
CA HIS A 261 8.03 -2.72 3.99
C HIS A 261 7.57 -3.73 2.96
N ALA A 262 7.99 -3.60 1.70
CA ALA A 262 7.50 -4.51 0.67
C ALA A 262 7.89 -5.95 0.99
N LYS A 263 6.97 -6.87 0.69
CA LYS A 263 7.17 -8.30 0.91
C LYS A 263 7.76 -8.94 -0.33
N GLY A 264 7.10 -8.77 -1.47
CA GLY A 264 7.61 -9.30 -2.72
C GLY A 264 7.42 -10.78 -2.97
N GLY A 265 6.31 -11.37 -2.50
CA GLY A 265 6.06 -12.78 -2.69
C GLY A 265 5.87 -13.23 -4.12
N GLY A 266 5.51 -12.32 -5.04
CA GLY A 266 5.50 -12.67 -6.44
C GLY A 266 6.83 -13.17 -6.95
N ALA A 267 7.92 -12.89 -6.24
CA ALA A 267 9.26 -13.31 -6.67
C ALA A 267 9.36 -14.82 -6.80
N LEU A 268 8.59 -15.56 -6.02
CA LEU A 268 8.58 -17.01 -6.12
C LEU A 268 8.02 -17.46 -7.47
N SER A 269 6.83 -16.95 -7.83
CA SER A 269 6.31 -17.20 -9.16
C SER A 269 7.34 -16.79 -10.22
N ALA A 270 8.00 -15.64 -10.01
CA ALA A 270 8.95 -15.13 -10.99
C ALA A 270 10.11 -16.09 -11.18
N VAL A 271 10.67 -16.60 -10.09
CA VAL A 271 11.80 -17.52 -10.20
C VAL A 271 11.37 -18.83 -10.85
N ALA A 272 10.23 -19.37 -10.41
CA ALA A 272 9.75 -20.62 -10.97
C ALA A 272 9.37 -20.47 -12.44
N ALA A 273 8.76 -19.33 -12.79
CA ALA A 273 8.31 -19.12 -14.16
C ALA A 273 9.48 -18.85 -15.11
N THR A 274 10.46 -18.07 -14.68
CA THR A 274 11.55 -17.68 -15.56
C THR A 274 12.77 -18.59 -15.41
N LYS A 275 12.73 -19.56 -14.51
CA LYS A 275 13.85 -20.48 -14.29
C LYS A 275 15.14 -19.71 -14.06
N SER A 276 15.03 -18.59 -13.35
CA SER A 276 16.17 -17.70 -13.16
C SER A 276 16.29 -17.29 -11.71
N PRO A 277 17.50 -17.00 -11.23
CA PRO A 277 17.65 -16.47 -9.87
C PRO A 277 17.39 -14.98 -9.78
N ILE A 278 16.96 -14.55 -8.59
CA ILE A 278 16.92 -13.13 -8.25
C ILE A 278 18.32 -12.69 -7.93
N ILE A 279 18.82 -11.68 -8.63
CA ILE A 279 20.22 -11.28 -8.49
C ILE A 279 20.38 -10.04 -7.62
N PHE A 280 19.49 -9.05 -7.75
CA PHE A 280 19.60 -7.85 -6.95
C PHE A 280 18.22 -7.46 -6.47
N ILE A 281 18.18 -6.48 -5.58
CA ILE A 281 16.92 -5.85 -5.18
C ILE A 281 17.08 -4.34 -5.21
N GLY A 282 16.00 -3.65 -5.57
CA GLY A 282 15.95 -2.21 -5.57
C GLY A 282 15.19 -1.70 -4.34
N THR A 283 15.80 -0.76 -3.64
CA THR A 283 15.35 -0.38 -2.32
C THR A 283 15.04 1.12 -2.23
N GLY A 284 14.74 1.74 -3.36
CA GLY A 284 14.49 3.17 -3.38
C GLY A 284 14.68 3.74 -4.77
N GLU A 285 14.35 5.03 -4.90
CA GLU A 285 14.41 5.71 -6.19
C GLU A 285 15.81 6.19 -6.58
N HIS A 286 16.76 6.25 -5.65
CA HIS A 286 18.07 6.81 -5.95
C HIS A 286 19.03 5.75 -6.48
N ILE A 287 20.10 6.21 -7.13
CA ILE A 287 20.97 5.32 -7.88
C ILE A 287 21.62 4.26 -6.98
N ASP A 288 21.86 4.59 -5.71
CA ASP A 288 22.57 3.69 -4.81
C ASP A 288 21.65 2.82 -3.96
N ASP A 289 20.34 2.91 -4.21
CA ASP A 289 19.35 2.05 -3.55
C ASP A 289 19.24 0.74 -4.31
N PHE A 290 20.25 -0.10 -4.09
CA PHE A 290 20.53 -1.26 -4.92
C PHE A 290 21.49 -2.15 -4.15
N GLU A 291 21.16 -3.43 -3.99
CA GLU A 291 22.05 -4.36 -3.30
C GLU A 291 21.84 -5.76 -3.86
N PRO A 292 22.86 -6.62 -3.75
CA PRO A 292 22.68 -8.00 -4.20
C PRO A 292 21.67 -8.75 -3.34
N PHE A 293 20.94 -9.63 -4.00
CA PHE A 293 19.87 -10.35 -3.35
C PHE A 293 20.44 -11.36 -2.36
N LYS A 294 19.86 -11.41 -1.17
CA LYS A 294 20.19 -12.42 -0.18
C LYS A 294 18.91 -13.03 0.33
N THR A 295 18.93 -14.35 0.51
CA THR A 295 17.68 -15.12 0.59
C THR A 295 17.04 -15.05 1.97
N GLN A 296 17.76 -15.47 2.99
CA GLN A 296 17.22 -15.56 4.35
C GLN A 296 16.53 -14.28 4.81
N PRO A 297 17.14 -13.10 4.72
CA PRO A 297 16.45 -11.91 5.20
C PRO A 297 15.21 -11.61 4.40
N PHE A 298 15.26 -11.87 3.09
CA PHE A 298 14.08 -11.74 2.25
C PHE A 298 12.96 -12.66 2.74
N ILE A 299 13.30 -13.89 3.12
CA ILE A 299 12.29 -14.85 3.56
C ILE A 299 11.80 -14.53 4.97
N SER A 300 12.70 -14.08 5.86
CA SER A 300 12.28 -13.64 7.18
C SER A 300 11.24 -12.54 7.09
N LYS A 301 11.53 -11.48 6.31
CA LYS A 301 10.54 -10.45 6.06
C LYS A 301 9.27 -11.03 5.47
N LEU A 302 9.42 -11.91 4.47
CA LEU A 302 8.26 -12.56 3.87
C LEU A 302 7.45 -13.32 4.93
N LEU A 303 8.13 -14.02 5.83
CA LEU A 303 7.47 -14.99 6.68
C LEU A 303 6.70 -14.31 7.82
N GLY A 304 7.33 -13.38 8.52
CA GLY A 304 6.66 -12.62 9.56
C GLY A 304 6.50 -11.16 9.16
N MET B 1 -26.97 -20.90 11.77
CA MET B 1 -27.63 -22.16 12.10
C MET B 1 -28.54 -22.61 10.96
N GLY B 2 -28.83 -23.92 10.87
CA GLY B 2 -28.34 -24.96 11.77
C GLY B 2 -26.85 -25.24 11.69
N SER B 3 -26.37 -26.21 12.47
CA SER B 3 -24.93 -26.43 12.53
C SER B 3 -24.41 -27.01 11.22
N LEU B 4 -25.12 -28.00 10.65
CA LEU B 4 -24.63 -28.49 9.37
C LEU B 4 -25.10 -27.65 8.21
N SER B 5 -26.10 -26.77 8.41
CA SER B 5 -26.31 -25.67 7.48
C SER B 5 -25.07 -24.80 7.41
N ARG B 6 -24.68 -24.22 8.56
CA ARG B 6 -23.47 -23.42 8.64
C ARG B 6 -22.28 -24.20 8.11
N GLU B 7 -22.21 -25.49 8.45
CA GLU B 7 -21.09 -26.32 8.02
C GLU B 7 -21.00 -26.42 6.50
N ASP B 8 -22.16 -26.55 5.82
CA ASP B 8 -22.13 -26.63 4.36
C ASP B 8 -21.84 -25.28 3.75
N MET B 9 -22.41 -24.21 4.32
CA MET B 9 -22.17 -22.87 3.80
C MET B 9 -20.70 -22.50 3.89
N GLU B 10 -20.12 -22.62 5.07
CA GLU B 10 -18.70 -22.29 5.23
C GLU B 10 -17.81 -23.13 4.34
N SER B 11 -18.18 -24.38 4.07
CA SER B 11 -17.28 -25.16 3.24
C SER B 11 -17.27 -24.63 1.81
N VAL B 12 -18.43 -24.16 1.33
CA VAL B 12 -18.49 -23.62 -0.02
C VAL B 12 -18.10 -22.13 -0.02
N LEU B 13 -18.38 -21.42 1.06
CA LEU B 13 -17.81 -20.10 1.28
C LEU B 13 -16.28 -20.14 1.23
N ASP B 14 -15.66 -21.21 1.74
CA ASP B 14 -14.21 -21.27 1.71
C ASP B 14 -13.71 -21.44 0.28
N LYS B 15 -14.34 -22.33 -0.48
CA LYS B 15 -13.97 -22.47 -1.88
C LYS B 15 -14.12 -21.16 -2.64
N MET B 16 -15.07 -20.30 -2.23
CA MET B 16 -15.24 -19.02 -2.91
C MET B 16 -14.16 -18.02 -2.51
N ARG B 17 -13.85 -17.97 -1.22
CA ARG B 17 -12.72 -17.16 -0.74
C ARG B 17 -11.42 -17.52 -1.47
N ASP B 18 -11.09 -18.81 -1.55
CA ASP B 18 -9.88 -19.20 -2.28
C ASP B 18 -9.99 -18.90 -3.77
N HIS B 19 -11.20 -18.64 -4.24
CA HIS B 19 -11.40 -18.32 -5.65
C HIS B 19 -11.15 -16.84 -5.90
N LEU B 20 -11.69 -16.00 -5.02
CA LEU B 20 -11.46 -14.56 -5.12
C LEU B 20 -9.99 -14.22 -4.89
N ILE B 21 -9.32 -14.93 -3.98
CA ILE B 21 -7.90 -14.70 -3.76
C ILE B 21 -7.11 -15.02 -5.02
N ALA B 22 -7.41 -16.14 -5.66
CA ALA B 22 -6.65 -16.54 -6.84
C ALA B 22 -6.81 -15.52 -7.95
N LYS B 23 -7.95 -14.84 -7.98
CA LYS B 23 -8.25 -13.81 -8.96
C LYS B 23 -7.81 -12.44 -8.50
N ASN B 24 -6.95 -12.38 -7.49
CA ASN B 24 -6.29 -11.18 -7.05
C ASN B 24 -7.18 -10.25 -6.24
N VAL B 25 -8.17 -10.79 -5.56
CA VAL B 25 -8.76 -10.06 -4.45
C VAL B 25 -7.79 -10.15 -3.28
N ALA B 26 -7.67 -9.07 -2.54
CA ALA B 26 -6.81 -9.08 -1.37
C ALA B 26 -7.40 -10.04 -0.35
N ALA B 27 -6.55 -10.96 0.14
CA ALA B 27 -7.01 -12.07 0.96
C ALA B 27 -7.96 -11.62 2.07
N ASP B 28 -7.56 -10.61 2.85
CA ASP B 28 -8.41 -10.24 3.98
C ASP B 28 -9.68 -9.55 3.53
N ILE B 29 -9.68 -8.95 2.34
CA ILE B 29 -10.94 -8.47 1.77
C ILE B 29 -11.79 -9.67 1.37
N ALA B 30 -11.17 -10.65 0.70
CA ALA B 30 -11.87 -11.89 0.34
C ALA B 30 -12.48 -12.52 1.57
N VAL B 31 -11.79 -12.43 2.70
CA VAL B 31 -12.27 -13.03 3.94
C VAL B 31 -13.48 -12.26 4.45
N GLN B 32 -13.32 -10.95 4.64
CA GLN B 32 -14.42 -10.14 5.13
C GLN B 32 -15.65 -10.27 4.26
N LEU B 33 -15.44 -10.49 2.96
CA LEU B 33 -16.53 -10.59 2.00
C LEU B 33 -17.44 -11.77 2.33
N CYS B 34 -16.82 -12.93 2.55
CA CYS B 34 -17.54 -14.16 2.83
C CYS B 34 -18.20 -14.11 4.20
N GLU B 35 -17.50 -13.63 5.23
CA GLU B 35 -18.15 -13.45 6.53
C GLU B 35 -19.38 -12.57 6.43
N SER B 36 -19.41 -11.60 5.51
CA SER B 36 -20.63 -10.82 5.33
C SER B 36 -21.72 -11.64 4.64
N VAL B 37 -21.32 -12.50 3.70
CA VAL B 37 -22.29 -13.39 3.05
C VAL B 37 -22.92 -14.30 4.10
N ALA B 38 -22.08 -14.89 4.96
CA ALA B 38 -22.55 -15.73 6.05
C ALA B 38 -23.66 -15.05 6.85
N ASN B 39 -23.42 -13.83 7.32
CA ASN B 39 -24.43 -13.17 8.14
C ASN B 39 -25.72 -12.96 7.37
N LYS B 40 -25.62 -12.67 6.07
CA LYS B 40 -26.81 -12.41 5.29
C LYS B 40 -27.55 -13.69 4.94
N LEU B 41 -26.83 -14.78 4.70
CA LEU B 41 -27.49 -16.03 4.34
C LEU B 41 -27.96 -16.82 5.53
N GLU B 42 -27.27 -16.70 6.66
CA GLU B 42 -27.56 -17.59 7.77
C GLU B 42 -28.93 -17.30 8.36
N GLY B 43 -29.53 -18.35 8.94
CA GLY B 43 -30.90 -18.30 9.38
C GLY B 43 -31.90 -18.63 8.31
N LYS B 44 -31.47 -18.73 7.06
CA LYS B 44 -32.36 -19.04 5.95
C LYS B 44 -31.65 -19.91 4.91
N THR B 48 -30.87 -30.15 -1.45
CA THR B 48 -30.73 -28.70 -1.59
C THR B 48 -29.29 -28.25 -1.38
N PHE B 49 -28.33 -29.15 -1.60
CA PHE B 49 -26.92 -28.74 -1.63
C PHE B 49 -26.66 -27.78 -2.78
N SER B 50 -27.21 -28.10 -3.97
CA SER B 50 -27.07 -27.19 -5.11
C SER B 50 -27.64 -25.82 -4.81
N THR B 51 -28.80 -25.75 -4.15
CA THR B 51 -29.32 -24.45 -3.76
C THR B 51 -28.36 -23.74 -2.82
N VAL B 52 -27.74 -24.48 -1.89
CA VAL B 52 -26.74 -23.87 -1.01
C VAL B 52 -25.59 -23.31 -1.84
N THR B 53 -25.00 -24.13 -2.72
CA THR B 53 -23.99 -23.62 -3.65
C THR B 53 -24.52 -22.42 -4.41
N SER B 54 -25.69 -22.55 -5.03
CA SER B 54 -26.21 -21.48 -5.86
C SER B 54 -26.65 -20.29 -5.03
N THR B 55 -26.98 -20.49 -3.76
CA THR B 55 -27.40 -19.38 -2.93
C THR B 55 -26.22 -18.54 -2.50
N VAL B 56 -25.08 -19.17 -2.21
CA VAL B 56 -23.90 -18.37 -1.86
C VAL B 56 -23.30 -17.74 -3.12
N LYS B 57 -23.17 -18.52 -4.21
CA LYS B 57 -22.67 -17.96 -5.46
C LYS B 57 -23.51 -16.75 -5.88
N GLN B 58 -24.83 -16.90 -5.83
CA GLN B 58 -25.71 -15.78 -6.18
C GLN B 58 -25.56 -14.62 -5.22
N ALA B 59 -25.42 -14.91 -3.92
CA ALA B 59 -25.41 -13.84 -2.92
C ALA B 59 -24.09 -13.08 -2.92
N LEU B 60 -23.00 -13.81 -3.11
CA LEU B 60 -21.70 -13.19 -3.32
C LEU B 60 -21.75 -12.21 -4.48
N GLN B 61 -22.19 -12.70 -5.64
CA GLN B 61 -22.34 -11.86 -6.82
C GLN B 61 -23.11 -10.59 -6.54
N GLU B 62 -24.17 -10.67 -5.73
CA GLU B 62 -24.95 -9.47 -5.46
C GLU B 62 -24.13 -8.45 -4.68
N SER B 63 -23.29 -8.90 -3.75
CA SER B 63 -22.55 -7.95 -2.93
C SER B 63 -21.41 -7.34 -3.72
N LEU B 64 -20.73 -8.15 -4.53
CA LEU B 64 -19.67 -7.66 -5.40
C LEU B 64 -20.12 -6.48 -6.24
N VAL B 65 -21.31 -6.59 -6.84
CA VAL B 65 -21.84 -5.48 -7.62
C VAL B 65 -22.05 -4.25 -6.75
N GLN B 66 -22.59 -4.45 -5.55
CA GLN B 66 -22.80 -3.29 -4.68
C GLN B 66 -21.47 -2.64 -4.28
N ILE B 67 -20.42 -3.44 -4.12
CA ILE B 67 -19.14 -2.88 -3.70
C ILE B 67 -18.51 -2.06 -4.82
N LEU B 68 -18.72 -2.47 -6.07
CA LEU B 68 -18.02 -1.82 -7.17
C LEU B 68 -18.55 -0.41 -7.43
N GLN B 69 -19.84 -0.21 -7.22
CA GLN B 69 -20.42 1.10 -7.53
C GLN B 69 -21.03 1.77 -6.31
N PRO B 70 -20.25 2.29 -5.36
CA PRO B 70 -20.78 2.99 -4.21
C PRO B 70 -21.16 4.42 -4.55
N GLN B 71 -22.03 4.99 -3.71
CA GLN B 71 -22.48 6.40 -3.84
C GLN B 71 -23.02 6.68 -5.23
N ARG B 72 -22.65 7.83 -5.78
CA ARG B 72 -23.16 8.21 -7.11
C ARG B 72 -21.98 8.37 -8.05
N ARG B 73 -22.18 7.93 -9.30
CA ARG B 73 -21.14 8.05 -10.35
C ARG B 73 -20.70 9.52 -10.42
N VAL B 74 -19.41 9.67 -10.53
CA VAL B 74 -18.74 10.98 -10.58
C VAL B 74 -18.85 11.53 -12.00
N ASP B 75 -19.17 12.82 -12.10
CA ASP B 75 -19.58 13.46 -13.35
C ASP B 75 -18.69 14.67 -13.53
N MET B 76 -17.52 14.42 -14.12
CA MET B 76 -16.47 15.42 -14.19
C MET B 76 -16.89 16.59 -15.08
N LEU B 77 -17.26 16.30 -16.33
CA LEU B 77 -17.65 17.39 -17.24
C LEU B 77 -18.78 18.23 -16.68
N ARG B 78 -19.65 17.64 -15.87
CA ARG B 78 -20.74 18.42 -15.32
C ARG B 78 -20.23 19.32 -14.21
N ASP B 79 -19.32 18.80 -13.41
CA ASP B 79 -18.80 19.54 -12.26
C ASP B 79 -17.86 20.65 -12.72
N ILE B 80 -17.08 20.40 -13.77
CA ILE B 80 -16.32 21.47 -14.42
C ILE B 80 -17.23 22.64 -14.78
N MET B 81 -18.45 22.37 -15.24
CA MET B 81 -19.33 23.48 -15.58
C MET B 81 -19.59 24.35 -14.36
N ASP B 82 -19.82 23.72 -13.20
CA ASP B 82 -20.00 24.48 -11.96
C ASP B 82 -18.78 25.34 -11.66
N ALA B 83 -17.58 24.80 -11.87
CA ALA B 83 -16.35 25.56 -11.69
C ALA B 83 -16.33 26.77 -12.62
N GLN B 84 -16.69 26.58 -13.88
CA GLN B 84 -16.77 27.69 -14.83
C GLN B 84 -17.76 28.74 -14.37
N ARG B 85 -18.91 28.31 -13.84
CA ARG B 85 -19.89 29.29 -13.41
C ARG B 85 -19.35 30.16 -12.30
N ARG B 86 -18.49 29.59 -11.46
CA ARG B 86 -17.82 30.35 -10.41
C ARG B 86 -16.56 31.03 -10.91
N GLN B 87 -16.15 30.77 -12.15
CA GLN B 87 -14.97 31.39 -12.76
C GLN B 87 -13.69 31.03 -12.02
N ARG B 88 -13.56 29.74 -11.67
CA ARG B 88 -12.38 29.17 -11.05
C ARG B 88 -12.05 27.87 -11.77
N PRO B 89 -10.76 27.53 -11.91
CA PRO B 89 -10.43 26.24 -12.53
C PRO B 89 -10.96 25.09 -11.69
N TYR B 90 -11.30 24.02 -12.39
CA TYR B 90 -11.58 22.75 -11.74
C TYR B 90 -10.25 22.02 -11.64
N VAL B 91 -9.79 21.80 -10.42
CA VAL B 91 -8.45 21.31 -10.14
C VAL B 91 -8.52 19.84 -9.77
N VAL B 92 -7.65 19.04 -10.36
CA VAL B 92 -7.62 17.60 -10.14
C VAL B 92 -6.19 17.18 -9.83
N THR B 93 -6.02 16.45 -8.73
CA THR B 93 -4.71 15.94 -8.33
C THR B 93 -4.63 14.44 -8.55
N PHE B 94 -3.54 13.98 -9.15
CA PHE B 94 -3.27 12.57 -9.28
C PHE B 94 -2.18 12.18 -8.30
N CYS B 95 -2.39 11.09 -7.60
CA CYS B 95 -1.39 10.55 -6.69
C CYS B 95 -1.49 9.04 -6.76
N GLY B 96 -0.47 8.41 -6.19
CA GLY B 96 -0.25 6.99 -6.32
C GLY B 96 1.22 6.68 -6.14
N VAL B 97 1.52 5.38 -6.09
CA VAL B 97 2.86 4.89 -5.81
C VAL B 97 3.63 4.86 -7.12
N ASN B 98 4.87 4.39 -7.07
CA ASN B 98 5.80 4.48 -8.18
C ASN B 98 5.43 3.55 -9.33
N GLY B 99 5.08 4.10 -10.47
CA GLY B 99 5.06 3.30 -11.68
C GLY B 99 3.69 2.90 -12.17
N VAL B 100 2.62 3.38 -11.54
CA VAL B 100 1.32 2.76 -11.70
C VAL B 100 0.59 3.28 -12.92
N GLY B 101 0.99 4.44 -13.44
CA GLY B 101 0.42 4.99 -14.65
C GLY B 101 -0.18 6.35 -14.43
N LYS B 102 0.37 7.13 -13.51
CA LYS B 102 -0.16 8.47 -13.23
C LYS B 102 0.03 9.41 -14.42
N SER B 103 1.25 9.50 -14.93
CA SER B 103 1.53 10.51 -15.96
C SER B 103 0.88 10.12 -17.28
N THR B 104 0.92 8.83 -17.62
CA THR B 104 0.27 8.37 -18.83
C THR B 104 -1.24 8.59 -18.77
N ASN B 105 -1.86 8.24 -17.65
CA ASN B 105 -3.31 8.29 -17.62
C ASN B 105 -3.84 9.71 -17.43
N LEU B 106 -3.03 10.60 -16.86
CA LEU B 106 -3.39 12.01 -16.84
C LEU B 106 -3.53 12.54 -18.26
N ALA B 107 -2.65 12.08 -19.16
CA ALA B 107 -2.71 12.54 -20.53
C ALA B 107 -3.96 12.04 -21.23
N LYS B 108 -4.27 10.74 -21.08
CA LYS B 108 -5.49 10.15 -21.62
C LYS B 108 -6.70 10.99 -21.23
N ILE B 109 -6.76 11.37 -19.97
CA ILE B 109 -7.89 12.10 -19.43
C ILE B 109 -7.99 13.47 -20.06
N SER B 110 -6.85 14.12 -20.32
CA SER B 110 -6.90 15.47 -20.89
C SER B 110 -7.30 15.42 -22.34
N PHE B 111 -6.74 14.47 -23.11
CA PHE B 111 -7.32 14.13 -24.41
C PHE B 111 -8.85 14.12 -24.33
N TRP B 112 -9.39 13.30 -23.43
CA TRP B 112 -10.84 13.19 -23.30
C TRP B 112 -11.49 14.55 -22.98
N LEU B 113 -10.95 15.28 -22.01
CA LEU B 113 -11.49 16.61 -21.69
C LEU B 113 -11.38 17.54 -22.89
N LEU B 114 -10.22 17.54 -23.54
CA LEU B 114 -9.98 18.43 -24.67
C LEU B 114 -10.97 18.15 -25.79
N GLU B 115 -11.15 16.87 -26.14
CA GLU B 115 -12.11 16.56 -27.19
C GLU B 115 -13.52 17.05 -26.84
N ASN B 116 -13.84 17.17 -25.57
CA ASN B 116 -15.14 17.65 -25.12
C ASN B 116 -15.19 19.15 -24.95
N GLY B 117 -14.17 19.87 -25.39
CA GLY B 117 -14.24 21.31 -25.46
C GLY B 117 -13.73 22.08 -24.25
N PHE B 118 -12.92 21.46 -23.40
CA PHE B 118 -12.46 22.09 -22.16
C PHE B 118 -10.97 22.39 -22.25
N SER B 119 -10.56 23.58 -21.83
CA SER B 119 -9.13 23.87 -21.75
C SER B 119 -8.54 23.26 -20.49
N VAL B 120 -7.33 22.73 -20.60
CA VAL B 120 -6.67 22.11 -19.48
C VAL B 120 -5.23 22.57 -19.42
N LEU B 121 -4.78 22.90 -18.20
CA LEU B 121 -3.40 23.22 -17.86
C LEU B 121 -2.81 22.04 -17.09
N ILE B 122 -1.82 21.39 -17.68
CA ILE B 122 -1.14 20.28 -17.04
C ILE B 122 -0.04 20.86 -16.16
N ALA B 123 -0.16 20.65 -14.86
CA ALA B 123 0.84 21.07 -13.88
C ALA B 123 1.88 19.97 -13.74
N ALA B 124 3.14 20.29 -14.03
CA ALA B 124 4.21 19.29 -14.00
C ALA B 124 4.86 19.25 -12.62
N CYS B 125 4.11 18.66 -11.67
CA CYS B 125 4.50 18.71 -10.27
C CYS B 125 5.14 17.42 -9.79
N ASP B 126 5.62 16.59 -10.71
CA ASP B 126 6.70 15.64 -10.38
C ASP B 126 7.99 16.37 -10.76
N THR B 127 8.56 17.06 -9.78
CA THR B 127 9.83 17.72 -10.01
C THR B 127 11.00 16.88 -9.62
N PHE B 128 10.79 15.59 -9.35
CA PHE B 128 11.86 14.73 -8.89
C PHE B 128 12.33 13.76 -9.95
N ARG B 129 11.45 12.88 -10.43
CA ARG B 129 11.92 11.74 -11.20
C ARG B 129 12.42 12.17 -12.57
N ALA B 130 13.58 11.65 -12.95
CA ALA B 130 14.15 11.96 -14.26
C ALA B 130 13.12 11.73 -15.35
N GLY B 131 13.19 12.57 -16.37
CA GLY B 131 12.26 12.49 -17.47
C GLY B 131 10.88 13.05 -17.18
N ALA B 132 10.51 13.20 -15.90
CA ALA B 132 9.12 13.42 -15.54
C ALA B 132 8.48 14.54 -16.34
N VAL B 133 9.27 15.50 -16.80
CA VAL B 133 8.71 16.70 -17.37
C VAL B 133 8.80 16.70 -18.90
N GLU B 134 9.91 16.23 -19.45
CA GLU B 134 9.92 15.96 -20.87
C GLU B 134 8.75 15.06 -21.23
N GLN B 135 8.49 14.05 -20.39
CA GLN B 135 7.43 13.08 -20.66
C GLN B 135 6.08 13.76 -20.71
N LEU B 136 5.79 14.59 -19.72
CA LEU B 136 4.60 15.44 -19.79
C LEU B 136 4.65 16.33 -21.01
N ARG B 137 5.83 16.86 -21.34
CA ARG B 137 5.95 17.79 -22.46
C ARG B 137 5.56 17.12 -23.77
N THR B 138 6.05 15.89 -24.01
CA THR B 138 5.63 15.15 -25.19
C THR B 138 4.11 15.07 -25.28
N HIS B 139 3.43 14.83 -24.16
CA HIS B 139 1.98 14.71 -24.27
C HIS B 139 1.34 16.06 -24.60
N THR B 140 1.80 17.14 -23.97
CA THR B 140 1.22 18.46 -24.24
C THR B 140 1.38 18.84 -25.70
N ARG B 141 2.52 18.52 -26.29
CA ARG B 141 2.71 18.81 -27.70
C ARG B 141 1.77 18.00 -28.58
N ARG B 142 1.52 16.74 -28.22
CA ARG B 142 0.58 15.93 -28.98
C ARG B 142 -0.86 16.38 -28.75
N LEU B 143 -1.18 16.85 -27.52
CA LEU B 143 -2.57 17.21 -27.24
C LEU B 143 -2.95 18.53 -27.88
N SER B 144 -1.98 19.41 -28.06
CA SER B 144 -2.22 20.68 -28.75
C SER B 144 -2.75 20.46 -30.18
N ALA B 145 -2.48 19.30 -30.78
CA ALA B 145 -3.00 18.95 -32.09
C ALA B 145 -4.52 18.78 -32.12
N LEU B 146 -5.15 18.52 -30.98
CA LEU B 146 -6.61 18.35 -30.96
C LEU B 146 -7.32 19.65 -31.31
N HIS B 147 -6.73 20.79 -30.97
CA HIS B 147 -7.31 22.10 -31.27
C HIS B 147 -8.79 22.23 -30.87
N PRO B 148 -9.16 21.85 -29.64
CA PRO B 148 -10.60 21.75 -29.43
C PRO B 148 -11.19 22.87 -28.59
N GLY B 153 -3.73 27.73 -33.67
CA GLY B 153 -4.83 28.65 -33.90
C GLY B 153 -5.10 29.54 -32.70
N GLY B 154 -6.11 30.43 -32.85
CA GLY B 154 -6.40 31.40 -31.80
C GLY B 154 -6.96 30.77 -30.54
N ARG B 155 -6.64 31.39 -29.41
CA ARG B 155 -6.85 30.87 -28.05
C ARG B 155 -5.91 29.69 -27.79
N THR B 156 -5.99 29.12 -26.58
CA THR B 156 -5.10 28.04 -26.16
C THR B 156 -5.89 27.05 -25.31
N MET B 157 -5.85 25.79 -25.71
CA MET B 157 -6.61 24.72 -25.07
C MET B 157 -5.76 23.86 -24.14
N VAL B 158 -4.51 23.58 -24.49
CA VAL B 158 -3.58 22.89 -23.60
C VAL B 158 -2.32 23.71 -23.42
N GLN B 159 -1.87 23.79 -22.17
CA GLN B 159 -0.56 24.33 -21.86
C GLN B 159 0.05 23.52 -20.71
N LEU B 160 1.35 23.33 -20.76
CA LEU B 160 2.10 22.72 -19.67
C LEU B 160 2.62 23.81 -18.74
N PHE B 161 2.26 23.71 -17.45
CA PHE B 161 2.81 24.62 -16.45
C PHE B 161 3.91 23.90 -15.71
N GLU B 162 5.12 24.42 -15.81
CA GLU B 162 6.29 23.66 -15.41
C GLU B 162 7.37 24.62 -14.94
N LYS B 163 8.19 24.15 -14.02
CA LYS B 163 9.34 24.89 -13.51
C LYS B 163 10.52 23.97 -13.35
N GLY B 164 10.73 23.05 -14.29
CA GLY B 164 11.81 22.11 -14.19
C GLY B 164 11.79 21.21 -12.95
N TYR B 165 12.97 20.70 -12.63
CA TYR B 165 13.16 19.80 -11.50
C TYR B 165 13.63 20.54 -10.26
N GLY B 166 13.59 19.84 -9.13
CA GLY B 166 14.16 20.33 -7.89
C GLY B 166 13.27 21.17 -7.01
N LYS B 167 12.17 21.70 -7.51
CA LYS B 167 11.42 22.66 -6.73
C LYS B 167 10.21 22.03 -6.03
N ASP B 168 9.75 22.74 -5.01
CA ASP B 168 8.72 22.25 -4.09
C ASP B 168 7.38 22.14 -4.81
N ALA B 169 6.91 20.89 -5.00
CA ALA B 169 5.75 20.64 -5.84
C ALA B 169 4.46 21.25 -5.28
N ALA B 170 4.38 21.48 -3.97
CA ALA B 170 3.18 22.12 -3.44
C ALA B 170 3.11 23.58 -3.87
N GLY B 171 4.26 24.21 -4.08
CA GLY B 171 4.31 25.59 -4.52
C GLY B 171 4.06 25.76 -6.01
N ILE B 172 4.70 24.91 -6.83
CA ILE B 172 4.41 24.92 -8.26
C ILE B 172 2.92 24.76 -8.51
N ALA B 173 2.31 23.79 -7.81
CA ALA B 173 0.89 23.52 -7.97
C ALA B 173 0.04 24.72 -7.57
N MET B 174 0.49 25.51 -6.59
CA MET B 174 -0.24 26.72 -6.25
C MET B 174 -0.11 27.76 -7.35
N GLU B 175 1.09 27.90 -7.91
CA GLU B 175 1.29 28.82 -9.02
C GLU B 175 0.49 28.40 -10.23
N ALA B 176 0.59 27.12 -10.59
CA ALA B 176 -0.12 26.60 -11.77
C ALA B 176 -1.61 26.91 -11.67
N ILE B 177 -2.20 26.72 -10.49
CA ILE B 177 -3.61 27.00 -10.35
C ILE B 177 -3.87 28.47 -10.50
N ALA B 178 -3.04 29.30 -9.87
CA ALA B 178 -3.23 30.74 -9.98
C ALA B 178 -3.07 31.20 -11.42
N PHE B 179 -2.05 30.66 -12.11
CA PHE B 179 -1.88 30.91 -13.53
C PHE B 179 -3.10 30.49 -14.32
N ALA B 180 -3.63 29.30 -14.02
CA ALA B 180 -4.82 28.77 -14.67
C ALA B 180 -6.00 29.71 -14.50
N ARG B 181 -6.27 30.14 -13.26
CA ARG B 181 -7.37 31.08 -13.06
C ARG B 181 -7.11 32.36 -13.82
N ASN B 182 -5.85 32.79 -13.87
CA ASN B 182 -5.50 34.06 -14.49
C ASN B 182 -5.72 34.01 -16.00
N GLN B 183 -5.38 32.91 -16.63
CA GLN B 183 -5.54 32.76 -18.06
C GLN B 183 -6.89 32.16 -18.44
N GLY B 184 -7.72 31.79 -17.46
CA GLY B 184 -9.02 31.23 -17.77
C GLY B 184 -9.02 29.81 -18.30
N PHE B 185 -8.02 29.00 -17.94
CA PHE B 185 -8.08 27.57 -18.24
C PHE B 185 -9.20 26.90 -17.45
N ASP B 186 -9.87 25.93 -18.10
CA ASP B 186 -11.00 25.26 -17.47
C ASP B 186 -10.54 24.29 -16.39
N VAL B 187 -9.44 23.57 -16.64
CA VAL B 187 -9.04 22.43 -15.82
C VAL B 187 -7.54 22.51 -15.58
N VAL B 188 -7.13 22.15 -14.36
CA VAL B 188 -5.72 21.93 -14.02
C VAL B 188 -5.57 20.45 -13.67
N LEU B 189 -4.67 19.75 -14.36
CA LEU B 189 -4.35 18.37 -14.04
C LEU B 189 -3.00 18.37 -13.37
N VAL B 190 -2.97 18.09 -12.07
CA VAL B 190 -1.73 18.10 -11.29
C VAL B 190 -1.16 16.69 -11.28
N ASP B 191 -0.06 16.47 -11.98
CA ASP B 191 0.74 15.27 -11.83
C ASP B 191 1.61 15.38 -10.59
N THR B 192 1.68 14.31 -9.80
CA THR B 192 2.61 14.25 -8.68
C THR B 192 3.54 13.06 -8.89
N ALA B 193 4.59 13.01 -8.08
CA ALA B 193 5.65 12.01 -8.25
C ALA B 193 5.28 10.72 -7.55
N GLY B 194 5.81 9.62 -8.08
CA GLY B 194 5.56 8.32 -7.47
C GLY B 194 6.17 8.23 -6.08
N ARG B 195 5.42 7.70 -5.13
CA ARG B 195 5.92 7.58 -3.77
C ARG B 195 5.36 6.32 -3.12
N MET B 196 6.22 5.57 -2.43
CA MET B 196 5.78 4.46 -1.61
C MET B 196 4.89 4.97 -0.46
N GLN B 197 3.92 4.14 -0.03
CA GLN B 197 2.95 4.62 0.94
C GLN B 197 3.48 4.67 2.38
N ASP B 198 4.60 4.00 2.68
CA ASP B 198 5.19 4.03 4.01
C ASP B 198 6.35 5.03 4.13
N ASN B 199 6.53 5.90 3.15
CA ASN B 199 7.58 6.92 3.15
C ASN B 199 6.96 8.22 3.65
N ALA B 200 7.07 8.46 4.96
CA ALA B 200 6.44 9.61 5.58
C ALA B 200 6.82 10.96 4.99
N PRO B 201 8.09 11.23 4.66
CA PRO B 201 8.41 12.51 4.01
C PRO B 201 7.58 12.76 2.75
N LEU B 202 7.71 11.87 1.77
CA LEU B 202 6.91 11.95 0.55
C LEU B 202 5.42 11.96 0.84
N MET B 203 4.95 11.12 1.79
CA MET B 203 3.52 11.12 2.13
C MET B 203 3.10 12.46 2.73
N THR B 204 3.98 13.10 3.49
CA THR B 204 3.64 14.39 4.06
C THR B 204 3.59 15.47 2.98
N ALA B 205 4.57 15.46 2.09
CA ALA B 205 4.66 16.50 1.08
C ALA B 205 3.46 16.44 0.16
N LEU B 206 3.06 15.22 -0.20
CA LEU B 206 1.80 15.02 -0.92
C LEU B 206 0.63 15.60 -0.15
N ALA B 207 0.60 15.38 1.14
CA ALA B 207 -0.53 15.88 1.89
C ALA B 207 -0.52 17.40 1.90
N LYS B 208 0.67 18.00 1.89
CA LYS B 208 0.76 19.46 1.89
C LYS B 208 0.27 20.02 0.57
N LEU B 209 0.75 19.45 -0.54
CA LEU B 209 0.27 19.86 -1.86
C LEU B 209 -1.25 19.86 -1.91
N ILE B 210 -1.87 18.85 -1.32
CA ILE B 210 -3.32 18.72 -1.38
C ILE B 210 -4.01 19.73 -0.47
N THR B 211 -3.59 19.82 0.80
CA THR B 211 -4.30 20.66 1.75
C THR B 211 -4.02 22.12 1.51
N VAL B 212 -2.84 22.44 0.98
CA VAL B 212 -2.54 23.83 0.65
C VAL B 212 -3.37 24.29 -0.55
N ASN B 213 -3.66 23.40 -1.49
CA ASN B 213 -4.30 23.77 -2.73
C ASN B 213 -5.76 23.38 -2.81
N THR B 214 -6.20 22.43 -1.99
CA THR B 214 -7.58 21.94 -1.92
C THR B 214 -8.19 21.78 -3.30
N PRO B 215 -7.69 20.82 -4.09
CA PRO B 215 -8.25 20.60 -5.42
C PRO B 215 -9.70 20.17 -5.33
N ASP B 216 -10.38 20.24 -6.49
CA ASP B 216 -11.76 19.81 -6.62
C ASP B 216 -11.88 18.29 -6.56
N LEU B 217 -10.83 17.57 -6.94
CA LEU B 217 -10.90 16.14 -7.09
C LEU B 217 -9.53 15.54 -6.87
N VAL B 218 -9.41 14.65 -5.89
CA VAL B 218 -8.17 13.91 -5.69
C VAL B 218 -8.37 12.49 -6.19
N LEU B 219 -7.53 12.07 -7.13
CA LEU B 219 -7.68 10.78 -7.79
C LEU B 219 -6.51 9.88 -7.42
N PHE B 220 -6.78 8.82 -6.66
CA PHE B 220 -5.76 7.79 -6.45
C PHE B 220 -5.62 6.98 -7.73
N VAL B 221 -4.37 6.68 -8.10
CA VAL B 221 -4.09 5.85 -9.26
C VAL B 221 -3.50 4.55 -8.76
N GLY B 222 -4.18 3.46 -9.07
CA GLY B 222 -3.70 2.15 -8.67
C GLY B 222 -3.67 1.26 -9.90
N GLU B 223 -2.75 0.30 -9.90
CA GLU B 223 -2.69 -0.59 -11.02
C GLU B 223 -3.40 -1.89 -10.66
N ALA B 224 -4.13 -2.43 -11.62
CA ALA B 224 -4.79 -3.70 -11.37
C ALA B 224 -3.81 -4.86 -11.20
N LEU B 225 -2.49 -4.65 -11.37
CA LEU B 225 -1.51 -5.71 -11.15
C LEU B 225 -1.11 -5.83 -9.70
N VAL B 226 -1.33 -4.79 -8.90
CA VAL B 226 -1.03 -4.86 -7.48
C VAL B 226 -1.83 -6.00 -6.85
N GLY B 227 -1.28 -6.57 -5.77
CA GLY B 227 -1.96 -7.58 -5.00
C GLY B 227 -2.49 -7.03 -3.69
N ASN B 228 -2.02 -7.58 -2.57
CA ASN B 228 -2.52 -7.12 -1.28
C ASN B 228 -2.17 -5.67 -0.99
N GLU B 229 -1.11 -5.13 -1.61
CA GLU B 229 -0.78 -3.73 -1.36
C GLU B 229 -1.84 -2.76 -1.86
N ALA B 230 -2.80 -3.22 -2.67
CA ALA B 230 -3.89 -2.35 -3.07
C ALA B 230 -4.58 -1.73 -1.88
N VAL B 231 -4.74 -2.52 -0.82
CA VAL B 231 -5.35 -2.06 0.42
C VAL B 231 -4.42 -1.12 1.19
N ASP B 232 -3.15 -1.51 1.35
CA ASP B 232 -2.22 -0.70 2.14
C ASP B 232 -1.97 0.66 1.49
N GLN B 233 -1.74 0.69 0.18
CA GLN B 233 -1.55 1.95 -0.51
C GLN B 233 -2.70 2.91 -0.21
N LEU B 234 -3.92 2.41 -0.33
CA LEU B 234 -5.08 3.27 -0.19
C LEU B 234 -5.30 3.68 1.26
N VAL B 235 -5.08 2.75 2.19
CA VAL B 235 -5.25 3.08 3.60
C VAL B 235 -4.26 4.14 4.00
N LYS B 236 -2.99 3.95 3.61
CA LYS B 236 -1.92 4.89 3.97
C LYS B 236 -2.10 6.25 3.30
N PHE B 237 -2.48 6.27 2.02
CA PHE B 237 -2.66 7.54 1.35
C PHE B 237 -3.76 8.35 2.02
N ASN B 238 -4.88 7.70 2.33
CA ASN B 238 -5.98 8.39 2.99
C ASN B 238 -5.64 8.80 4.42
N ARG B 239 -4.63 8.19 5.00
CA ARG B 239 -4.28 8.49 6.39
C ARG B 239 -3.36 9.69 6.47
N ALA B 240 -2.40 9.80 5.53
CA ALA B 240 -1.65 11.04 5.40
C ALA B 240 -2.57 12.21 5.12
N LEU B 241 -3.42 12.09 4.09
CA LEU B 241 -4.36 13.15 3.75
C LEU B 241 -5.16 13.58 4.96
N ALA B 242 -5.56 12.62 5.80
CA ALA B 242 -6.31 12.95 6.99
C ALA B 242 -5.41 13.47 8.10
N ASP B 243 -4.32 12.75 8.38
CA ASP B 243 -3.43 13.13 9.47
C ASP B 243 -2.83 14.51 9.24
N HIS B 244 -2.44 14.81 8.00
CA HIS B 244 -1.72 16.05 7.71
C HIS B 244 -2.61 17.18 7.23
N SER B 245 -3.93 17.08 7.35
CA SER B 245 -4.77 18.17 6.90
C SER B 245 -4.70 19.33 7.89
N MET B 246 -4.80 20.56 7.37
CA MET B 246 -5.01 21.70 8.23
C MET B 246 -6.48 22.05 8.40
N ALA B 247 -7.33 21.71 7.44
CA ALA B 247 -8.75 21.95 7.57
C ALA B 247 -9.32 21.12 8.71
N GLN B 248 -10.42 21.59 9.28
CA GLN B 248 -11.15 20.77 10.24
C GLN B 248 -11.77 19.57 9.54
N THR B 249 -12.33 19.82 8.35
CA THR B 249 -12.83 18.83 7.41
C THR B 249 -11.65 18.21 6.68
N PRO B 250 -11.30 16.96 6.97
CA PRO B 250 -10.17 16.35 6.28
C PRO B 250 -10.51 16.11 4.81
N ARG B 251 -9.54 16.46 3.96
CA ARG B 251 -9.66 16.26 2.52
C ARG B 251 -9.16 14.86 2.18
N LEU B 252 -9.97 14.07 1.53
CA LEU B 252 -9.54 12.71 1.25
C LEU B 252 -9.68 12.38 -0.23
N ILE B 253 -9.20 11.18 -0.58
CA ILE B 253 -9.31 10.68 -1.94
C ILE B 253 -10.76 10.65 -2.38
N ASP B 254 -11.02 11.15 -3.59
CA ASP B 254 -12.34 11.24 -4.18
C ASP B 254 -12.71 10.06 -5.08
N GLY B 255 -11.75 9.44 -5.74
CA GLY B 255 -12.07 8.39 -6.68
C GLY B 255 -10.81 7.68 -7.10
N ILE B 256 -10.98 6.71 -7.99
CA ILE B 256 -9.92 5.78 -8.33
C ILE B 256 -9.79 5.65 -9.85
N VAL B 257 -8.54 5.66 -10.31
CA VAL B 257 -8.17 5.29 -11.67
C VAL B 257 -7.40 3.98 -11.56
N LEU B 258 -7.96 2.91 -12.12
CA LEU B 258 -7.39 1.58 -12.03
C LEU B 258 -6.74 1.27 -13.37
N THR B 259 -5.42 1.09 -13.39
CA THR B 259 -4.69 1.03 -14.65
C THR B 259 -4.26 -0.40 -14.94
N LYS B 260 -3.90 -0.64 -16.22
CA LYS B 260 -3.24 -1.88 -16.63
C LYS B 260 -4.18 -3.07 -16.52
N PHE B 261 -5.47 -2.75 -16.63
CA PHE B 261 -6.55 -3.73 -16.68
C PHE B 261 -6.39 -4.68 -17.85
N ASP B 262 -5.63 -4.28 -18.86
CA ASP B 262 -5.34 -5.13 -20.00
C ASP B 262 -4.20 -6.09 -19.73
N THR B 263 -3.62 -6.08 -18.53
CA THR B 263 -2.49 -6.97 -18.26
C THR B 263 -2.86 -8.18 -17.39
N ILE B 264 -4.04 -8.19 -16.78
CA ILE B 264 -4.36 -9.15 -15.71
C ILE B 264 -5.34 -10.23 -16.17
N ASP B 265 -5.65 -10.30 -17.48
CA ASP B 265 -6.61 -11.26 -18.00
C ASP B 265 -7.91 -11.21 -17.21
N ASP B 266 -8.21 -12.30 -16.48
CA ASP B 266 -9.37 -12.40 -15.60
C ASP B 266 -9.05 -12.18 -14.14
N LYS B 267 -7.77 -12.13 -13.77
CA LYS B 267 -7.40 -11.87 -12.38
C LYS B 267 -7.67 -10.41 -12.02
N VAL B 268 -8.95 -10.10 -11.92
CA VAL B 268 -9.50 -8.76 -11.92
C VAL B 268 -9.68 -8.19 -10.51
N GLY B 269 -9.34 -8.96 -9.47
CA GLY B 269 -9.81 -8.73 -8.11
C GLY B 269 -9.32 -7.45 -7.47
N ALA B 270 -8.29 -6.82 -8.03
CA ALA B 270 -7.82 -5.57 -7.44
C ALA B 270 -8.90 -4.49 -7.47
N ALA B 271 -9.89 -4.64 -8.35
CA ALA B 271 -10.98 -3.68 -8.37
C ALA B 271 -11.74 -3.71 -7.06
N ILE B 272 -11.79 -4.86 -6.41
CA ILE B 272 -12.58 -5.02 -5.20
C ILE B 272 -11.78 -4.56 -3.99
N SER B 273 -10.49 -4.91 -3.91
CA SER B 273 -9.63 -4.39 -2.85
C SER B 273 -9.81 -2.89 -2.69
N MET B 274 -9.86 -2.16 -3.80
CA MET B 274 -9.85 -0.70 -3.73
C MET B 274 -11.25 -0.12 -3.53
N THR B 275 -12.28 -0.72 -4.11
CA THR B 275 -13.65 -0.27 -3.86
C THR B 275 -14.15 -0.74 -2.51
N TYR B 276 -13.56 -1.78 -1.94
CA TYR B 276 -13.95 -2.21 -0.60
C TYR B 276 -13.50 -1.21 0.46
N ILE B 277 -12.24 -0.80 0.44
CA ILE B 277 -11.72 -0.04 1.58
C ILE B 277 -12.13 1.44 1.54
N THR B 278 -12.38 2.01 0.37
CA THR B 278 -13.02 3.31 0.26
C THR B 278 -14.48 3.12 -0.11
N SER B 279 -15.31 4.07 0.28
CA SER B 279 -16.63 4.12 -0.34
C SER B 279 -16.60 5.01 -1.56
N LYS B 280 -15.56 4.85 -2.39
CA LYS B 280 -15.23 5.78 -3.46
C LYS B 280 -15.14 5.06 -4.79
N PRO B 281 -15.63 5.69 -5.86
CA PRO B 281 -15.79 5.00 -7.14
C PRO B 281 -14.52 4.91 -7.99
N ILE B 282 -14.54 3.96 -8.91
CA ILE B 282 -13.50 3.85 -9.93
C ILE B 282 -13.97 4.71 -11.10
N VAL B 283 -13.33 5.87 -11.23
CA VAL B 283 -13.72 6.87 -12.21
C VAL B 283 -13.25 6.48 -13.61
N PHE B 284 -12.11 5.81 -13.70
CA PHE B 284 -11.54 5.44 -14.98
C PHE B 284 -10.85 4.10 -14.85
N VAL B 285 -10.83 3.37 -15.95
CA VAL B 285 -10.08 2.13 -16.07
C VAL B 285 -9.06 2.33 -17.18
N GLY B 286 -7.80 2.05 -16.89
CA GLY B 286 -6.78 2.03 -17.90
C GLY B 286 -6.70 0.68 -18.59
N THR B 287 -6.90 0.68 -19.90
CA THR B 287 -6.97 -0.53 -20.70
C THR B 287 -5.86 -0.59 -21.74
N GLY B 288 -4.74 0.06 -21.49
CA GLY B 288 -3.66 0.12 -22.44
C GLY B 288 -2.92 1.44 -22.37
N GLN B 289 -1.91 1.57 -23.22
CA GLN B 289 -0.94 2.66 -23.13
C GLN B 289 -1.25 3.88 -24.02
N THR B 290 -2.44 3.98 -24.60
CA THR B 290 -2.70 5.09 -25.51
C THR B 290 -3.89 5.90 -25.03
N TYR B 291 -4.21 6.95 -25.79
CA TYR B 291 -5.13 7.98 -25.33
C TYR B 291 -6.55 7.46 -25.25
N CYS B 292 -6.91 6.51 -26.11
CA CYS B 292 -8.25 5.95 -26.13
C CYS B 292 -8.40 4.74 -25.21
N ASP B 293 -7.30 4.19 -24.70
CA ASP B 293 -7.35 3.16 -23.68
C ASP B 293 -7.78 3.69 -22.33
N LEU B 294 -8.97 4.28 -22.29
CA LEU B 294 -9.55 4.83 -21.06
C LEU B 294 -11.02 4.39 -21.08
N ARG B 295 -11.35 3.43 -20.24
CA ARG B 295 -12.72 2.97 -20.12
C ARG B 295 -13.28 3.37 -18.78
N SER B 296 -14.60 3.42 -18.72
CA SER B 296 -15.29 3.40 -17.44
C SER B 296 -15.54 1.96 -17.04
N LEU B 297 -15.76 1.75 -15.76
CA LEU B 297 -15.80 0.41 -15.18
C LEU B 297 -17.18 -0.20 -15.31
N ASN B 298 -17.26 -1.42 -15.83
CA ASN B 298 -18.52 -2.16 -15.87
C ASN B 298 -18.51 -3.21 -14.77
N ALA B 299 -19.34 -2.99 -13.75
CA ALA B 299 -19.40 -3.91 -12.64
C ALA B 299 -19.77 -5.32 -13.10
N LYS B 300 -20.82 -5.46 -13.90
CA LYS B 300 -21.23 -6.79 -14.31
C LYS B 300 -20.07 -7.51 -14.98
N ALA B 301 -19.35 -6.82 -15.88
CA ALA B 301 -18.25 -7.46 -16.58
C ALA B 301 -17.14 -7.83 -15.63
N VAL B 302 -16.96 -7.05 -14.58
CA VAL B 302 -15.94 -7.35 -13.58
C VAL B 302 -16.35 -8.56 -12.76
N VAL B 303 -17.59 -8.55 -12.25
CA VAL B 303 -18.05 -9.65 -11.40
C VAL B 303 -18.19 -10.92 -12.22
N ALA B 304 -18.61 -10.80 -13.49
CA ALA B 304 -18.66 -11.97 -14.35
C ALA B 304 -17.29 -12.63 -14.44
N ALA B 305 -16.28 -11.83 -14.76
CA ALA B 305 -14.90 -12.33 -14.79
C ALA B 305 -14.53 -13.03 -13.50
N LEU B 306 -14.93 -12.45 -12.36
CA LEU B 306 -14.51 -12.94 -11.05
C LEU B 306 -15.14 -14.28 -10.68
N MET B 307 -16.21 -14.68 -11.36
CA MET B 307 -16.85 -15.96 -11.04
C MET B 307 -16.40 -17.08 -11.97
N LYS B 308 -15.98 -16.78 -13.20
CA LYS B 308 -15.73 -17.88 -14.13
C LYS B 308 -14.37 -18.55 -13.90
N ALA B 309 -13.32 -17.76 -13.65
CA ALA B 309 -11.92 -18.21 -13.53
C ALA B 309 -11.53 -19.48 -14.29
N ILE C 30 -68.98 -15.19 -28.87
CA ILE C 30 -68.11 -16.37 -28.90
C ILE C 30 -67.15 -16.26 -30.06
N ILE C 31 -67.67 -16.64 -31.23
CA ILE C 31 -66.90 -16.60 -32.46
C ILE C 31 -66.49 -15.17 -32.78
N ASN C 32 -67.44 -14.23 -32.63
CA ASN C 32 -67.19 -12.82 -32.92
C ASN C 32 -65.99 -12.28 -32.13
N GLU C 33 -66.05 -12.40 -30.80
CA GLU C 33 -64.95 -11.94 -29.95
C GLU C 33 -63.64 -12.62 -30.30
N GLU C 34 -63.69 -13.87 -30.74
CA GLU C 34 -62.48 -14.58 -31.12
C GLU C 34 -61.86 -13.99 -32.37
N VAL C 35 -62.66 -13.79 -33.41
CA VAL C 35 -62.14 -13.23 -34.66
C VAL C 35 -61.70 -11.79 -34.43
N LEU C 36 -62.41 -11.08 -33.55
CA LEU C 36 -62.02 -9.71 -33.22
C LEU C 36 -60.61 -9.65 -32.67
N ASN C 37 -60.34 -10.41 -31.59
CA ASN C 37 -59.01 -10.43 -30.97
C ASN C 37 -57.92 -10.68 -32.00
N ALA C 38 -58.25 -11.41 -33.07
CA ALA C 38 -57.32 -11.56 -34.19
C ALA C 38 -57.22 -10.26 -34.99
N MET C 39 -58.34 -9.55 -35.14
CA MET C 39 -58.30 -8.28 -35.86
C MET C 39 -57.51 -7.23 -35.06
N LEU C 40 -57.71 -7.18 -33.75
CA LEU C 40 -56.97 -6.23 -32.92
C LEU C 40 -55.49 -6.53 -32.92
N LYS C 41 -55.13 -7.81 -32.71
CA LYS C 41 -53.73 -8.21 -32.73
C LYS C 41 -53.07 -7.88 -34.07
N GLU C 42 -53.85 -7.73 -35.13
CA GLU C 42 -53.30 -7.30 -36.42
C GLU C 42 -52.99 -5.81 -36.42
N VAL C 43 -53.87 -5.01 -35.81
CA VAL C 43 -53.64 -3.57 -35.77
C VAL C 43 -52.49 -3.24 -34.83
N CYS C 44 -52.39 -3.95 -33.70
CA CYS C 44 -51.26 -3.76 -32.79
C CYS C 44 -49.95 -4.03 -33.49
N THR C 45 -49.89 -5.11 -34.27
CA THR C 45 -48.68 -5.44 -35.00
C THR C 45 -48.31 -4.35 -36.00
N ALA C 46 -49.31 -3.75 -36.66
CA ALA C 46 -49.05 -2.64 -37.57
C ALA C 46 -48.46 -1.45 -36.82
N LEU C 47 -49.16 -1.00 -35.78
CA LEU C 47 -48.69 0.15 -35.01
C LEU C 47 -47.30 -0.08 -34.48
N LEU C 48 -47.04 -1.26 -33.92
CA LEU C 48 -45.69 -1.53 -33.42
C LEU C 48 -44.68 -1.42 -34.55
N GLU C 49 -45.08 -1.83 -35.76
CA GLU C 49 -44.17 -1.77 -36.90
C GLU C 49 -44.07 -0.34 -37.47
N ALA C 50 -45.00 0.54 -37.10
CA ALA C 50 -44.93 1.96 -37.36
C ALA C 50 -44.15 2.70 -36.28
N ASP C 51 -43.62 1.97 -35.30
CA ASP C 51 -42.78 2.51 -34.23
C ASP C 51 -43.58 3.34 -33.23
N VAL C 52 -44.80 2.90 -32.93
CA VAL C 52 -45.55 3.41 -31.79
C VAL C 52 -45.05 2.68 -30.55
N ASN C 53 -44.88 3.42 -29.45
CA ASN C 53 -44.35 2.83 -28.22
C ASN C 53 -45.24 1.68 -27.76
N ILE C 54 -44.60 0.62 -27.24
CA ILE C 54 -45.36 -0.59 -26.94
C ILE C 54 -46.33 -0.38 -25.79
N LYS C 55 -45.97 0.44 -24.80
CA LYS C 55 -46.93 0.77 -23.75
C LYS C 55 -48.16 1.45 -24.33
N LEU C 56 -47.98 2.30 -25.35
CA LEU C 56 -49.11 3.01 -25.96
C LEU C 56 -50.03 2.07 -26.73
N VAL C 57 -49.46 1.07 -27.41
CA VAL C 57 -50.28 0.13 -28.16
C VAL C 57 -51.12 -0.71 -27.20
N LYS C 58 -50.48 -1.36 -26.21
CA LYS C 58 -51.22 -2.08 -25.17
C LYS C 58 -52.33 -1.21 -24.58
N GLN C 59 -52.00 0.04 -24.23
CA GLN C 59 -53.04 0.92 -23.70
C GLN C 59 -54.15 1.13 -24.72
N LEU C 60 -53.79 1.26 -26.00
CA LEU C 60 -54.82 1.46 -27.02
C LEU C 60 -55.65 0.20 -27.22
N ARG C 61 -55.01 -0.97 -27.17
CA ARG C 61 -55.72 -2.23 -27.39
C ARG C 61 -56.88 -2.39 -26.41
N GLU C 62 -56.60 -2.34 -25.11
CA GLU C 62 -57.68 -2.42 -24.15
C GLU C 62 -58.57 -1.19 -24.19
N ASN C 63 -58.09 -0.07 -24.73
CA ASN C 63 -58.97 1.07 -24.93
C ASN C 63 -60.04 0.76 -25.96
N VAL C 64 -59.64 0.20 -27.11
CA VAL C 64 -60.56 0.01 -28.22
C VAL C 64 -61.49 -1.18 -27.97
N LYS C 65 -61.01 -2.24 -27.32
CA LYS C 65 -61.90 -3.35 -26.98
C LYS C 65 -62.99 -2.90 -26.01
N SER C 66 -62.59 -2.12 -25.00
CA SER C 66 -63.56 -1.57 -24.07
C SER C 66 -64.64 -0.76 -24.80
N ALA C 67 -64.24 0.02 -25.79
CA ALA C 67 -65.17 0.95 -26.43
C ALA C 67 -66.12 0.27 -27.41
N ILE C 68 -65.66 -0.77 -28.11
CA ILE C 68 -66.41 -1.29 -29.25
C ILE C 68 -67.78 -1.81 -28.82
N ASP C 69 -67.92 -2.24 -27.56
CA ASP C 69 -69.17 -2.72 -26.99
C ASP C 69 -69.62 -4.04 -27.61
N LEU C 70 -68.91 -4.54 -28.63
CA LEU C 70 -69.23 -5.87 -29.16
C LEU C 70 -68.88 -6.92 -28.12
N ASN C 78 -66.14 -5.15 -43.19
CA ASN C 78 -67.23 -5.13 -42.21
C ASN C 78 -66.63 -4.86 -40.85
N LYS C 79 -66.34 -5.93 -40.13
CA LYS C 79 -65.69 -5.81 -38.83
C LYS C 79 -64.31 -5.16 -38.94
N ARG C 80 -63.62 -5.38 -40.06
CA ARG C 80 -62.33 -4.73 -40.29
C ARG C 80 -62.46 -3.22 -40.31
N LYS C 81 -63.48 -2.70 -40.99
CA LYS C 81 -63.66 -1.26 -41.07
C LYS C 81 -64.01 -0.66 -39.73
N MET C 82 -64.88 -1.33 -38.96
CA MET C 82 -65.29 -0.78 -37.68
C MET C 82 -64.15 -0.73 -36.69
N ILE C 83 -63.33 -1.78 -36.66
CA ILE C 83 -62.16 -1.80 -35.81
C ILE C 83 -61.15 -0.76 -36.26
N GLN C 84 -60.79 -0.79 -37.55
CA GLN C 84 -59.85 0.19 -38.09
C GLN C 84 -60.34 1.61 -37.86
N HIS C 85 -61.66 1.81 -37.88
CA HIS C 85 -62.20 3.14 -37.63
C HIS C 85 -62.01 3.54 -36.17
N ALA C 86 -62.41 2.66 -35.25
CA ALA C 86 -62.25 2.96 -33.83
C ALA C 86 -60.79 3.08 -33.44
N VAL C 87 -59.90 2.38 -34.14
CA VAL C 87 -58.47 2.53 -33.89
C VAL C 87 -58.01 3.91 -34.34
N PHE C 88 -58.44 4.32 -35.54
CA PHE C 88 -58.14 5.65 -36.05
C PHE C 88 -58.59 6.71 -35.06
N LYS C 89 -59.81 6.58 -34.54
CA LYS C 89 -60.30 7.52 -33.53
C LYS C 89 -59.40 7.55 -32.31
N GLU C 90 -58.77 6.42 -31.98
CA GLU C 90 -57.93 6.34 -30.79
C GLU C 90 -56.57 6.97 -31.02
N LEU C 91 -56.05 6.89 -32.24
CA LEU C 91 -54.81 7.57 -32.56
C LEU C 91 -54.98 9.07 -32.48
N VAL C 92 -56.05 9.60 -33.09
CA VAL C 92 -56.23 11.04 -33.21
C VAL C 92 -56.23 11.73 -31.85
N LYS C 93 -56.75 11.07 -30.81
CA LYS C 93 -56.61 11.59 -29.46
C LYS C 93 -55.15 11.64 -29.02
N LEU C 94 -54.34 10.68 -29.51
CA LEU C 94 -52.96 10.54 -29.07
C LEU C 94 -52.03 11.58 -29.66
N VAL C 95 -52.33 12.12 -30.85
CA VAL C 95 -51.51 13.20 -31.37
C VAL C 95 -51.91 14.55 -30.79
N ASP C 96 -53.12 14.68 -30.26
CA ASP C 96 -53.56 15.94 -29.70
C ASP C 96 -53.09 16.06 -28.26
N PRO C 97 -52.23 17.02 -27.93
CA PRO C 97 -51.82 17.21 -26.54
C PRO C 97 -52.79 18.05 -25.74
N GLY C 98 -53.89 18.47 -26.34
CA GLY C 98 -54.78 19.37 -25.64
C GLY C 98 -54.22 20.76 -25.46
N VAL C 99 -53.14 21.10 -26.16
CA VAL C 99 -52.51 22.40 -26.07
C VAL C 99 -52.44 22.99 -27.47
N LYS C 100 -52.97 24.20 -27.65
CA LYS C 100 -52.87 24.85 -28.94
C LYS C 100 -51.44 25.31 -29.17
N ALA C 101 -50.93 25.06 -30.36
CA ALA C 101 -49.53 25.35 -30.66
C ALA C 101 -49.24 26.84 -30.60
N TRP C 102 -47.97 27.16 -30.38
CA TRP C 102 -47.55 28.55 -30.25
C TRP C 102 -47.38 29.17 -31.62
N THR C 103 -47.67 30.47 -31.69
CA THR C 103 -47.58 31.21 -32.93
C THR C 103 -46.87 32.54 -32.69
N PRO C 104 -45.94 32.90 -33.57
CA PRO C 104 -45.21 34.15 -33.39
C PRO C 104 -46.12 35.36 -33.47
N THR C 105 -45.65 36.44 -32.87
CA THR C 105 -46.35 37.71 -32.88
C THR C 105 -45.67 38.66 -33.86
N LYS C 106 -46.47 39.32 -34.71
CA LYS C 106 -45.95 40.32 -35.64
C LYS C 106 -45.42 41.52 -34.86
N GLY C 107 -44.37 42.14 -35.41
CA GLY C 107 -43.74 43.29 -34.83
C GLY C 107 -42.84 43.01 -33.64
N LYS C 108 -43.13 41.99 -32.84
CA LYS C 108 -42.30 41.73 -31.69
C LYS C 108 -41.18 40.74 -32.05
N GLN C 109 -40.21 40.64 -31.15
CA GLN C 109 -39.01 39.84 -31.37
C GLN C 109 -39.26 38.42 -30.90
N ASN C 110 -39.60 37.54 -31.82
CA ASN C 110 -39.89 36.15 -31.50
C ASN C 110 -38.62 35.32 -31.60
N VAL C 111 -38.31 34.59 -30.52
CA VAL C 111 -37.13 33.76 -30.44
C VAL C 111 -37.60 32.31 -30.38
N ILE C 112 -36.93 31.45 -31.15
CA ILE C 112 -37.35 30.08 -31.40
C ILE C 112 -36.10 29.20 -31.31
N MET C 113 -36.03 28.34 -30.30
CA MET C 113 -34.83 27.55 -30.03
C MET C 113 -35.07 26.09 -30.39
N PHE C 114 -34.11 25.48 -31.08
CA PHE C 114 -34.24 24.12 -31.58
C PHE C 114 -33.34 23.19 -30.78
N VAL C 115 -33.92 22.05 -30.36
CA VAL C 115 -33.22 21.04 -29.57
C VAL C 115 -33.69 19.64 -29.97
N GLY C 116 -32.79 18.69 -29.89
CA GLY C 116 -33.12 17.32 -30.20
C GLY C 116 -31.86 16.51 -30.34
N LEU C 117 -32.04 15.23 -30.65
CA LEU C 117 -30.95 14.30 -30.58
C LEU C 117 -29.94 14.55 -31.71
N GLN C 118 -28.71 14.05 -31.52
CA GLN C 118 -27.70 14.08 -32.57
C GLN C 118 -28.24 13.47 -33.86
N GLY C 119 -28.28 14.28 -34.91
CA GLY C 119 -28.67 13.84 -36.23
C GLY C 119 -30.11 14.10 -36.60
N SER C 120 -30.90 14.72 -35.71
CA SER C 120 -32.34 14.63 -35.87
C SER C 120 -32.88 15.55 -36.96
N GLY C 121 -32.02 16.32 -37.62
CA GLY C 121 -32.44 17.34 -38.54
C GLY C 121 -32.67 18.71 -37.99
N LYS C 122 -31.94 19.11 -36.95
CA LYS C 122 -32.15 20.44 -36.37
C LYS C 122 -31.66 21.54 -37.32
N THR C 123 -30.42 21.42 -37.80
CA THR C 123 -29.83 22.50 -38.58
C THR C 123 -30.61 22.72 -39.88
N THR C 124 -30.98 21.63 -40.55
CA THR C 124 -31.75 21.76 -41.79
C THR C 124 -33.09 22.42 -41.53
N THR C 125 -33.76 22.04 -40.45
CA THR C 125 -35.10 22.54 -40.20
C THR C 125 -35.08 23.99 -39.77
N CYS C 126 -34.01 24.43 -39.12
CA CYS C 126 -33.90 25.84 -38.77
C CYS C 126 -34.08 26.72 -39.99
N SER C 127 -33.29 26.47 -41.04
CA SER C 127 -33.42 27.26 -42.25
C SER C 127 -34.76 27.02 -42.93
N LYS C 128 -35.26 25.78 -42.91
CA LYS C 128 -36.61 25.51 -43.41
C LYS C 128 -37.64 26.34 -42.67
N LEU C 129 -37.55 26.37 -41.34
CA LEU C 129 -38.54 27.10 -40.57
C LEU C 129 -38.50 28.58 -40.88
N ALA C 130 -37.29 29.16 -40.93
CA ALA C 130 -37.14 30.54 -41.36
C ALA C 130 -37.73 30.75 -42.75
N TYR C 131 -37.31 29.93 -43.71
CA TYR C 131 -37.75 30.09 -45.10
C TYR C 131 -39.26 30.01 -45.21
N TYR C 132 -39.90 29.12 -44.44
CA TYR C 132 -41.36 29.13 -44.38
C TYR C 132 -41.87 30.48 -43.91
N TYR C 133 -41.33 30.98 -42.80
CA TYR C 133 -41.76 32.25 -42.24
C TYR C 133 -41.32 33.44 -43.07
N GLN C 134 -40.14 33.36 -43.69
CA GLN C 134 -39.66 34.43 -44.56
C GLN C 134 -40.60 34.64 -45.74
N ARG C 135 -41.05 33.54 -46.36
CA ARG C 135 -42.02 33.63 -47.45
C ARG C 135 -43.38 34.13 -46.99
N LYS C 136 -43.70 34.05 -45.70
CA LYS C 136 -44.96 34.61 -45.22
C LYS C 136 -44.84 36.11 -44.87
N GLY C 137 -43.71 36.74 -45.21
CA GLY C 137 -43.56 38.16 -44.98
C GLY C 137 -42.99 38.54 -43.63
N TRP C 138 -42.20 37.67 -43.01
CA TRP C 138 -41.60 37.91 -41.72
C TRP C 138 -40.12 38.22 -41.88
N LYS C 139 -39.64 39.10 -41.02
CA LYS C 139 -38.20 39.38 -40.96
C LYS C 139 -37.55 38.30 -40.09
N THR C 140 -37.01 37.27 -40.75
CA THR C 140 -36.45 36.10 -40.09
C THR C 140 -34.92 36.10 -40.18
N CYS C 141 -34.28 35.50 -39.18
CA CYS C 141 -32.84 35.35 -39.16
C CYS C 141 -32.48 34.02 -38.51
N LEU C 142 -31.19 33.71 -38.53
CA LEU C 142 -30.67 32.44 -38.08
C LEU C 142 -29.43 32.68 -37.23
N ILE C 143 -29.23 31.82 -36.23
CA ILE C 143 -28.08 31.91 -35.35
C ILE C 143 -27.56 30.49 -35.18
N CYS C 144 -26.25 30.31 -35.33
CA CYS C 144 -25.63 29.00 -35.22
C CYS C 144 -24.96 28.91 -33.85
N ALA C 145 -25.68 28.34 -32.88
CA ALA C 145 -25.20 28.21 -31.52
C ALA C 145 -24.65 26.82 -31.24
N ASP C 146 -24.22 26.11 -32.28
CA ASP C 146 -23.58 24.80 -32.14
C ASP C 146 -22.09 25.03 -32.29
N THR C 147 -21.34 25.04 -31.17
CA THR C 147 -19.90 25.23 -31.28
C THR C 147 -19.13 23.93 -31.31
N PHE C 148 -19.81 22.77 -31.29
CA PHE C 148 -19.14 21.49 -31.20
C PHE C 148 -19.05 20.74 -32.52
N ARG C 149 -20.14 20.70 -33.30
CA ARG C 149 -20.11 19.94 -34.56
C ARG C 149 -19.10 20.55 -35.55
N ALA C 150 -18.23 19.71 -36.08
CA ALA C 150 -17.42 20.11 -37.21
C ALA C 150 -18.32 20.54 -38.36
N GLY C 151 -18.01 21.69 -38.96
CA GLY C 151 -18.75 22.20 -40.09
C GLY C 151 -20.10 22.78 -39.74
N ALA C 152 -20.41 22.84 -38.44
CA ALA C 152 -21.73 23.30 -38.02
C ALA C 152 -22.06 24.68 -38.59
N PHE C 153 -21.15 25.65 -38.43
CA PHE C 153 -21.45 27.02 -38.87
C PHE C 153 -21.46 27.10 -40.39
N ASP C 154 -20.47 26.49 -41.04
CA ASP C 154 -20.49 26.44 -42.50
C ASP C 154 -21.80 25.87 -43.02
N GLN C 155 -22.28 24.78 -42.43
CA GLN C 155 -23.52 24.16 -42.88
C GLN C 155 -24.71 25.11 -42.77
N LEU C 156 -24.88 25.73 -41.61
CA LEU C 156 -25.98 26.68 -41.46
C LEU C 156 -25.76 27.89 -42.37
N LYS C 157 -24.55 28.43 -42.40
CA LYS C 157 -24.22 29.57 -43.24
C LYS C 157 -24.66 29.30 -44.68
N GLN C 158 -24.12 28.25 -45.28
CA GLN C 158 -24.47 27.89 -46.65
C GLN C 158 -25.98 27.81 -46.87
N ASN C 159 -26.71 27.18 -45.94
CA ASN C 159 -28.17 27.12 -46.09
C ASN C 159 -28.78 28.51 -46.08
N ALA C 160 -28.42 29.32 -45.08
CA ALA C 160 -28.96 30.66 -44.99
C ALA C 160 -28.52 31.52 -46.18
N THR C 161 -27.32 31.30 -46.70
CA THR C 161 -26.93 32.09 -47.86
C THR C 161 -27.77 31.73 -49.09
N LYS C 162 -27.98 30.43 -49.33
CA LYS C 162 -28.78 30.01 -50.47
C LYS C 162 -30.20 30.56 -50.40
N ALA C 163 -30.76 30.70 -49.19
CA ALA C 163 -32.12 31.15 -48.99
C ALA C 163 -32.23 32.65 -48.75
N ARG C 164 -31.16 33.41 -48.96
CA ARG C 164 -31.18 34.85 -48.76
C ARG C 164 -31.71 35.19 -47.38
N ILE C 165 -31.32 34.40 -46.39
CA ILE C 165 -31.74 34.58 -45.00
C ILE C 165 -30.56 35.09 -44.21
N PRO C 166 -30.72 36.18 -43.44
CA PRO C 166 -29.62 36.66 -42.60
C PRO C 166 -29.25 35.62 -41.55
N PHE C 167 -27.97 35.61 -41.15
CA PHE C 167 -27.46 34.64 -40.18
C PHE C 167 -26.36 35.27 -39.33
N TYR C 168 -26.06 34.61 -38.22
CA TYR C 168 -25.01 35.03 -37.30
C TYR C 168 -24.34 33.80 -36.71
N GLY C 169 -23.01 33.73 -36.85
CA GLY C 169 -22.22 32.67 -36.26
C GLY C 169 -20.86 33.15 -35.81
N SER C 170 -19.91 32.22 -35.64
CA SER C 170 -18.56 32.55 -35.20
C SER C 170 -17.71 31.31 -35.39
N TYR C 171 -16.56 31.45 -36.03
CA TYR C 171 -15.64 30.34 -36.14
C TYR C 171 -14.73 30.21 -34.95
N THR C 172 -14.69 31.21 -34.08
CA THR C 172 -13.78 31.20 -32.94
C THR C 172 -14.50 30.91 -31.62
N GLU C 173 -15.64 31.55 -31.37
CA GLU C 173 -16.23 31.45 -30.04
C GLU C 173 -16.68 30.01 -29.75
N MET C 174 -16.37 29.54 -28.55
CA MET C 174 -16.61 28.16 -28.14
C MET C 174 -17.63 28.01 -27.04
N ASP C 175 -18.08 29.10 -26.42
CA ASP C 175 -19.16 29.04 -25.44
C ASP C 175 -20.46 29.25 -26.20
N PRO C 176 -21.23 28.20 -26.47
CA PRO C 176 -22.48 28.41 -27.23
C PRO C 176 -23.42 29.38 -26.57
N VAL C 177 -23.34 29.57 -25.24
CA VAL C 177 -24.18 30.57 -24.61
C VAL C 177 -23.81 31.97 -25.08
N ILE C 178 -22.51 32.23 -25.22
CA ILE C 178 -22.06 33.57 -25.62
C ILE C 178 -22.54 33.91 -27.03
N ILE C 179 -22.34 32.99 -27.99
CA ILE C 179 -22.83 33.20 -29.36
C ILE C 179 -24.34 33.43 -29.34
N ALA C 180 -25.07 32.53 -28.68
CA ALA C 180 -26.52 32.65 -28.64
C ALA C 180 -26.95 33.97 -28.04
N SER C 181 -26.27 34.40 -26.96
CA SER C 181 -26.59 35.70 -26.38
C SER C 181 -26.26 36.81 -27.35
N GLU C 182 -25.03 36.83 -27.86
CA GLU C 182 -24.59 37.90 -28.73
C GLU C 182 -25.39 37.92 -30.02
N GLY C 183 -25.76 36.77 -30.56
CA GLY C 183 -26.51 36.74 -31.80
C GLY C 183 -27.93 37.25 -31.63
N VAL C 184 -28.61 36.78 -30.57
CA VAL C 184 -29.97 37.23 -30.29
C VAL C 184 -30.02 38.74 -30.20
N GLU C 185 -29.10 39.32 -29.42
CA GLU C 185 -29.16 40.76 -29.19
C GLU C 185 -28.88 41.56 -30.45
N LYS C 186 -27.97 41.09 -31.32
CA LYS C 186 -27.73 41.81 -32.57
C LYS C 186 -28.99 41.87 -33.42
N PHE C 187 -29.64 40.71 -33.62
CA PHE C 187 -30.86 40.68 -34.41
C PHE C 187 -32.01 41.32 -33.67
N LYS C 188 -31.99 41.34 -32.34
CA LYS C 188 -32.99 42.10 -31.60
C LYS C 188 -32.87 43.58 -31.92
N ASN C 189 -31.65 44.13 -31.82
CA ASN C 189 -31.47 45.56 -32.05
C ASN C 189 -31.79 45.94 -33.48
N GLU C 190 -31.61 45.01 -34.41
CA GLU C 190 -31.93 45.27 -35.80
C GLU C 190 -33.40 45.01 -36.12
N ASN C 191 -34.18 44.63 -35.11
CA ASN C 191 -35.63 44.56 -35.15
C ASN C 191 -36.14 43.47 -36.09
N PHE C 192 -35.72 42.24 -35.79
CA PHE C 192 -36.20 41.06 -36.47
C PHE C 192 -37.44 40.51 -35.78
N GLU C 193 -38.25 39.80 -36.55
CA GLU C 193 -39.47 39.24 -36.00
C GLU C 193 -39.35 37.78 -35.62
N ILE C 194 -38.47 37.04 -36.29
CA ILE C 194 -38.27 35.62 -36.03
C ILE C 194 -36.77 35.37 -35.89
N ILE C 195 -36.33 35.03 -34.69
CA ILE C 195 -34.93 34.71 -34.42
C ILE C 195 -34.85 33.22 -34.07
N ILE C 196 -34.37 32.41 -35.01
CA ILE C 196 -34.29 30.95 -34.85
C ILE C 196 -32.87 30.57 -34.49
N VAL C 197 -32.71 29.78 -33.42
CA VAL C 197 -31.41 29.49 -32.82
C VAL C 197 -31.12 28.00 -32.94
N ASP C 198 -29.96 27.66 -33.45
CA ASP C 198 -29.60 26.27 -33.75
C ASP C 198 -28.55 25.84 -32.74
N THR C 199 -28.84 24.75 -32.03
CA THR C 199 -28.00 24.22 -30.96
C THR C 199 -27.43 22.87 -31.37
N SER C 200 -26.36 22.46 -30.71
CA SER C 200 -25.76 21.18 -31.04
C SER C 200 -26.69 20.04 -30.62
N GLY C 201 -26.47 18.88 -31.22
CA GLY C 201 -27.24 17.72 -30.86
C GLY C 201 -26.82 17.15 -29.53
N ARG C 202 -27.79 16.61 -28.79
CA ARG C 202 -27.46 16.14 -27.46
C ARG C 202 -28.41 15.01 -27.11
N HIS C 203 -27.98 14.20 -26.14
CA HIS C 203 -28.75 13.08 -25.62
C HIS C 203 -28.72 13.11 -24.11
N LYS C 204 -29.77 12.54 -23.50
CA LYS C 204 -30.03 12.71 -22.07
C LYS C 204 -28.98 12.07 -21.19
N GLN C 205 -28.27 11.05 -21.65
CA GLN C 205 -27.37 10.46 -20.69
C GLN C 205 -26.08 11.27 -20.47
N GLU C 206 -25.96 12.47 -21.05
CA GLU C 206 -24.86 13.41 -20.77
C GLU C 206 -25.43 14.63 -20.04
N ASP C 207 -25.15 14.72 -18.74
CA ASP C 207 -25.70 15.81 -17.94
C ASP C 207 -25.11 17.15 -18.34
N SER C 208 -23.81 17.19 -18.66
CA SER C 208 -23.20 18.44 -19.10
C SER C 208 -23.89 18.98 -20.34
N LEU C 209 -24.07 18.13 -21.36
CA LEU C 209 -24.77 18.60 -22.56
C LEU C 209 -26.15 19.13 -22.23
N PHE C 210 -26.89 18.44 -21.35
CA PHE C 210 -28.22 18.94 -21.06
C PHE C 210 -28.16 20.24 -20.27
N GLU C 211 -27.20 20.34 -19.34
CA GLU C 211 -27.07 21.58 -18.57
C GLU C 211 -26.62 22.73 -19.46
N GLU C 212 -25.77 22.45 -20.46
CA GLU C 212 -25.46 23.48 -21.43
C GLU C 212 -26.72 23.93 -22.18
N MET C 213 -27.58 22.98 -22.57
CA MET C 213 -28.83 23.34 -23.22
C MET C 213 -29.68 24.26 -22.34
N LEU C 214 -29.75 23.95 -21.05
CA LEU C 214 -30.52 24.80 -20.15
C LEU C 214 -29.92 26.20 -20.09
N GLN C 215 -28.59 26.28 -20.08
CA GLN C 215 -27.90 27.57 -20.01
C GLN C 215 -28.18 28.43 -21.23
N VAL C 216 -28.15 27.82 -22.42
CA VAL C 216 -28.51 28.52 -23.65
C VAL C 216 -29.93 29.05 -23.56
N ALA C 217 -30.84 28.26 -22.97
CA ALA C 217 -32.24 28.65 -22.86
C ALA C 217 -32.40 29.79 -21.87
N ASN C 218 -31.73 29.69 -20.72
CA ASN C 218 -31.78 30.77 -19.74
C ASN C 218 -31.16 32.05 -20.30
N ALA C 219 -30.20 31.92 -21.22
CA ALA C 219 -29.53 33.10 -21.76
C ALA C 219 -30.44 33.84 -22.73
N ILE C 220 -31.07 33.14 -23.66
CA ILE C 220 -31.81 33.78 -24.74
C ILE C 220 -33.31 33.88 -24.50
N GLN C 221 -33.85 33.10 -23.57
CA GLN C 221 -35.26 33.20 -23.21
C GLN C 221 -36.17 32.97 -24.39
N PRO C 222 -36.09 31.81 -25.05
CA PRO C 222 -36.89 31.62 -26.26
C PRO C 222 -38.37 31.62 -25.93
N ASP C 223 -39.17 32.21 -26.83
CA ASP C 223 -40.61 32.13 -26.69
C ASP C 223 -41.15 30.76 -27.05
N ASN C 224 -40.34 29.90 -27.67
CA ASN C 224 -40.82 28.60 -28.12
C ASN C 224 -39.65 27.66 -28.30
N ILE C 225 -39.64 26.57 -27.54
CA ILE C 225 -38.61 25.55 -27.68
C ILE C 225 -39.17 24.40 -28.50
N VAL C 226 -38.52 24.10 -29.62
CA VAL C 226 -38.97 23.11 -30.59
C VAL C 226 -38.12 21.86 -30.43
N TYR C 227 -38.76 20.76 -30.05
CA TYR C 227 -38.09 19.45 -30.08
C TYR C 227 -38.21 18.90 -31.51
N VAL C 228 -37.09 18.44 -32.05
CA VAL C 228 -37.06 17.88 -33.39
C VAL C 228 -36.77 16.40 -33.26
N MET C 229 -37.62 15.57 -33.84
CA MET C 229 -37.37 14.14 -33.78
C MET C 229 -37.40 13.54 -35.16
N ASP C 230 -36.56 12.54 -35.34
CA ASP C 230 -36.46 11.83 -36.60
C ASP C 230 -37.55 10.78 -36.63
N ALA C 231 -38.33 10.76 -37.73
CA ALA C 231 -39.45 9.84 -37.84
C ALA C 231 -39.01 8.39 -37.66
N SER C 232 -37.82 8.04 -38.08
CA SER C 232 -37.38 6.65 -38.00
C SER C 232 -37.04 6.18 -36.58
N ILE C 233 -37.24 7.00 -35.53
CA ILE C 233 -36.77 6.63 -34.21
C ILE C 233 -37.62 5.50 -33.63
N GLY C 234 -36.98 4.60 -32.87
CA GLY C 234 -37.69 3.50 -32.23
C GLY C 234 -38.21 3.71 -30.81
N GLN C 235 -38.12 2.65 -29.98
CA GLN C 235 -38.71 2.63 -28.65
C GLN C 235 -37.99 3.53 -27.65
N ALA C 236 -36.81 4.07 -28.00
CA ALA C 236 -36.05 5.00 -27.16
C ALA C 236 -36.61 6.41 -27.16
N CYS C 237 -37.62 6.66 -27.99
CA CYS C 237 -38.13 8.00 -28.19
C CYS C 237 -38.70 8.59 -26.92
N GLU C 238 -39.50 7.83 -26.19
CA GLU C 238 -40.20 8.42 -25.05
C GLU C 238 -39.23 8.92 -23.99
N ALA C 239 -38.20 8.14 -23.67
CA ALA C 239 -37.31 8.52 -22.60
C ALA C 239 -36.48 9.74 -22.98
N GLN C 240 -36.01 9.79 -24.22
CA GLN C 240 -35.26 10.94 -24.67
C GLN C 240 -36.14 12.18 -24.67
N ALA C 241 -37.27 12.13 -25.35
CA ALA C 241 -38.16 13.28 -25.42
C ALA C 241 -38.66 13.68 -24.05
N LYS C 242 -38.78 12.72 -23.13
CA LYS C 242 -39.23 13.03 -21.79
C LYS C 242 -38.15 13.80 -21.03
N ALA C 243 -36.89 13.50 -21.32
CA ALA C 243 -35.80 14.17 -20.60
C ALA C 243 -35.59 15.58 -21.12
N PHE C 244 -35.66 15.77 -22.44
CA PHE C 244 -35.61 17.11 -22.99
C PHE C 244 -36.65 18.00 -22.32
N LYS C 245 -37.88 17.48 -22.19
CA LYS C 245 -38.93 18.27 -21.56
C LYS C 245 -38.64 18.51 -20.09
N ASP C 246 -38.12 17.50 -19.39
CA ASP C 246 -37.77 17.67 -17.99
C ASP C 246 -36.69 18.74 -17.83
N LYS C 247 -35.77 18.83 -18.79
CA LYS C 247 -34.67 19.76 -18.66
C LYS C 247 -35.06 21.17 -19.10
N VAL C 248 -35.88 21.27 -20.13
CA VAL C 248 -36.13 22.55 -20.78
C VAL C 248 -37.59 22.58 -21.22
N ASP C 249 -38.17 23.77 -21.26
CA ASP C 249 -39.62 23.91 -21.49
C ASP C 249 -39.92 23.76 -22.98
N VAL C 250 -39.91 22.50 -23.44
CA VAL C 250 -40.26 22.23 -24.82
C VAL C 250 -41.72 22.56 -25.04
N ALA C 251 -42.00 23.33 -26.09
CA ALA C 251 -43.38 23.69 -26.41
C ALA C 251 -43.84 23.22 -27.79
N SER C 252 -42.94 22.75 -28.65
CA SER C 252 -43.31 22.36 -30.00
C SER C 252 -42.57 21.10 -30.42
N VAL C 253 -43.14 20.40 -31.40
CA VAL C 253 -42.52 19.20 -31.94
C VAL C 253 -42.54 19.33 -33.46
N ILE C 254 -41.46 18.86 -34.08
CA ILE C 254 -41.31 18.85 -35.53
C ILE C 254 -40.66 17.52 -35.85
N VAL C 255 -41.31 16.74 -36.69
CA VAL C 255 -40.80 15.42 -37.05
C VAL C 255 -40.22 15.55 -38.44
N THR C 256 -38.99 15.10 -38.61
CA THR C 256 -38.34 15.23 -39.89
C THR C 256 -38.22 13.86 -40.54
N LYS C 257 -37.81 13.86 -41.82
CA LYS C 257 -37.55 12.63 -42.57
C LYS C 257 -38.82 11.79 -42.73
N LEU C 258 -39.94 12.49 -42.79
CA LEU C 258 -41.22 11.89 -43.15
C LEU C 258 -41.42 11.79 -44.64
N ASP C 259 -40.37 11.68 -45.43
CA ASP C 259 -40.53 11.63 -46.87
C ASP C 259 -41.13 10.30 -47.29
N GLY C 260 -42.21 10.37 -48.07
CA GLY C 260 -42.88 9.20 -48.60
C GLY C 260 -43.30 8.17 -47.59
N HIS C 261 -42.38 7.26 -47.27
CA HIS C 261 -42.71 6.00 -46.64
C HIS C 261 -42.64 6.04 -45.13
N ALA C 262 -42.12 7.10 -44.54
CA ALA C 262 -41.88 7.11 -43.11
C ALA C 262 -43.20 7.09 -42.34
N LYS C 263 -43.24 6.29 -41.28
CA LYS C 263 -44.39 6.21 -40.39
C LYS C 263 -44.27 7.20 -39.25
N GLY C 264 -43.24 7.06 -38.42
CA GLY C 264 -42.97 8.05 -37.40
C GLY C 264 -43.82 7.92 -36.16
N GLY C 265 -44.15 6.69 -35.77
CA GLY C 265 -44.99 6.44 -34.62
C GLY C 265 -44.40 6.92 -33.31
N GLY C 266 -43.11 7.23 -33.28
CA GLY C 266 -42.53 7.83 -32.10
C GLY C 266 -43.14 9.17 -31.77
N ALA C 267 -43.73 9.84 -32.74
CA ALA C 267 -44.29 11.16 -32.50
C ALA C 267 -45.36 11.12 -31.43
N LEU C 268 -46.07 10.00 -31.31
CA LEU C 268 -47.04 9.86 -30.23
C LEU C 268 -46.37 9.89 -28.87
N SER C 269 -45.24 9.18 -28.72
CA SER C 269 -44.43 9.30 -27.51
C SER C 269 -43.92 10.72 -27.33
N ALA C 270 -43.50 11.37 -28.42
CA ALA C 270 -42.93 12.71 -28.29
C ALA C 270 -43.99 13.73 -27.88
N VAL C 271 -45.21 13.58 -28.39
CA VAL C 271 -46.26 14.53 -28.03
C VAL C 271 -46.65 14.40 -26.57
N ALA C 272 -46.71 13.17 -26.06
CA ALA C 272 -47.08 13.00 -24.67
C ALA C 272 -45.94 13.41 -23.74
N ALA C 273 -44.73 12.93 -24.03
CA ALA C 273 -43.58 13.22 -23.18
C ALA C 273 -43.31 14.72 -23.05
N THR C 274 -43.52 15.47 -24.14
CA THR C 274 -43.22 16.91 -24.16
C THR C 274 -44.44 17.79 -23.99
N LYS C 275 -45.64 17.20 -23.83
CA LYS C 275 -46.88 17.99 -23.69
C LYS C 275 -47.01 19.02 -24.81
N SER C 276 -46.53 18.66 -25.99
CA SER C 276 -46.41 19.61 -27.09
C SER C 276 -47.04 19.06 -28.36
N PRO C 277 -47.58 19.95 -29.20
CA PRO C 277 -48.12 19.54 -30.51
C PRO C 277 -47.12 19.58 -31.65
N ILE C 278 -47.31 18.65 -32.59
CA ILE C 278 -46.52 18.60 -33.82
C ILE C 278 -46.99 19.72 -34.74
N ILE C 279 -46.08 20.65 -35.04
CA ILE C 279 -46.46 21.89 -35.73
C ILE C 279 -46.11 21.82 -37.20
N PHE C 280 -45.02 21.13 -37.52
CA PHE C 280 -44.59 20.97 -38.90
C PHE C 280 -44.07 19.56 -39.07
N ILE C 281 -43.79 19.20 -40.33
CA ILE C 281 -43.08 17.97 -40.65
C ILE C 281 -42.05 18.30 -41.72
N GLY C 282 -40.88 17.66 -41.65
CA GLY C 282 -39.90 17.68 -42.72
C GLY C 282 -40.11 16.53 -43.67
N THR C 283 -40.04 16.83 -44.98
CA THR C 283 -40.41 15.86 -46.00
C THR C 283 -39.30 15.65 -47.03
N GLY C 284 -38.08 16.05 -46.72
CA GLY C 284 -36.97 15.92 -47.65
C GLY C 284 -35.85 16.88 -47.31
N GLU C 285 -34.79 16.78 -48.10
CA GLU C 285 -33.57 17.51 -47.78
C GLU C 285 -33.62 19.00 -48.13
N HIS C 286 -34.50 19.43 -49.05
CA HIS C 286 -34.45 20.79 -49.54
C HIS C 286 -35.34 21.73 -48.75
N ILE C 287 -35.11 23.03 -48.93
CA ILE C 287 -35.68 24.02 -48.03
C ILE C 287 -37.20 24.09 -48.15
N ASP C 288 -37.76 23.61 -49.25
CA ASP C 288 -39.20 23.63 -49.42
C ASP C 288 -39.84 22.29 -49.09
N ASP C 289 -39.05 21.30 -48.65
CA ASP C 289 -39.58 20.00 -48.22
C ASP C 289 -39.97 20.09 -46.75
N PHE C 290 -41.09 20.80 -46.52
CA PHE C 290 -41.49 21.26 -45.20
C PHE C 290 -42.93 21.76 -45.27
N GLU C 291 -43.78 21.36 -44.33
CA GLU C 291 -45.18 21.70 -44.40
C GLU C 291 -45.80 21.61 -43.01
N PRO C 292 -46.89 22.33 -42.76
CA PRO C 292 -47.55 22.23 -41.46
C PRO C 292 -48.17 20.87 -41.24
N PHE C 293 -48.09 20.42 -40.00
CA PHE C 293 -48.62 19.11 -39.64
C PHE C 293 -50.13 19.11 -39.77
N LYS C 294 -50.66 18.06 -40.40
CA LYS C 294 -52.08 17.79 -40.46
C LYS C 294 -52.30 16.38 -39.94
N THR C 295 -53.31 16.22 -39.09
CA THR C 295 -53.41 15.00 -38.30
C THR C 295 -53.75 13.79 -39.17
N GLN C 296 -54.94 13.80 -39.78
CA GLN C 296 -55.44 12.65 -40.53
C GLN C 296 -54.40 12.05 -41.48
N PRO C 297 -53.70 12.84 -42.30
CA PRO C 297 -52.71 12.21 -43.20
C PRO C 297 -51.60 11.50 -42.47
N PHE C 298 -51.17 12.06 -41.32
CA PHE C 298 -50.12 11.43 -40.55
C PHE C 298 -50.62 10.14 -39.92
N ILE C 299 -51.80 10.21 -39.31
CA ILE C 299 -52.41 9.06 -38.67
C ILE C 299 -52.71 7.96 -39.69
N SER C 300 -53.24 8.35 -40.85
CA SER C 300 -53.54 7.40 -41.91
C SER C 300 -52.32 6.54 -42.24
N LYS C 301 -51.19 7.18 -42.53
CA LYS C 301 -49.98 6.46 -42.91
C LYS C 301 -49.56 5.50 -41.80
N LEU C 302 -49.80 5.90 -40.55
CA LEU C 302 -49.44 5.09 -39.40
C LEU C 302 -50.22 3.81 -39.38
N LEU C 303 -51.49 3.90 -39.77
CA LEU C 303 -52.48 2.86 -39.66
C LEU C 303 -52.21 1.75 -40.67
N GLY C 304 -52.71 0.56 -40.33
CA GLY C 304 -52.56 -0.62 -41.15
C GLY C 304 -53.62 -1.63 -40.77
N MET D 1 -48.91 -29.52 -29.66
CA MET D 1 -49.33 -29.60 -31.05
C MET D 1 -50.71 -30.21 -31.33
N GLY D 2 -51.79 -29.75 -30.67
CA GLY D 2 -51.81 -28.60 -29.76
C GLY D 2 -51.91 -29.00 -28.28
N SER D 3 -50.78 -29.52 -27.80
CA SER D 3 -50.68 -30.01 -26.45
C SER D 3 -50.72 -28.84 -25.47
N LEU D 4 -50.46 -29.14 -24.19
CA LEU D 4 -50.37 -28.15 -23.14
C LEU D 4 -48.95 -27.64 -22.95
N SER D 5 -47.96 -28.42 -23.37
CA SER D 5 -46.57 -27.97 -23.31
C SER D 5 -46.29 -26.91 -24.37
N ARG D 6 -46.73 -27.14 -25.60
CA ARG D 6 -46.66 -26.08 -26.59
C ARG D 6 -47.49 -24.86 -26.17
N GLU D 7 -48.60 -25.10 -25.50
CA GLU D 7 -49.49 -24.02 -25.12
C GLU D 7 -48.86 -23.13 -24.07
N ASP D 8 -48.16 -23.74 -23.09
CA ASP D 8 -47.39 -22.99 -22.12
C ASP D 8 -46.20 -22.29 -22.78
N MET D 9 -45.58 -22.95 -23.77
CA MET D 9 -44.46 -22.37 -24.50
C MET D 9 -44.87 -21.09 -25.22
N GLU D 10 -45.96 -21.14 -25.99
CA GLU D 10 -46.49 -19.94 -26.61
C GLU D 10 -46.73 -18.83 -25.59
N SER D 11 -47.14 -19.19 -24.37
CA SER D 11 -47.49 -18.18 -23.37
C SER D 11 -46.26 -17.41 -22.93
N VAL D 12 -45.12 -18.08 -22.82
CA VAL D 12 -43.91 -17.41 -22.40
C VAL D 12 -43.16 -16.82 -23.61
N LEU D 13 -43.22 -17.48 -24.76
CA LEU D 13 -42.69 -16.87 -25.98
C LEU D 13 -43.37 -15.54 -26.25
N ASP D 14 -44.63 -15.39 -25.85
CA ASP D 14 -45.31 -14.12 -26.05
C ASP D 14 -44.72 -13.03 -25.15
N LYS D 15 -44.53 -13.34 -23.87
CA LYS D 15 -43.92 -12.38 -22.97
C LYS D 15 -42.52 -12.00 -23.42
N MET D 16 -41.81 -12.93 -24.08
CA MET D 16 -40.47 -12.65 -24.59
C MET D 16 -40.54 -11.78 -25.84
N ARG D 17 -41.37 -12.19 -26.80
CA ARG D 17 -41.61 -11.37 -27.98
C ARG D 17 -41.91 -9.92 -27.59
N ASP D 18 -42.91 -9.71 -26.74
CA ASP D 18 -43.23 -8.36 -26.29
C ASP D 18 -42.04 -7.70 -25.60
N HIS D 19 -41.21 -8.49 -24.94
CA HIS D 19 -40.03 -7.94 -24.25
C HIS D 19 -39.03 -7.38 -25.26
N LEU D 20 -38.68 -8.18 -26.27
CA LEU D 20 -37.75 -7.76 -27.31
C LEU D 20 -38.25 -6.51 -28.02
N ILE D 21 -39.54 -6.46 -28.31
CA ILE D 21 -40.11 -5.31 -28.99
C ILE D 21 -39.90 -4.05 -28.15
N ALA D 22 -40.12 -4.15 -26.83
CA ALA D 22 -39.99 -3.00 -25.96
C ALA D 22 -38.53 -2.61 -25.76
N LYS D 23 -37.60 -3.53 -25.97
CA LYS D 23 -36.19 -3.20 -25.98
C LYS D 23 -35.71 -2.82 -27.37
N ASN D 24 -36.65 -2.45 -28.24
CA ASN D 24 -36.38 -1.90 -29.55
C ASN D 24 -35.90 -2.93 -30.57
N VAL D 25 -36.23 -4.21 -30.40
CA VAL D 25 -36.09 -5.13 -31.52
C VAL D 25 -37.22 -4.88 -32.49
N ALA D 26 -36.89 -4.88 -33.79
CA ALA D 26 -37.92 -4.84 -34.81
C ALA D 26 -38.95 -5.95 -34.55
N ALA D 27 -40.23 -5.58 -34.56
CA ALA D 27 -41.31 -6.48 -34.13
C ALA D 27 -41.28 -7.83 -34.86
N ASP D 28 -41.35 -7.81 -36.18
CA ASP D 28 -41.43 -9.05 -36.92
C ASP D 28 -40.12 -9.81 -36.99
N ILE D 29 -39.01 -9.18 -36.62
CA ILE D 29 -37.80 -9.93 -36.31
C ILE D 29 -37.97 -10.67 -34.99
N ALA D 30 -38.62 -10.02 -34.03
CA ALA D 30 -38.88 -10.62 -32.72
C ALA D 30 -39.82 -11.79 -32.86
N VAL D 31 -40.79 -11.68 -33.76
CA VAL D 31 -41.67 -12.79 -34.07
C VAL D 31 -40.87 -13.95 -34.68
N GLN D 32 -40.09 -13.68 -35.69
CA GLN D 32 -39.37 -14.76 -36.40
C GLN D 32 -38.44 -15.55 -35.49
N LEU D 33 -37.64 -14.90 -34.66
CA LEU D 33 -36.73 -15.71 -33.81
C LEU D 33 -37.53 -16.48 -32.78
N CYS D 34 -38.58 -15.88 -32.27
CA CYS D 34 -39.37 -16.66 -31.30
C CYS D 34 -39.90 -17.91 -32.00
N GLU D 35 -40.38 -17.80 -33.24
CA GLU D 35 -40.91 -18.98 -33.89
C GLU D 35 -39.84 -20.03 -34.14
N SER D 36 -38.60 -19.60 -34.35
CA SER D 36 -37.53 -20.58 -34.55
C SER D 36 -37.15 -21.26 -33.24
N VAL D 37 -37.37 -20.58 -32.12
CA VAL D 37 -37.28 -21.25 -30.82
C VAL D 37 -38.35 -22.33 -30.72
N ALA D 38 -39.60 -21.96 -31.00
CA ALA D 38 -40.74 -22.88 -30.96
C ALA D 38 -40.41 -24.21 -31.62
N ASN D 39 -39.88 -24.15 -32.85
CA ASN D 39 -39.51 -25.37 -33.55
C ASN D 39 -38.40 -26.11 -32.81
N LYS D 40 -37.28 -25.42 -32.61
CA LYS D 40 -36.11 -26.03 -31.97
C LYS D 40 -36.44 -26.61 -30.59
N LEU D 41 -37.42 -26.02 -29.89
CA LEU D 41 -37.62 -26.38 -28.49
C LEU D 41 -38.46 -27.63 -28.32
N GLU D 42 -39.42 -27.87 -29.21
CA GLU D 42 -40.20 -29.10 -29.13
C GLU D 42 -39.26 -30.30 -29.12
N GLY D 43 -39.46 -31.21 -28.17
CA GLY D 43 -40.50 -31.08 -27.15
C GLY D 43 -39.98 -31.06 -25.73
N THR D 48 -43.36 -28.17 -14.35
CA THR D 48 -42.09 -27.82 -14.95
C THR D 48 -42.24 -26.51 -15.70
N PHE D 49 -43.08 -25.62 -15.16
CA PHE D 49 -43.21 -24.26 -15.69
C PHE D 49 -41.94 -23.46 -15.50
N SER D 50 -41.21 -23.71 -14.40
CA SER D 50 -39.92 -23.06 -14.22
C SER D 50 -38.91 -23.58 -15.23
N THR D 51 -38.99 -24.87 -15.59
CA THR D 51 -38.00 -25.40 -16.51
C THR D 51 -38.27 -25.00 -17.95
N VAL D 52 -39.52 -24.75 -18.36
CA VAL D 52 -39.72 -24.16 -19.69
C VAL D 52 -39.06 -22.80 -19.76
N THR D 53 -39.46 -21.91 -18.87
CA THR D 53 -38.92 -20.55 -18.92
C THR D 53 -37.40 -20.56 -18.99
N SER D 54 -36.75 -21.42 -18.20
CA SER D 54 -35.29 -21.56 -18.34
C SER D 54 -34.91 -22.16 -19.69
N THR D 55 -35.63 -23.20 -20.13
CA THR D 55 -35.31 -23.82 -21.41
C THR D 55 -35.56 -22.86 -22.57
N VAL D 56 -36.60 -22.03 -22.49
CA VAL D 56 -36.82 -21.04 -23.53
C VAL D 56 -35.85 -19.88 -23.36
N LYS D 57 -35.66 -19.40 -22.13
CA LYS D 57 -34.76 -18.27 -21.90
C LYS D 57 -33.35 -18.60 -22.35
N GLN D 58 -32.92 -19.84 -22.15
CA GLN D 58 -31.62 -20.22 -22.68
C GLN D 58 -31.70 -20.39 -24.19
N ALA D 59 -32.76 -21.02 -24.70
CA ALA D 59 -32.88 -21.27 -26.13
C ALA D 59 -32.87 -19.98 -26.92
N LEU D 60 -33.43 -18.91 -26.35
CA LEU D 60 -33.42 -17.60 -26.97
C LEU D 60 -32.05 -16.97 -26.88
N GLN D 61 -31.52 -16.86 -25.66
CA GLN D 61 -30.20 -16.31 -25.42
C GLN D 61 -29.16 -16.94 -26.33
N GLU D 62 -29.33 -18.22 -26.65
CA GLU D 62 -28.36 -18.91 -27.49
C GLU D 62 -28.43 -18.43 -28.93
N SER D 63 -29.62 -18.07 -29.42
CA SER D 63 -29.77 -17.63 -30.80
C SER D 63 -29.40 -16.17 -30.94
N LEU D 64 -29.84 -15.34 -29.98
CA LEU D 64 -29.42 -13.95 -29.93
C LEU D 64 -27.90 -13.83 -30.09
N VAL D 65 -27.16 -14.55 -29.24
CA VAL D 65 -25.71 -14.60 -29.36
C VAL D 65 -25.30 -15.03 -30.76
N GLN D 66 -25.95 -16.05 -31.31
CA GLN D 66 -25.58 -16.58 -32.62
C GLN D 66 -25.91 -15.57 -33.73
N ILE D 67 -27.04 -14.87 -33.61
CA ILE D 67 -27.43 -13.84 -34.58
C ILE D 67 -26.41 -12.72 -34.62
N LEU D 68 -25.82 -12.41 -33.47
CA LEU D 68 -24.91 -11.27 -33.35
C LEU D 68 -23.56 -11.56 -34.00
N GLN D 69 -22.93 -12.66 -33.60
CA GLN D 69 -21.61 -12.97 -34.12
C GLN D 69 -21.73 -13.96 -35.26
N PRO D 70 -21.56 -13.55 -36.51
CA PRO D 70 -21.66 -14.49 -37.63
C PRO D 70 -20.35 -15.22 -37.87
N GLN D 71 -20.45 -16.31 -38.65
CA GLN D 71 -19.29 -17.11 -38.99
C GLN D 71 -18.22 -16.27 -39.66
N ARG D 72 -18.64 -15.28 -40.44
CA ARG D 72 -17.70 -14.39 -41.10
C ARG D 72 -17.02 -13.49 -40.09
N ARG D 73 -15.72 -13.29 -40.27
CA ARG D 73 -14.89 -12.51 -39.35
C ARG D 73 -14.13 -11.47 -40.19
N VAL D 74 -14.67 -10.26 -40.24
CA VAL D 74 -14.08 -9.20 -41.06
C VAL D 74 -12.93 -8.54 -40.31
N ASP D 75 -11.71 -8.67 -40.82
CA ASP D 75 -10.52 -8.15 -40.15
C ASP D 75 -9.93 -7.03 -40.99
N MET D 76 -10.37 -5.81 -40.69
CA MET D 76 -9.93 -4.63 -41.43
C MET D 76 -8.41 -4.62 -41.62
N LEU D 77 -7.67 -4.53 -40.52
CA LEU D 77 -6.23 -4.37 -40.63
C LEU D 77 -5.61 -5.47 -41.46
N ARG D 78 -5.96 -6.72 -41.18
CA ARG D 78 -5.31 -7.82 -41.90
C ARG D 78 -5.53 -7.72 -43.39
N ASP D 79 -6.74 -7.32 -43.80
CA ASP D 79 -7.03 -7.12 -45.21
C ASP D 79 -6.28 -5.92 -45.75
N ILE D 80 -6.07 -4.90 -44.93
CA ILE D 80 -5.30 -3.74 -45.37
C ILE D 80 -3.85 -4.14 -45.62
N MET D 81 -3.30 -4.97 -44.74
CA MET D 81 -1.95 -5.47 -44.94
C MET D 81 -1.82 -6.27 -46.22
N ASP D 82 -2.89 -6.93 -46.63
CA ASP D 82 -2.93 -7.54 -47.97
C ASP D 82 -2.92 -6.46 -49.04
N ALA D 83 -3.78 -5.45 -48.89
CA ALA D 83 -3.86 -4.39 -49.89
C ALA D 83 -2.52 -3.66 -50.03
N GLN D 84 -1.87 -3.37 -48.90
CA GLN D 84 -0.46 -2.95 -48.92
C GLN D 84 0.37 -3.88 -49.79
N ARG D 85 0.30 -5.17 -49.52
CA ARG D 85 1.16 -6.14 -50.21
C ARG D 85 0.90 -6.13 -51.72
N ARG D 86 -0.37 -6.06 -52.14
CA ARG D 86 -0.74 -5.98 -53.55
C ARG D 86 -0.41 -4.61 -54.16
N GLN D 87 0.03 -3.65 -53.34
CA GLN D 87 0.38 -2.31 -53.80
C GLN D 87 -0.82 -1.58 -54.41
N ARG D 88 -2.00 -1.87 -53.85
CA ARG D 88 -3.23 -1.19 -54.20
C ARG D 88 -3.88 -0.70 -52.92
N PRO D 89 -4.61 0.42 -52.96
CA PRO D 89 -5.24 0.91 -51.73
C PRO D 89 -6.39 0.00 -51.30
N TYR D 90 -6.75 0.12 -50.03
CA TYR D 90 -7.87 -0.61 -49.46
C TYR D 90 -9.03 0.36 -49.33
N VAL D 91 -10.03 0.20 -50.18
CA VAL D 91 -11.07 1.20 -50.32
C VAL D 91 -12.30 0.78 -49.53
N VAL D 92 -12.79 1.69 -48.70
CA VAL D 92 -13.93 1.47 -47.81
C VAL D 92 -14.95 2.56 -48.05
N THR D 93 -16.13 2.19 -48.53
CA THR D 93 -17.24 3.10 -48.74
C THR D 93 -18.18 3.10 -47.54
N PHE D 94 -18.58 4.28 -47.11
CA PHE D 94 -19.56 4.44 -46.05
C PHE D 94 -20.87 4.92 -46.65
N CYS D 95 -21.96 4.33 -46.18
CA CYS D 95 -23.30 4.63 -46.70
C CYS D 95 -24.34 4.40 -45.61
N GLY D 96 -25.53 4.93 -45.84
CA GLY D 96 -26.58 4.96 -44.83
C GLY D 96 -27.50 6.13 -45.06
N VAL D 97 -28.51 6.22 -44.22
CA VAL D 97 -29.55 7.24 -44.33
C VAL D 97 -29.09 8.53 -43.66
N ASN D 98 -29.98 9.50 -43.56
CA ASN D 98 -29.60 10.86 -43.21
C ASN D 98 -29.43 11.00 -41.69
N GLY D 99 -28.21 11.25 -41.24
CA GLY D 99 -28.00 11.65 -39.85
C GLY D 99 -27.42 10.60 -38.93
N VAL D 100 -27.18 9.39 -39.43
CA VAL D 100 -26.89 8.26 -38.55
C VAL D 100 -25.51 8.31 -37.94
N GLY D 101 -24.63 9.14 -38.49
CA GLY D 101 -23.27 9.26 -37.99
C GLY D 101 -22.23 8.84 -39.01
N LYS D 102 -22.51 9.03 -40.31
CA LYS D 102 -21.57 8.57 -41.32
C LYS D 102 -20.26 9.37 -41.29
N SER D 103 -20.37 10.69 -41.32
CA SER D 103 -19.17 11.52 -41.42
C SER D 103 -18.34 11.44 -40.15
N THR D 104 -18.98 11.51 -38.99
CA THR D 104 -18.24 11.54 -37.72
C THR D 104 -17.55 10.21 -37.42
N ASN D 105 -18.14 9.08 -37.85
CA ASN D 105 -17.52 7.80 -37.54
C ASN D 105 -16.47 7.38 -38.56
N LEU D 106 -16.51 7.95 -39.77
CA LEU D 106 -15.36 7.84 -40.68
C LEU D 106 -14.12 8.41 -40.02
N ALA D 107 -14.26 9.57 -39.37
CA ALA D 107 -13.13 10.24 -38.73
C ALA D 107 -12.57 9.40 -37.59
N LYS D 108 -13.46 8.81 -36.78
CA LYS D 108 -13.02 7.88 -35.76
C LYS D 108 -12.19 6.77 -36.37
N ILE D 109 -12.68 6.19 -37.46
CA ILE D 109 -12.02 5.02 -38.02
C ILE D 109 -10.68 5.42 -38.61
N SER D 110 -10.62 6.62 -39.19
CA SER D 110 -9.35 7.18 -39.63
C SER D 110 -8.36 7.27 -38.47
N PHE D 111 -8.82 7.82 -37.34
CA PHE D 111 -7.96 7.93 -36.17
C PHE D 111 -7.48 6.55 -35.73
N TRP D 112 -8.37 5.56 -35.78
CA TRP D 112 -7.99 4.20 -35.44
C TRP D 112 -6.91 3.69 -36.37
N LEU D 113 -7.10 3.86 -37.68
CA LEU D 113 -6.15 3.33 -38.65
C LEU D 113 -4.81 4.05 -38.58
N LEU D 114 -4.85 5.37 -38.38
CA LEU D 114 -3.61 6.11 -38.20
C LEU D 114 -2.90 5.65 -36.93
N GLU D 115 -3.65 5.53 -35.84
CA GLU D 115 -3.07 5.00 -34.62
C GLU D 115 -2.38 3.66 -34.86
N ASN D 116 -2.81 2.92 -35.87
CA ASN D 116 -2.23 1.64 -36.22
C ASN D 116 -1.20 1.78 -37.34
N GLY D 117 -0.90 2.99 -37.77
CA GLY D 117 0.20 3.20 -38.68
C GLY D 117 -0.17 3.05 -40.13
N PHE D 118 -1.38 3.49 -40.48
CA PHE D 118 -1.88 3.40 -41.83
C PHE D 118 -2.25 4.78 -42.33
N SER D 119 -1.85 5.07 -43.57
CA SER D 119 -2.20 6.32 -44.24
C SER D 119 -3.59 6.21 -44.87
N VAL D 120 -4.36 7.28 -44.79
CA VAL D 120 -5.76 7.22 -45.19
C VAL D 120 -6.11 8.49 -45.98
N LEU D 121 -6.61 8.29 -47.21
CA LEU D 121 -7.12 9.36 -48.05
C LEU D 121 -8.63 9.42 -47.86
N ILE D 122 -9.10 10.43 -47.13
CA ILE D 122 -10.52 10.65 -46.95
C ILE D 122 -11.06 11.32 -48.22
N ALA D 123 -12.06 10.69 -48.84
CA ALA D 123 -12.66 11.19 -50.08
C ALA D 123 -14.02 11.82 -49.76
N ALA D 124 -14.09 13.14 -49.84
CA ALA D 124 -15.33 13.87 -49.56
C ALA D 124 -16.29 13.68 -50.73
N CYS D 125 -17.16 12.67 -50.64
CA CYS D 125 -18.09 12.39 -51.72
C CYS D 125 -19.53 12.71 -51.38
N ASP D 126 -19.82 13.25 -50.21
CA ASP D 126 -21.10 13.95 -50.04
C ASP D 126 -20.90 15.33 -50.62
N THR D 127 -21.22 15.47 -51.91
CA THR D 127 -21.12 16.75 -52.59
C THR D 127 -22.43 17.51 -52.58
N PHE D 128 -23.37 17.13 -51.72
CA PHE D 128 -24.67 17.78 -51.68
C PHE D 128 -24.92 18.53 -50.39
N ARG D 129 -24.57 17.97 -49.25
CA ARG D 129 -25.04 18.54 -48.00
C ARG D 129 -24.16 19.71 -47.58
N ALA D 130 -24.79 20.86 -47.35
CA ALA D 130 -24.14 22.01 -46.75
C ALA D 130 -23.19 21.59 -45.65
N GLY D 131 -21.93 21.98 -45.79
CA GLY D 131 -20.94 21.71 -44.77
C GLY D 131 -20.32 20.33 -44.79
N ALA D 132 -20.70 19.47 -45.73
CA ALA D 132 -20.18 18.10 -45.72
C ALA D 132 -18.69 18.10 -45.96
N VAL D 133 -18.22 18.98 -46.85
CA VAL D 133 -16.81 19.02 -47.22
C VAL D 133 -16.02 19.76 -46.16
N GLU D 134 -16.53 20.90 -45.70
CA GLU D 134 -15.91 21.60 -44.58
C GLU D 134 -15.80 20.70 -43.37
N GLN D 135 -16.87 19.97 -43.05
CA GLN D 135 -16.87 19.09 -41.89
C GLN D 135 -15.71 18.11 -41.96
N LEU D 136 -15.58 17.42 -43.09
CA LEU D 136 -14.45 16.52 -43.26
C LEU D 136 -13.13 17.26 -43.10
N ARG D 137 -13.02 18.45 -43.69
CA ARG D 137 -11.79 19.22 -43.60
C ARG D 137 -11.37 19.44 -42.16
N THR D 138 -12.33 19.74 -41.27
CA THR D 138 -11.99 19.85 -39.86
C THR D 138 -11.32 18.59 -39.34
N HIS D 139 -11.81 17.41 -39.73
CA HIS D 139 -11.22 16.20 -39.16
C HIS D 139 -9.84 15.95 -39.72
N THR D 140 -9.67 16.11 -41.03
CA THR D 140 -8.37 15.93 -41.68
C THR D 140 -7.32 16.86 -41.09
N ARG D 141 -7.70 18.09 -40.76
CA ARG D 141 -6.76 19.01 -40.14
C ARG D 141 -6.35 18.52 -38.75
N ARG D 142 -7.33 18.07 -37.96
CA ARG D 142 -7.02 17.55 -36.64
C ARG D 142 -6.31 16.21 -36.72
N LEU D 143 -6.71 15.35 -37.65
CA LEU D 143 -6.11 14.03 -37.73
C LEU D 143 -4.66 14.12 -38.17
N SER D 144 -4.35 14.99 -39.14
CA SER D 144 -2.96 15.18 -39.55
C SER D 144 -2.15 15.85 -38.43
N ALA D 145 -2.72 16.88 -37.80
CA ALA D 145 -2.08 17.44 -36.61
C ALA D 145 -1.74 16.36 -35.59
N LEU D 146 -2.65 15.39 -35.40
CA LEU D 146 -2.34 14.32 -34.47
C LEU D 146 -1.29 13.36 -35.02
N HIS D 147 -1.15 13.28 -36.35
CA HIS D 147 -0.25 12.32 -36.99
C HIS D 147 0.55 13.00 -38.08
N PRO D 148 1.50 13.85 -37.71
CA PRO D 148 2.18 14.72 -38.68
C PRO D 148 3.27 13.98 -39.43
N PRO D 149 3.73 14.50 -40.56
CA PRO D 149 4.74 13.77 -41.35
C PRO D 149 5.95 13.42 -40.53
N GLU D 150 6.43 14.37 -39.72
CA GLU D 150 7.69 14.18 -38.99
C GLU D 150 7.67 12.91 -38.14
N LYS D 151 6.54 12.59 -37.51
CA LYS D 151 6.52 11.40 -36.67
C LYS D 151 6.70 10.14 -37.51
N HIS D 152 6.20 10.16 -38.74
CA HIS D 152 6.19 8.96 -39.57
C HIS D 152 7.26 8.96 -40.64
N GLY D 153 8.16 9.94 -40.62
CA GLY D 153 9.23 9.99 -41.59
C GLY D 153 8.82 10.79 -42.80
N GLY D 154 8.25 11.97 -42.58
CA GLY D 154 7.89 12.89 -43.64
C GLY D 154 6.71 12.49 -44.50
N ARG D 155 6.09 11.32 -44.26
CA ARG D 155 5.00 10.85 -45.11
C ARG D 155 3.67 11.45 -44.66
N THR D 156 2.92 12.00 -45.61
CA THR D 156 1.59 12.51 -45.33
C THR D 156 0.68 11.32 -45.02
N MET D 157 0.23 11.23 -43.78
CA MET D 157 -0.54 10.07 -43.34
C MET D 157 -2.03 10.28 -43.45
N VAL D 158 -2.50 11.51 -43.62
CA VAL D 158 -3.92 11.80 -43.77
C VAL D 158 -4.05 12.95 -44.74
N GLN D 159 -5.00 12.82 -45.66
CA GLN D 159 -5.23 13.89 -46.59
C GLN D 159 -6.65 13.74 -47.09
N LEU D 160 -7.27 14.88 -47.39
CA LEU D 160 -8.62 14.92 -47.91
C LEU D 160 -8.56 15.04 -49.43
N PHE D 161 -9.16 14.09 -50.13
CA PHE D 161 -9.47 14.27 -51.53
C PHE D 161 -10.84 14.90 -51.65
N GLU D 162 -10.93 15.96 -52.43
CA GLU D 162 -12.04 16.88 -52.34
C GLU D 162 -12.12 17.73 -53.60
N LYS D 163 -13.32 17.80 -54.18
CA LYS D 163 -13.64 18.59 -55.37
C LYS D 163 -14.91 19.40 -55.17
N GLY D 164 -15.08 19.98 -53.99
CA GLY D 164 -16.19 20.90 -53.77
C GLY D 164 -17.55 20.20 -53.71
N TYR D 165 -18.57 20.96 -54.08
CA TYR D 165 -19.95 20.51 -54.15
C TYR D 165 -20.42 20.41 -55.60
N GLY D 166 -21.50 19.67 -55.81
CA GLY D 166 -22.21 19.74 -57.07
C GLY D 166 -21.85 18.67 -58.09
N LYS D 167 -20.68 18.04 -58.00
CA LYS D 167 -20.25 17.09 -59.01
C LYS D 167 -20.72 15.68 -58.69
N ASP D 168 -20.48 14.77 -59.63
CA ASP D 168 -20.94 13.39 -59.52
C ASP D 168 -20.03 12.64 -58.56
N ALA D 169 -20.62 12.11 -57.48
CA ALA D 169 -19.84 11.51 -56.41
C ALA D 169 -19.11 10.25 -56.86
N ALA D 170 -19.76 9.42 -57.67
CA ALA D 170 -19.08 8.24 -58.20
C ALA D 170 -17.75 8.62 -58.81
N GLY D 171 -17.71 9.75 -59.53
CA GLY D 171 -16.52 10.16 -60.24
C GLY D 171 -15.40 10.60 -59.32
N ILE D 172 -15.71 11.57 -58.46
CA ILE D 172 -14.84 12.00 -57.38
C ILE D 172 -14.22 10.81 -56.67
N ALA D 173 -15.06 9.85 -56.28
CA ALA D 173 -14.56 8.62 -55.66
C ALA D 173 -13.59 7.89 -56.58
N MET D 174 -13.87 7.85 -57.88
CA MET D 174 -12.96 7.20 -58.81
C MET D 174 -11.63 7.93 -58.87
N GLU D 175 -11.67 9.26 -58.78
CA GLU D 175 -10.44 10.05 -58.80
C GLU D 175 -9.63 9.83 -57.54
N ALA D 176 -10.28 9.93 -56.38
CA ALA D 176 -9.59 9.78 -55.11
C ALA D 176 -8.90 8.44 -55.02
N ILE D 177 -9.57 7.38 -55.50
CA ILE D 177 -8.96 6.05 -55.45
C ILE D 177 -7.72 6.00 -56.32
N ALA D 178 -7.80 6.56 -57.53
CA ALA D 178 -6.62 6.67 -58.38
C ALA D 178 -5.56 7.54 -57.74
N PHE D 179 -5.97 8.71 -57.24
CA PHE D 179 -5.05 9.56 -56.54
C PHE D 179 -4.39 8.84 -55.38
N ALA D 180 -5.18 8.07 -54.62
CA ALA D 180 -4.60 7.30 -53.52
C ALA D 180 -3.64 6.25 -54.03
N ARG D 181 -3.90 5.69 -55.20
CA ARG D 181 -3.01 4.63 -55.67
C ARG D 181 -1.70 5.20 -56.16
N ASN D 182 -1.77 6.30 -56.92
CA ASN D 182 -0.56 6.96 -57.40
C ASN D 182 0.26 7.49 -56.24
N GLN D 183 -0.39 8.10 -55.26
CA GLN D 183 0.30 8.68 -54.11
C GLN D 183 0.60 7.66 -53.00
N GLY D 184 0.11 6.43 -53.12
CA GLY D 184 0.50 5.36 -52.21
C GLY D 184 -0.17 5.38 -50.86
N PHE D 185 -1.33 6.00 -50.72
CA PHE D 185 -2.09 5.93 -49.48
C PHE D 185 -2.58 4.51 -49.22
N ASP D 186 -2.54 4.09 -47.95
CA ASP D 186 -2.86 2.71 -47.61
C ASP D 186 -4.36 2.44 -47.70
N VAL D 187 -5.19 3.40 -47.29
CA VAL D 187 -6.63 3.21 -47.21
C VAL D 187 -7.33 4.43 -47.77
N VAL D 188 -8.40 4.22 -48.54
CA VAL D 188 -9.29 5.31 -48.94
C VAL D 188 -10.59 5.16 -48.16
N LEU D 189 -11.14 6.29 -47.72
CA LEU D 189 -12.36 6.31 -46.92
C LEU D 189 -13.38 7.20 -47.60
N VAL D 190 -14.29 6.57 -48.32
CA VAL D 190 -15.28 7.29 -49.12
C VAL D 190 -16.45 7.67 -48.25
N ASP D 191 -16.79 8.94 -48.24
CA ASP D 191 -17.92 9.44 -47.47
C ASP D 191 -19.02 9.74 -48.47
N THR D 192 -20.18 9.12 -48.32
CA THR D 192 -21.29 9.38 -49.21
C THR D 192 -22.36 10.14 -48.49
N ALA D 193 -23.27 10.72 -49.25
CA ALA D 193 -24.31 11.57 -48.72
C ALA D 193 -25.46 10.74 -48.15
N GLY D 194 -26.16 11.33 -47.18
CA GLY D 194 -27.32 10.68 -46.62
C GLY D 194 -28.48 10.65 -47.60
N ARG D 195 -29.33 9.62 -47.47
CA ARG D 195 -30.36 9.35 -48.46
C ARG D 195 -31.41 8.41 -47.86
N MET D 196 -32.69 8.63 -48.20
CA MET D 196 -33.73 7.73 -47.76
C MET D 196 -33.68 6.42 -48.55
N GLN D 197 -34.07 5.31 -47.92
CA GLN D 197 -33.81 4.03 -48.56
C GLN D 197 -34.69 3.82 -49.79
N ASP D 198 -35.83 4.50 -49.85
CA ASP D 198 -36.72 4.41 -50.99
C ASP D 198 -36.54 5.55 -51.99
N ASN D 199 -35.49 6.38 -51.86
CA ASN D 199 -35.24 7.42 -52.86
C ASN D 199 -34.41 6.79 -53.98
N ALA D 200 -35.11 6.26 -54.99
CA ALA D 200 -34.46 5.50 -56.06
C ALA D 200 -33.33 6.26 -56.78
N PRO D 201 -33.44 7.55 -57.08
CA PRO D 201 -32.30 8.24 -57.69
C PRO D 201 -31.06 8.24 -56.81
N LEU D 202 -31.19 8.63 -55.53
CA LEU D 202 -30.05 8.57 -54.64
C LEU D 202 -29.57 7.14 -54.44
N MET D 203 -30.50 6.18 -54.41
CA MET D 203 -30.10 4.80 -54.24
C MET D 203 -29.39 4.29 -55.49
N THR D 204 -29.84 4.73 -56.67
CA THR D 204 -29.14 4.35 -57.88
C THR D 204 -27.78 5.03 -57.95
N ALA D 205 -27.74 6.30 -57.57
CA ALA D 205 -26.48 7.04 -57.58
C ALA D 205 -25.44 6.37 -56.68
N LEU D 206 -25.90 5.89 -55.51
CA LEU D 206 -25.02 5.21 -54.58
C LEU D 206 -24.55 3.89 -55.14
N ALA D 207 -25.49 3.08 -55.65
CA ALA D 207 -25.13 1.85 -56.35
C ALA D 207 -24.11 2.15 -57.44
N LYS D 208 -24.30 3.27 -58.15
CA LYS D 208 -23.37 3.66 -59.21
C LYS D 208 -21.97 3.88 -58.64
N LEU D 209 -21.87 4.65 -57.56
CA LEU D 209 -20.56 4.86 -56.94
C LEU D 209 -19.91 3.54 -56.57
N ILE D 210 -20.69 2.61 -56.01
CA ILE D 210 -20.10 1.36 -55.53
C ILE D 210 -19.84 0.41 -56.68
N THR D 211 -20.71 0.42 -57.69
CA THR D 211 -20.54 -0.48 -58.83
C THR D 211 -19.34 -0.07 -59.69
N VAL D 212 -19.18 1.23 -59.95
CA VAL D 212 -18.08 1.70 -60.78
C VAL D 212 -16.74 1.52 -60.09
N ASN D 213 -16.69 1.78 -58.77
CA ASN D 213 -15.45 1.83 -58.03
C ASN D 213 -15.12 0.54 -57.29
N THR D 214 -16.00 -0.45 -57.35
CA THR D 214 -15.79 -1.80 -56.80
C THR D 214 -15.00 -1.78 -55.47
N PRO D 215 -15.48 -1.06 -54.46
CA PRO D 215 -14.70 -0.90 -53.22
C PRO D 215 -14.44 -2.22 -52.53
N ASP D 216 -13.30 -2.29 -51.83
CA ASP D 216 -12.92 -3.49 -51.11
C ASP D 216 -13.91 -3.82 -49.98
N LEU D 217 -14.69 -2.86 -49.53
CA LEU D 217 -15.56 -3.10 -48.38
C LEU D 217 -16.60 -1.99 -48.28
N VAL D 218 -17.89 -2.37 -48.29
CA VAL D 218 -19.01 -1.44 -48.12
C VAL D 218 -19.50 -1.54 -46.70
N LEU D 219 -19.57 -0.41 -46.00
CA LEU D 219 -20.05 -0.38 -44.62
C LEU D 219 -21.35 0.40 -44.52
N PHE D 220 -22.40 -0.29 -44.11
CA PHE D 220 -23.66 0.37 -43.78
C PHE D 220 -23.57 0.98 -42.38
N VAL D 221 -23.99 2.24 -42.25
CA VAL D 221 -24.02 2.93 -40.96
C VAL D 221 -25.48 3.10 -40.54
N GLY D 222 -25.81 2.63 -39.34
CA GLY D 222 -27.15 2.76 -38.81
C GLY D 222 -27.12 3.16 -37.36
N GLU D 223 -28.09 3.97 -36.95
CA GLU D 223 -28.16 4.48 -35.59
C GLU D 223 -29.00 3.55 -34.72
N ALA D 224 -28.46 3.17 -33.56
CA ALA D 224 -29.17 2.27 -32.67
C ALA D 224 -30.50 2.84 -32.17
N LEU D 225 -30.74 4.14 -32.38
CA LEU D 225 -32.02 4.77 -32.07
C LEU D 225 -33.13 4.38 -33.05
N VAL D 226 -32.81 3.76 -34.18
CA VAL D 226 -33.82 3.55 -35.21
C VAL D 226 -34.77 2.43 -34.78
N GLY D 227 -36.04 2.57 -35.17
CA GLY D 227 -37.03 1.57 -34.89
C GLY D 227 -37.03 0.43 -35.89
N ASN D 228 -38.21 0.14 -36.46
CA ASN D 228 -38.31 -0.99 -37.39
C ASN D 228 -37.68 -0.70 -38.74
N GLU D 229 -37.43 0.58 -39.02
CA GLU D 229 -36.75 1.02 -40.24
C GLU D 229 -35.36 0.41 -40.38
N ALA D 230 -34.81 -0.13 -39.29
CA ALA D 230 -33.54 -0.82 -39.39
C ALA D 230 -33.60 -1.95 -40.39
N VAL D 231 -34.77 -2.56 -40.53
CA VAL D 231 -34.93 -3.66 -41.46
C VAL D 231 -35.08 -3.14 -42.88
N ASP D 232 -35.97 -2.17 -43.07
CA ASP D 232 -36.20 -1.60 -44.40
C ASP D 232 -34.93 -1.00 -44.98
N GLN D 233 -34.13 -0.34 -44.14
CA GLN D 233 -32.95 0.33 -44.65
C GLN D 233 -31.93 -0.65 -45.18
N LEU D 234 -31.66 -1.72 -44.42
CA LEU D 234 -30.70 -2.69 -44.89
C LEU D 234 -31.22 -3.44 -46.10
N VAL D 235 -32.54 -3.67 -46.16
CA VAL D 235 -33.09 -4.44 -47.26
C VAL D 235 -33.01 -3.61 -48.54
N LYS D 236 -33.64 -2.44 -48.53
CA LYS D 236 -33.60 -1.55 -49.69
C LYS D 236 -32.16 -1.30 -50.15
N PHE D 237 -31.26 -1.04 -49.22
CA PHE D 237 -29.87 -0.71 -49.58
C PHE D 237 -29.22 -1.85 -50.33
N ASN D 238 -29.29 -3.06 -49.80
CA ASN D 238 -28.72 -4.20 -50.53
C ASN D 238 -29.47 -4.47 -51.82
N ARG D 239 -30.77 -4.19 -51.84
CA ARG D 239 -31.56 -4.36 -53.05
C ARG D 239 -31.09 -3.43 -54.15
N ALA D 240 -30.85 -2.16 -53.80
CA ALA D 240 -30.28 -1.21 -54.75
C ALA D 240 -28.91 -1.66 -55.22
N LEU D 241 -28.09 -2.20 -54.30
CA LEU D 241 -26.76 -2.62 -54.74
C LEU D 241 -26.84 -3.86 -55.61
N ALA D 242 -27.86 -4.69 -55.40
CA ALA D 242 -28.03 -5.91 -56.18
C ALA D 242 -28.69 -5.62 -57.52
N ASP D 243 -29.77 -4.82 -57.51
CA ASP D 243 -30.45 -4.47 -58.75
C ASP D 243 -29.56 -3.73 -59.74
N HIS D 244 -28.53 -3.03 -59.27
CA HIS D 244 -27.80 -2.13 -60.14
C HIS D 244 -26.37 -2.56 -60.43
N SER D 245 -25.97 -3.75 -60.01
CA SER D 245 -24.63 -4.24 -60.26
C SER D 245 -24.56 -4.94 -61.62
N MET D 246 -23.47 -5.70 -61.86
CA MET D 246 -23.29 -6.35 -63.16
C MET D 246 -22.61 -7.71 -63.15
N ALA D 247 -22.21 -8.26 -62.01
CA ALA D 247 -21.51 -9.55 -62.03
C ALA D 247 -22.27 -10.57 -61.19
N GLN D 248 -21.98 -11.85 -61.41
CA GLN D 248 -22.53 -12.89 -60.55
C GLN D 248 -21.97 -12.74 -59.14
N THR D 249 -22.83 -12.99 -58.15
CA THR D 249 -22.61 -12.56 -56.78
C THR D 249 -22.28 -11.06 -56.77
N PRO D 250 -23.26 -10.20 -57.05
CA PRO D 250 -22.99 -8.76 -57.09
C PRO D 250 -22.77 -8.20 -55.69
N ARG D 251 -21.77 -7.32 -55.58
CA ARG D 251 -21.21 -6.93 -54.29
C ARG D 251 -22.15 -6.05 -53.50
N LEU D 252 -22.49 -6.47 -52.29
CA LEU D 252 -23.42 -5.79 -51.41
C LEU D 252 -22.69 -5.29 -50.15
N ILE D 253 -23.47 -4.93 -49.12
CA ILE D 253 -22.92 -4.48 -47.86
C ILE D 253 -22.10 -5.57 -47.22
N ASP D 254 -20.92 -5.20 -46.69
CA ASP D 254 -20.05 -6.19 -46.09
C ASP D 254 -20.01 -6.13 -44.57
N GLY D 255 -20.68 -5.17 -43.96
CA GLY D 255 -20.59 -5.02 -42.51
C GLY D 255 -21.35 -3.80 -42.06
N ILE D 256 -21.43 -3.63 -40.75
CA ILE D 256 -22.27 -2.61 -40.15
C ILE D 256 -21.48 -1.79 -39.12
N VAL D 257 -21.62 -0.48 -39.20
CA VAL D 257 -21.18 0.43 -38.15
C VAL D 257 -22.44 0.87 -37.43
N LEU D 258 -22.55 0.51 -36.17
CA LEU D 258 -23.75 0.79 -35.39
C LEU D 258 -23.43 1.95 -34.46
N THR D 259 -24.23 3.00 -34.53
CA THR D 259 -23.86 4.27 -33.92
C THR D 259 -24.86 4.63 -32.82
N LYS D 260 -24.44 5.55 -31.96
CA LYS D 260 -25.32 6.17 -30.97
C LYS D 260 -25.85 5.14 -29.97
N PHE D 261 -25.00 4.14 -29.70
CA PHE D 261 -25.24 3.16 -28.65
C PHE D 261 -25.39 3.83 -27.30
N ASP D 262 -24.72 4.95 -27.12
CA ASP D 262 -24.72 5.69 -25.89
C ASP D 262 -25.98 6.48 -25.68
N THR D 263 -27.00 6.26 -26.50
CA THR D 263 -28.24 7.03 -26.42
C THR D 263 -29.47 6.19 -26.10
N ILE D 264 -29.39 4.86 -26.23
CA ILE D 264 -30.58 4.02 -26.23
C ILE D 264 -30.80 3.30 -24.90
N ASP D 265 -29.91 3.50 -23.92
CA ASP D 265 -30.02 2.93 -22.57
C ASP D 265 -29.94 1.41 -22.74
N ASP D 266 -30.94 0.64 -22.30
CA ASP D 266 -31.02 -0.82 -22.45
C ASP D 266 -31.73 -1.26 -23.71
N LYS D 267 -32.36 -0.33 -24.44
CA LYS D 267 -33.09 -0.65 -25.66
C LYS D 267 -32.08 -0.91 -26.77
N VAL D 268 -31.37 -2.01 -26.65
CA VAL D 268 -30.18 -2.32 -27.41
C VAL D 268 -30.59 -3.06 -28.69
N GLY D 269 -31.89 -3.07 -28.97
CA GLY D 269 -32.46 -4.03 -29.91
C GLY D 269 -32.11 -3.80 -31.38
N ALA D 270 -31.51 -2.67 -31.74
CA ALA D 270 -31.27 -2.48 -33.17
C ALA D 270 -30.10 -3.30 -33.70
N ALA D 271 -29.27 -3.88 -32.83
CA ALA D 271 -28.17 -4.71 -33.29
C ALA D 271 -28.66 -6.08 -33.73
N ILE D 272 -29.74 -6.58 -33.16
CA ILE D 272 -30.31 -7.85 -33.61
C ILE D 272 -31.00 -7.66 -34.96
N SER D 273 -31.79 -6.59 -35.09
CA SER D 273 -32.51 -6.32 -36.33
C SER D 273 -31.57 -6.24 -37.53
N MET D 274 -30.39 -5.65 -37.34
CA MET D 274 -29.46 -5.47 -38.45
C MET D 274 -28.66 -6.72 -38.72
N THR D 275 -28.13 -7.36 -37.66
CA THR D 275 -27.41 -8.62 -37.82
C THR D 275 -28.30 -9.79 -38.16
N TYR D 276 -29.62 -9.61 -38.16
CA TYR D 276 -30.52 -10.69 -38.54
C TYR D 276 -30.76 -10.72 -40.05
N ILE D 277 -31.16 -9.58 -40.65
CA ILE D 277 -31.53 -9.57 -42.06
C ILE D 277 -30.30 -9.68 -42.95
N THR D 278 -29.20 -9.09 -42.52
CA THR D 278 -27.90 -9.35 -43.13
C THR D 278 -27.18 -10.37 -42.26
N SER D 279 -26.45 -11.27 -42.88
CA SER D 279 -25.57 -12.10 -42.07
C SER D 279 -24.25 -11.42 -41.79
N LYS D 280 -24.08 -10.20 -42.23
CA LYS D 280 -22.81 -9.54 -42.07
C LYS D 280 -22.67 -8.97 -40.66
N PRO D 281 -21.45 -8.86 -40.17
CA PRO D 281 -21.22 -8.50 -38.76
C PRO D 281 -21.26 -7.00 -38.51
N ILE D 282 -21.46 -6.64 -37.24
CA ILE D 282 -21.26 -5.28 -36.79
C ILE D 282 -19.76 -5.07 -36.56
N VAL D 283 -19.18 -4.16 -37.32
CA VAL D 283 -17.73 -4.00 -37.40
C VAL D 283 -17.21 -3.04 -36.32
N PHE D 284 -17.94 -1.96 -36.04
CA PHE D 284 -17.57 -0.95 -35.05
C PHE D 284 -18.85 -0.49 -34.38
N VAL D 285 -18.73 0.03 -33.16
CA VAL D 285 -19.89 0.52 -32.42
C VAL D 285 -19.64 1.97 -32.00
N GLY D 286 -20.50 2.88 -32.42
CA GLY D 286 -20.38 4.27 -32.04
C GLY D 286 -20.86 4.43 -30.62
N THR D 287 -20.03 5.06 -29.78
CA THR D 287 -20.36 5.23 -28.37
C THR D 287 -20.33 6.70 -27.94
N GLY D 288 -20.22 7.61 -28.88
CA GLY D 288 -20.19 9.03 -28.56
C GLY D 288 -19.67 9.81 -29.76
N GLN D 289 -19.47 11.10 -29.55
CA GLN D 289 -19.17 11.99 -30.65
C GLN D 289 -17.67 12.28 -30.84
N THR D 290 -16.76 11.54 -30.18
CA THR D 290 -15.34 11.85 -30.27
C THR D 290 -14.56 10.65 -30.82
N TYR D 291 -13.29 10.88 -31.18
CA TYR D 291 -12.47 9.89 -31.88
C TYR D 291 -12.27 8.60 -31.12
N CYS D 292 -12.37 8.62 -29.80
CA CYS D 292 -12.15 7.42 -29.02
C CYS D 292 -13.41 6.59 -28.85
N ASP D 293 -14.59 7.18 -29.09
CA ASP D 293 -15.88 6.55 -28.93
C ASP D 293 -16.19 5.50 -30.01
N LEU D 294 -15.22 4.66 -30.28
CA LEU D 294 -15.31 3.62 -31.30
C LEU D 294 -15.00 2.30 -30.62
N ARG D 295 -16.02 1.49 -30.39
CA ARG D 295 -15.87 0.24 -29.67
C ARG D 295 -16.26 -0.92 -30.55
N SER D 296 -15.86 -2.11 -30.12
CA SER D 296 -16.32 -3.33 -30.76
C SER D 296 -17.59 -3.84 -30.08
N LEU D 297 -18.27 -4.74 -30.78
CA LEU D 297 -19.54 -5.27 -30.33
C LEU D 297 -19.30 -6.36 -29.30
N ASN D 298 -19.98 -6.26 -28.17
CA ASN D 298 -19.94 -7.31 -27.14
C ASN D 298 -21.28 -8.03 -27.17
N ALA D 299 -21.31 -9.19 -27.82
CA ALA D 299 -22.57 -9.93 -27.94
C ALA D 299 -23.05 -10.40 -26.56
N LYS D 300 -22.16 -11.02 -25.78
CA LYS D 300 -22.54 -11.43 -24.43
C LYS D 300 -23.17 -10.29 -23.65
N ALA D 301 -22.71 -9.05 -23.89
CA ALA D 301 -23.20 -7.89 -23.16
C ALA D 301 -24.46 -7.31 -23.78
N VAL D 302 -24.61 -7.42 -25.10
CA VAL D 302 -25.84 -6.96 -25.73
C VAL D 302 -26.99 -7.90 -25.39
N VAL D 303 -26.75 -9.21 -25.51
CA VAL D 303 -27.76 -10.19 -25.17
C VAL D 303 -28.09 -10.10 -23.69
N ALA D 304 -27.07 -9.87 -22.85
CA ALA D 304 -27.31 -9.63 -21.44
C ALA D 304 -28.34 -8.52 -21.24
N ALA D 305 -28.05 -7.34 -21.78
CA ALA D 305 -28.98 -6.23 -21.72
C ALA D 305 -30.35 -6.64 -22.22
N LEU D 306 -30.38 -7.33 -23.35
CA LEU D 306 -31.65 -7.68 -23.98
C LEU D 306 -32.51 -8.57 -23.09
N MET D 307 -31.89 -9.30 -22.15
CA MET D 307 -32.64 -10.23 -21.31
C MET D 307 -33.15 -9.61 -20.01
N LYS D 308 -32.65 -8.43 -19.60
CA LYS D 308 -33.00 -7.97 -18.26
C LYS D 308 -34.18 -7.00 -18.22
N ALA D 309 -34.21 -6.01 -19.12
CA ALA D 309 -35.13 -4.84 -19.11
C ALA D 309 -35.86 -4.51 -17.80
N ILE E 30 8.78 44.76 1.31
CA ILE E 30 8.33 44.82 2.69
C ILE E 30 6.81 44.70 2.72
N ILE E 31 6.21 44.49 1.55
CA ILE E 31 4.77 44.27 1.52
C ILE E 31 4.42 42.96 2.21
N ASN E 32 5.35 42.00 2.20
CA ASN E 32 5.17 40.71 2.84
C ASN E 32 5.34 40.79 4.35
N GLU E 33 6.11 41.78 4.83
CA GLU E 33 6.28 41.97 6.27
C GLU E 33 4.97 42.37 6.93
N GLU E 34 4.19 43.21 6.26
CA GLU E 34 2.85 43.55 6.75
C GLU E 34 1.92 42.35 6.69
N VAL E 35 2.01 41.57 5.61
CA VAL E 35 1.11 40.44 5.40
C VAL E 35 1.39 39.33 6.41
N LEU E 36 2.66 39.11 6.75
CA LEU E 36 3.01 38.08 7.72
C LEU E 36 2.47 38.43 9.11
N ASN E 37 2.87 39.59 9.64
CA ASN E 37 2.37 40.02 10.96
C ASN E 37 0.86 39.99 10.99
N ALA E 38 0.21 40.32 9.87
CA ALA E 38 -1.24 40.40 9.85
C ALA E 38 -1.86 39.03 10.12
N MET E 39 -1.39 38.01 9.40
CA MET E 39 -1.91 36.67 9.62
C MET E 39 -1.39 36.08 10.92
N LEU E 40 -0.14 36.39 11.27
CA LEU E 40 0.44 35.88 12.51
C LEU E 40 -0.23 36.51 13.72
N LYS E 41 -0.55 37.80 13.66
CA LYS E 41 -1.32 38.40 14.74
C LYS E 41 -2.65 37.68 14.91
N GLU E 42 -3.23 37.21 13.81
CA GLU E 42 -4.53 36.52 13.88
C GLU E 42 -4.38 35.15 14.52
N VAL E 43 -3.44 34.34 14.04
CA VAL E 43 -3.22 33.02 14.63
C VAL E 43 -2.96 33.16 16.13
N CYS E 44 -2.04 34.04 16.52
CA CYS E 44 -1.74 34.26 17.94
C CYS E 44 -2.98 34.59 18.74
N THR E 45 -3.89 35.39 18.18
CA THR E 45 -5.10 35.73 18.91
C THR E 45 -6.00 34.51 19.04
N ALA E 46 -6.11 33.71 17.97
CA ALA E 46 -6.82 32.44 18.06
C ALA E 46 -6.24 31.56 19.17
N LEU E 47 -4.92 31.34 19.16
CA LEU E 47 -4.31 30.42 20.11
C LEU E 47 -4.53 30.87 21.55
N LEU E 48 -4.29 32.13 21.84
CA LEU E 48 -4.52 32.61 23.20
C LEU E 48 -5.94 32.31 23.65
N GLU E 49 -6.91 32.61 22.78
CA GLU E 49 -8.32 32.37 23.11
C GLU E 49 -8.69 30.89 23.13
N ALA E 50 -7.86 30.02 22.57
CA ALA E 50 -8.00 28.58 22.77
C ALA E 50 -7.30 28.13 24.04
N ASP E 51 -7.03 29.04 24.98
CA ASP E 51 -6.43 28.72 26.28
C ASP E 51 -5.05 28.07 26.15
N VAL E 52 -4.30 28.44 25.11
CA VAL E 52 -2.90 28.05 25.02
C VAL E 52 -2.07 28.93 25.93
N ASN E 53 -1.08 28.34 26.60
CA ASN E 53 -0.17 29.12 27.45
C ASN E 53 0.50 30.22 26.62
N ILE E 54 0.39 31.46 27.08
CA ILE E 54 0.87 32.60 26.29
C ILE E 54 2.34 32.45 25.96
N LYS E 55 3.12 31.91 26.90
CA LYS E 55 4.52 31.65 26.64
C LYS E 55 4.71 30.70 25.45
N LEU E 56 3.73 29.81 25.21
CA LEU E 56 3.80 28.90 24.07
C LEU E 56 3.35 29.57 22.79
N VAL E 57 2.37 30.46 22.90
CA VAL E 57 1.91 31.21 21.74
C VAL E 57 3.07 32.05 21.18
N LYS E 58 3.81 32.72 22.06
CA LYS E 58 4.88 33.59 21.59
C LYS E 58 6.04 32.78 21.04
N GLN E 59 6.33 31.62 21.64
CA GLN E 59 7.43 30.81 21.13
C GLN E 59 7.11 30.27 19.75
N LEU E 60 5.85 29.93 19.52
CA LEU E 60 5.47 29.42 18.21
C LEU E 60 5.56 30.52 17.16
N ARG E 61 5.09 31.73 17.50
CA ARG E 61 5.22 32.87 16.59
C ARG E 61 6.65 33.05 16.11
N GLU E 62 7.62 32.91 17.01
CA GLU E 62 9.01 32.92 16.59
C GLU E 62 9.36 31.69 15.78
N ASN E 63 8.75 30.54 16.10
CA ASN E 63 9.05 29.31 15.37
C ASN E 63 8.57 29.38 13.94
N VAL E 64 7.41 29.98 13.71
CA VAL E 64 6.81 29.97 12.38
C VAL E 64 7.50 30.98 11.46
N LYS E 65 8.12 32.04 12.02
CA LYS E 65 8.87 32.98 11.20
C LYS E 65 10.12 32.34 10.62
N SER E 66 10.88 31.63 11.47
CA SER E 66 12.01 30.84 10.99
C SER E 66 11.57 29.86 9.92
N ALA E 67 10.39 29.25 10.09
CA ALA E 67 9.94 28.22 9.16
C ALA E 67 9.58 28.80 7.80
N ILE E 68 9.02 30.01 7.77
CA ILE E 68 8.39 30.50 6.54
C ILE E 68 9.45 30.75 5.47
N ASP E 69 10.65 31.22 5.86
CA ASP E 69 11.74 31.45 4.93
C ASP E 69 11.31 32.31 3.75
N LEU E 70 10.45 33.29 4.02
CA LEU E 70 9.96 34.14 2.96
C LEU E 70 11.07 35.05 2.45
N ASN E 78 -2.95 32.07 -0.75
CA ASN E 78 -1.60 32.05 -1.28
C ASN E 78 -0.62 32.19 -0.15
N LYS E 79 -0.25 33.44 0.14
CA LYS E 79 0.69 33.70 1.23
C LYS E 79 0.16 33.15 2.54
N ARG E 80 -1.16 33.21 2.77
CA ARG E 80 -1.66 32.81 4.07
C ARG E 80 -1.70 31.31 4.22
N LYS E 81 -2.14 30.60 3.18
CA LYS E 81 -2.20 29.15 3.26
C LYS E 81 -0.86 28.59 3.73
N MET E 82 0.23 29.14 3.22
CA MET E 82 1.56 28.74 3.65
C MET E 82 1.81 29.04 5.11
N ILE E 83 1.20 30.12 5.61
CA ILE E 83 1.34 30.44 7.02
C ILE E 83 0.56 29.45 7.87
N GLN E 84 -0.71 29.25 7.54
CA GLN E 84 -1.56 28.36 8.33
C GLN E 84 -0.99 26.95 8.35
N HIS E 85 -0.43 26.51 7.22
CA HIS E 85 0.22 25.22 7.16
C HIS E 85 1.36 25.14 8.16
N ALA E 86 2.21 26.18 8.20
CA ALA E 86 3.36 26.17 9.09
C ALA E 86 2.92 26.19 10.55
N VAL E 87 1.88 26.96 10.87
CA VAL E 87 1.30 26.94 12.22
C VAL E 87 0.84 25.54 12.59
N PHE E 88 0.03 24.93 11.72
CA PHE E 88 -0.46 23.59 12.01
C PHE E 88 0.69 22.62 12.19
N LYS E 89 1.74 22.77 11.38
CA LYS E 89 2.89 21.90 11.53
C LYS E 89 3.55 22.09 12.88
N GLU E 90 3.52 23.31 13.41
CA GLU E 90 4.13 23.60 14.69
C GLU E 90 3.23 23.13 15.83
N LEU E 91 1.93 23.36 15.71
CA LEU E 91 0.98 22.92 16.73
C LEU E 91 1.04 21.41 16.94
N VAL E 92 1.24 20.65 15.87
CA VAL E 92 1.30 19.21 16.01
C VAL E 92 2.55 18.79 16.75
N LYS E 93 3.68 19.42 16.45
CA LYS E 93 4.93 19.17 17.19
C LYS E 93 4.75 19.49 18.67
N LEU E 94 3.81 20.37 19.01
CA LEU E 94 3.55 20.71 20.40
C LEU E 94 2.82 19.60 21.13
N VAL E 95 1.86 18.95 20.47
CA VAL E 95 1.12 17.85 21.09
C VAL E 95 1.85 16.53 21.06
N ASP E 96 2.93 16.41 20.29
CA ASP E 96 3.72 15.18 20.31
C ASP E 96 4.80 15.31 21.36
N PRO E 97 4.78 14.49 22.41
CA PRO E 97 5.89 14.50 23.36
C PRO E 97 7.09 13.70 22.89
N GLY E 98 7.03 13.12 21.68
CA GLY E 98 8.02 12.16 21.26
C GLY E 98 7.96 10.85 21.98
N VAL E 99 6.95 10.63 22.81
CA VAL E 99 6.85 9.44 23.65
C VAL E 99 5.69 8.59 23.17
N LYS E 100 5.95 7.31 22.95
CA LYS E 100 4.88 6.38 22.61
C LYS E 100 3.96 6.21 23.79
N ALA E 101 2.66 6.17 23.52
CA ALA E 101 1.68 5.92 24.57
C ALA E 101 1.85 4.53 25.15
N TRP E 102 1.53 4.39 26.44
CA TRP E 102 1.62 3.11 27.13
C TRP E 102 0.39 2.25 26.82
N THR E 103 0.59 0.94 26.86
CA THR E 103 -0.51 0.04 26.56
C THR E 103 -0.49 -1.18 27.47
N PRO E 104 -1.65 -1.66 27.89
CA PRO E 104 -1.70 -2.83 28.78
C PRO E 104 -1.36 -4.10 28.05
N THR E 105 -0.81 -5.05 28.80
CA THR E 105 -0.42 -6.35 28.28
C THR E 105 -1.46 -7.39 28.66
N LYS E 106 -1.92 -8.16 27.67
CA LYS E 106 -2.88 -9.22 27.94
C LYS E 106 -2.24 -10.33 28.75
N GLY E 107 -3.02 -10.93 29.64
CA GLY E 107 -2.56 -11.99 30.48
C GLY E 107 -2.00 -11.53 31.82
N LYS E 108 -1.46 -10.31 31.88
CA LYS E 108 -0.84 -9.84 33.11
C LYS E 108 -1.59 -8.64 33.67
N GLN E 109 -1.30 -8.35 34.94
CA GLN E 109 -2.13 -7.49 35.78
C GLN E 109 -1.65 -6.05 35.66
N ASN E 110 -2.44 -5.22 35.00
CA ASN E 110 -2.09 -3.83 34.74
C ASN E 110 -2.85 -2.93 35.72
N VAL E 111 -2.11 -2.11 36.46
CA VAL E 111 -2.69 -1.15 37.40
C VAL E 111 -2.57 0.26 36.85
N ILE E 112 -3.69 0.96 36.76
CA ILE E 112 -3.79 2.29 36.17
C ILE E 112 -4.31 3.23 37.25
N MET E 113 -3.57 4.30 37.52
CA MET E 113 -3.91 5.23 38.60
C MET E 113 -4.27 6.60 38.03
N PHE E 114 -5.39 7.17 38.50
CA PHE E 114 -5.94 8.43 38.00
C PHE E 114 -5.71 9.55 39.00
N VAL E 115 -5.12 10.65 38.53
CA VAL E 115 -4.84 11.82 39.35
C VAL E 115 -5.16 13.08 38.56
N GLY E 116 -5.45 14.15 39.29
CA GLY E 116 -5.85 15.38 38.64
C GLY E 116 -6.43 16.37 39.63
N LEU E 117 -6.72 17.55 39.11
CA LEU E 117 -7.25 18.59 39.95
C LEU E 117 -8.71 18.29 40.32
N GLN E 118 -9.17 19.00 41.33
CA GLN E 118 -10.54 18.84 41.80
C GLN E 118 -11.51 19.19 40.69
N GLY E 119 -12.38 18.24 40.35
CA GLY E 119 -13.39 18.44 39.36
C GLY E 119 -12.98 18.07 37.97
N SER E 120 -11.73 17.62 37.77
CA SER E 120 -11.20 17.50 36.43
C SER E 120 -11.98 16.50 35.58
N GLY E 121 -12.46 15.41 36.18
CA GLY E 121 -13.22 14.42 35.47
C GLY E 121 -12.78 13.02 35.84
N LYS E 122 -12.12 12.88 36.99
CA LYS E 122 -11.42 11.62 37.30
C LYS E 122 -12.39 10.46 37.48
N THR E 123 -13.38 10.61 38.36
CA THR E 123 -14.23 9.48 38.71
C THR E 123 -14.99 8.97 37.49
N THR E 124 -15.59 9.89 36.72
CA THR E 124 -16.35 9.49 35.56
C THR E 124 -15.45 8.89 34.48
N THR E 125 -14.26 9.45 34.29
CA THR E 125 -13.30 8.93 33.32
C THR E 125 -12.82 7.54 33.69
N CYS E 126 -12.78 7.23 34.99
CA CYS E 126 -12.31 5.93 35.45
C CYS E 126 -13.17 4.82 34.87
N SER E 127 -14.48 4.98 34.97
CA SER E 127 -15.37 3.97 34.41
C SER E 127 -15.42 4.05 32.90
N LYS E 128 -15.34 5.26 32.32
CA LYS E 128 -15.18 5.38 30.87
C LYS E 128 -14.03 4.52 30.39
N LEU E 129 -12.88 4.66 31.03
CA LEU E 129 -11.73 3.90 30.60
C LEU E 129 -11.95 2.42 30.80
N ALA E 130 -12.57 2.03 31.92
CA ALA E 130 -12.85 0.62 32.16
C ALA E 130 -13.85 0.07 31.13
N TYR E 131 -14.98 0.76 30.97
CA TYR E 131 -15.97 0.35 29.99
C TYR E 131 -15.37 0.19 28.61
N TYR E 132 -14.51 1.12 28.22
CA TYR E 132 -13.72 1.00 27.01
C TYR E 132 -13.04 -0.35 26.93
N TYR E 133 -12.16 -0.63 27.90
CA TYR E 133 -11.36 -1.86 27.85
C TYR E 133 -12.23 -3.09 28.01
N GLN E 134 -13.33 -2.98 28.77
CA GLN E 134 -14.24 -4.10 28.92
C GLN E 134 -14.87 -4.46 27.59
N ARG E 135 -15.30 -3.45 26.82
CA ARG E 135 -15.87 -3.69 25.50
C ARG E 135 -14.88 -4.28 24.52
N LYS E 136 -13.57 -4.15 24.79
CA LYS E 136 -12.56 -4.74 23.94
C LYS E 136 -12.01 -6.05 24.51
N GLY E 137 -12.70 -6.61 25.51
CA GLY E 137 -12.39 -7.96 25.94
C GLY E 137 -11.38 -8.06 27.04
N TRP E 138 -11.24 -7.04 27.88
CA TRP E 138 -10.36 -7.07 29.02
C TRP E 138 -11.17 -7.27 30.28
N LYS E 139 -10.60 -7.99 31.24
CA LYS E 139 -11.19 -8.14 32.56
C LYS E 139 -10.80 -6.90 33.36
N THR E 140 -11.72 -5.94 33.44
CA THR E 140 -11.43 -4.65 34.04
C THR E 140 -12.14 -4.51 35.39
N CYS E 141 -11.63 -3.62 36.23
CA CYS E 141 -12.25 -3.34 37.52
C CYS E 141 -11.87 -1.94 38.00
N LEU E 142 -12.64 -1.45 38.96
CA LEU E 142 -12.48 -0.12 39.51
C LEU E 142 -12.31 -0.19 41.02
N ILE E 143 -11.53 0.74 41.57
CA ILE E 143 -11.36 0.89 43.01
C ILE E 143 -11.56 2.35 43.33
N CYS E 144 -12.45 2.66 44.29
CA CYS E 144 -12.61 4.02 44.78
C CYS E 144 -11.69 4.23 45.98
N ALA E 145 -10.56 4.90 45.74
CA ALA E 145 -9.61 5.26 46.79
C ALA E 145 -9.69 6.74 47.14
N ASP E 146 -10.87 7.32 47.10
CA ASP E 146 -11.09 8.71 47.45
C ASP E 146 -11.85 8.66 48.77
N THR E 147 -11.15 8.92 49.87
CA THR E 147 -11.76 8.88 51.19
C THR E 147 -12.18 10.25 51.72
N PHE E 148 -12.16 11.28 50.86
CA PHE E 148 -12.48 12.64 51.27
C PHE E 148 -13.76 13.20 50.67
N ARG E 149 -13.93 13.05 49.35
CA ARG E 149 -15.16 13.52 48.70
C ARG E 149 -16.40 12.89 49.34
N ALA E 150 -17.38 13.74 49.68
CA ALA E 150 -18.71 13.22 49.98
C ALA E 150 -19.27 12.60 48.71
N GLY E 151 -19.66 11.33 48.82
CA GLY E 151 -20.27 10.63 47.70
C GLY E 151 -19.29 9.97 46.78
N ALA E 152 -18.00 10.05 47.06
CA ALA E 152 -17.00 9.50 46.16
C ALA E 152 -17.28 8.05 45.83
N PHE E 153 -17.56 7.24 46.86
CA PHE E 153 -17.78 5.82 46.61
C PHE E 153 -19.14 5.57 46.02
N ASP E 154 -20.18 6.21 46.56
CA ASP E 154 -21.50 6.13 45.93
C ASP E 154 -21.42 6.45 44.45
N GLN E 155 -20.76 7.56 44.11
CA GLN E 155 -20.62 7.95 42.73
C GLN E 155 -19.94 6.84 41.93
N LEU E 156 -18.72 6.45 42.31
CA LEU E 156 -18.02 5.42 41.56
C LEU E 156 -18.77 4.10 41.57
N LYS E 157 -19.45 3.79 42.68
CA LYS E 157 -20.27 2.59 42.75
C LYS E 157 -21.38 2.62 41.71
N GLN E 158 -22.17 3.70 41.70
CA GLN E 158 -23.29 3.77 40.77
C GLN E 158 -22.83 3.65 39.33
N ASN E 159 -21.76 4.36 38.96
CA ASN E 159 -21.22 4.25 37.60
C ASN E 159 -20.84 2.81 37.28
N ALA E 160 -20.16 2.14 38.22
CA ALA E 160 -19.68 0.80 37.95
C ALA E 160 -20.81 -0.21 37.93
N THR E 161 -21.89 0.05 38.65
CA THR E 161 -23.03 -0.87 38.63
C THR E 161 -23.77 -0.77 37.32
N LYS E 162 -24.03 0.46 36.87
CA LYS E 162 -24.68 0.66 35.59
C LYS E 162 -23.93 -0.05 34.46
N ALA E 163 -22.60 -0.08 34.53
CA ALA E 163 -21.75 -0.60 33.47
C ALA E 163 -21.38 -2.06 33.64
N ARG E 164 -21.88 -2.73 34.67
CA ARG E 164 -21.58 -4.14 34.91
C ARG E 164 -20.08 -4.37 35.00
N ILE E 165 -19.41 -3.50 35.75
CA ILE E 165 -17.97 -3.61 36.01
C ILE E 165 -17.79 -3.84 37.50
N PRO E 166 -17.01 -4.84 37.90
CA PRO E 166 -16.71 -5.03 39.33
C PRO E 166 -15.96 -3.83 39.90
N PHE E 167 -16.18 -3.56 41.18
CA PHE E 167 -15.57 -2.43 41.84
C PHE E 167 -15.22 -2.77 43.29
N TYR E 168 -14.32 -1.97 43.84
CA TYR E 168 -13.85 -2.13 45.21
C TYR E 168 -13.83 -0.76 45.87
N GLY E 169 -14.46 -0.68 47.04
CA GLY E 169 -14.47 0.53 47.84
C GLY E 169 -14.88 0.20 49.26
N SER E 170 -14.85 1.21 50.12
CA SER E 170 -15.27 1.07 51.51
C SER E 170 -15.91 2.38 51.96
N TYR E 171 -17.08 2.28 52.58
CA TYR E 171 -17.65 3.45 53.23
C TYR E 171 -16.93 3.78 54.54
N THR E 172 -16.22 2.83 55.13
CA THR E 172 -15.66 3.02 56.47
C THR E 172 -14.22 3.52 56.42
N GLU E 173 -13.36 2.84 55.68
CA GLU E 173 -11.93 3.12 55.74
C GLU E 173 -11.64 4.57 55.39
N MET E 174 -10.67 5.16 56.09
CA MET E 174 -10.27 6.55 55.90
C MET E 174 -8.93 6.70 55.21
N ASP E 175 -8.04 5.71 55.33
CA ASP E 175 -6.70 5.82 54.76
C ASP E 175 -6.78 5.33 53.33
N PRO E 176 -6.78 6.24 52.36
CA PRO E 176 -6.97 5.82 50.96
C PRO E 176 -5.85 4.93 50.45
N VAL E 177 -4.67 4.94 51.08
CA VAL E 177 -3.66 3.95 50.76
C VAL E 177 -4.11 2.56 51.17
N ILE E 178 -4.88 2.45 52.24
CA ILE E 178 -5.39 1.13 52.65
C ILE E 178 -6.34 0.58 51.58
N ILE E 179 -7.36 1.37 51.22
CA ILE E 179 -8.34 0.93 50.21
C ILE E 179 -7.65 0.55 48.91
N ALA E 180 -6.75 1.40 48.42
CA ALA E 180 -6.11 1.14 47.14
C ALA E 180 -5.23 -0.10 47.20
N SER E 181 -4.49 -0.29 48.30
CA SER E 181 -3.71 -1.52 48.49
C SER E 181 -4.62 -2.74 48.56
N GLU E 182 -5.64 -2.67 49.41
CA GLU E 182 -6.55 -3.81 49.56
C GLU E 182 -7.31 -4.07 48.28
N GLY E 183 -7.74 -3.03 47.58
CA GLY E 183 -8.42 -3.22 46.31
C GLY E 183 -7.55 -3.86 45.24
N VAL E 184 -6.30 -3.42 45.15
CA VAL E 184 -5.44 -3.91 44.08
C VAL E 184 -5.06 -5.36 44.31
N GLU E 185 -4.82 -5.75 45.57
CA GLU E 185 -4.44 -7.15 45.80
C GLU E 185 -5.60 -8.11 45.51
N LYS E 186 -6.82 -7.74 45.93
CA LYS E 186 -7.99 -8.57 45.66
C LYS E 186 -8.13 -8.88 44.18
N PHE E 187 -8.15 -7.84 43.34
CA PHE E 187 -8.36 -8.01 41.91
C PHE E 187 -7.13 -8.61 41.22
N LYS E 188 -5.98 -8.61 41.88
CA LYS E 188 -4.87 -9.41 41.41
C LYS E 188 -5.14 -10.90 41.61
N ASN E 189 -5.52 -11.29 42.84
CA ASN E 189 -5.80 -12.69 43.15
C ASN E 189 -7.01 -13.21 42.42
N GLU E 190 -7.91 -12.34 42.01
CA GLU E 190 -9.01 -12.72 41.15
C GLU E 190 -8.67 -12.52 39.68
N ASN E 191 -7.43 -12.12 39.37
CA ASN E 191 -6.86 -12.19 38.04
C ASN E 191 -7.59 -11.31 37.03
N PHE E 192 -7.73 -10.03 37.38
CA PHE E 192 -8.18 -9.02 36.44
C PHE E 192 -6.99 -8.49 35.65
N GLU E 193 -7.29 -7.94 34.48
CA GLU E 193 -6.23 -7.42 33.62
C GLU E 193 -6.05 -5.92 33.71
N ILE E 194 -7.13 -5.19 33.97
CA ILE E 194 -7.13 -3.74 34.02
C ILE E 194 -7.71 -3.32 35.36
N ILE E 195 -6.85 -2.87 36.28
CA ILE E 195 -7.25 -2.41 37.60
C ILE E 195 -7.11 -0.89 37.63
N ILE E 196 -8.24 -0.20 37.60
CA ILE E 196 -8.26 1.26 37.53
C ILE E 196 -8.51 1.79 38.94
N VAL E 197 -7.60 2.63 39.42
CA VAL E 197 -7.68 3.21 40.77
C VAL E 197 -8.05 4.67 40.66
N ASP E 198 -9.09 5.06 41.41
CA ASP E 198 -9.61 6.42 41.41
C ASP E 198 -9.13 7.07 42.69
N THR E 199 -8.55 8.26 42.58
CA THR E 199 -8.07 9.00 43.72
C THR E 199 -8.79 10.35 43.76
N SER E 200 -8.79 10.96 44.94
CA SER E 200 -9.48 12.24 45.08
C SER E 200 -8.69 13.35 44.40
N GLY E 201 -9.39 14.44 44.13
CA GLY E 201 -8.76 15.59 43.52
C GLY E 201 -7.89 16.36 44.51
N ARG E 202 -6.79 16.91 43.99
CA ARG E 202 -5.87 17.67 44.81
C ARG E 202 -5.18 18.68 43.92
N HIS E 203 -4.52 19.65 44.57
CA HIS E 203 -3.75 20.69 43.90
C HIS E 203 -2.38 20.78 44.55
N LYS E 204 -1.46 21.49 43.88
CA LYS E 204 -0.06 21.45 44.31
C LYS E 204 0.17 22.24 45.59
N GLN E 205 -0.68 23.22 45.90
CA GLN E 205 -0.41 24.10 47.03
C GLN E 205 -0.83 23.51 48.36
N GLU E 206 -1.06 22.20 48.41
CA GLU E 206 -1.33 21.49 49.66
C GLU E 206 -0.40 20.29 49.63
N ASP E 207 0.76 20.42 50.28
CA ASP E 207 1.77 19.38 50.20
C ASP E 207 1.30 18.08 50.81
N SER E 208 0.47 18.15 51.87
CA SER E 208 -0.07 16.92 52.48
C SER E 208 -0.81 16.08 51.44
N LEU E 209 -1.78 16.69 50.74
CA LEU E 209 -2.50 15.99 49.67
C LEU E 209 -1.55 15.36 48.66
N PHE E 210 -0.49 16.08 48.29
CA PHE E 210 0.39 15.53 47.27
C PHE E 210 1.19 14.35 47.79
N GLU E 211 1.58 14.40 49.07
CA GLU E 211 2.30 13.25 49.65
C GLU E 211 1.41 12.04 49.77
N GLU E 212 0.15 12.24 50.13
CA GLU E 212 -0.79 11.13 50.12
C GLU E 212 -0.92 10.54 48.73
N MET E 213 -0.96 11.39 47.70
CA MET E 213 -0.95 10.90 46.34
C MET E 213 0.30 10.09 46.05
N LEU E 214 1.46 10.55 46.52
CA LEU E 214 2.67 9.76 46.34
C LEU E 214 2.56 8.43 47.04
N GLN E 215 1.99 8.43 48.25
CA GLN E 215 1.83 7.20 49.02
C GLN E 215 0.95 6.19 48.29
N VAL E 216 -0.20 6.63 47.80
CA VAL E 216 -1.07 5.70 47.09
C VAL E 216 -0.34 5.14 45.88
N ALA E 217 0.48 5.96 45.22
CA ALA E 217 1.23 5.49 44.07
C ALA E 217 2.27 4.47 44.47
N ASN E 218 3.01 4.75 45.55
CA ASN E 218 4.01 3.80 46.03
C ASN E 218 3.34 2.50 46.49
N ALA E 219 2.10 2.59 46.96
CA ALA E 219 1.44 1.40 47.49
C ALA E 219 1.00 0.45 46.38
N ILE E 220 0.43 0.98 45.30
CA ILE E 220 -0.12 0.12 44.25
C ILE E 220 0.82 -0.09 43.08
N GLN E 221 1.88 0.69 42.97
CA GLN E 221 2.82 0.60 41.85
C GLN E 221 2.07 0.57 40.52
N PRO E 222 1.38 1.66 40.18
CA PRO E 222 0.59 1.65 38.95
C PRO E 222 1.53 1.46 37.78
N ASP E 223 1.07 0.72 36.79
CA ASP E 223 1.83 0.60 35.56
C ASP E 223 1.67 1.83 34.68
N ASN E 224 0.60 2.62 34.89
CA ASN E 224 0.42 3.89 34.21
C ASN E 224 -0.28 4.86 35.16
N ILE E 225 0.29 6.05 35.33
CA ILE E 225 -0.41 7.13 35.99
C ILE E 225 -1.02 8.03 34.92
N VAL E 226 -2.30 8.32 35.08
CA VAL E 226 -3.06 9.10 34.12
C VAL E 226 -3.34 10.46 34.76
N TYR E 227 -2.86 11.53 34.12
CA TYR E 227 -3.21 12.89 34.52
C TYR E 227 -4.46 13.33 33.74
N VAL E 228 -5.52 13.65 34.46
CA VAL E 228 -6.80 14.01 33.88
C VAL E 228 -6.91 15.52 33.94
N MET E 229 -7.13 16.17 32.80
CA MET E 229 -7.31 17.61 32.81
C MET E 229 -8.61 18.05 32.15
N ASP E 230 -9.20 19.08 32.73
CA ASP E 230 -10.41 19.71 32.23
C ASP E 230 -10.06 20.61 31.07
N ALA E 231 -10.71 20.40 29.92
CA ALA E 231 -10.38 21.22 28.75
C ALA E 231 -10.65 22.70 28.99
N SER E 232 -11.47 23.04 29.97
CA SER E 232 -11.75 24.46 30.15
C SER E 232 -10.66 25.20 30.92
N ILE E 233 -9.55 24.55 31.27
CA ILE E 233 -8.60 25.18 32.18
C ILE E 233 -7.84 26.28 31.45
N GLY E 234 -7.51 27.34 32.17
CA GLY E 234 -6.78 28.46 31.60
C GLY E 234 -5.26 28.47 31.78
N GLN E 235 -4.73 29.57 32.33
CA GLN E 235 -3.28 29.72 32.34
C GLN E 235 -2.60 28.97 33.48
N ALA E 236 -3.37 28.51 34.47
CA ALA E 236 -2.86 27.75 35.61
C ALA E 236 -2.45 26.32 35.28
N CYS E 237 -2.65 25.88 34.05
CA CYS E 237 -2.51 24.46 33.74
C CYS E 237 -1.06 24.00 33.81
N GLU E 238 -0.14 24.73 33.16
CA GLU E 238 1.26 24.31 33.17
C GLU E 238 1.81 24.18 34.59
N ALA E 239 1.44 25.10 35.49
CA ALA E 239 2.01 25.07 36.84
C ALA E 239 1.49 23.87 37.64
N GLN E 240 0.19 23.61 37.56
CA GLN E 240 -0.37 22.43 38.22
C GLN E 240 0.08 21.16 37.55
N ALA E 241 -0.03 21.11 36.22
CA ALA E 241 0.39 19.91 35.51
C ALA E 241 1.84 19.56 35.83
N LYS E 242 2.71 20.58 35.85
CA LYS E 242 4.13 20.34 36.09
C LYS E 242 4.37 19.77 37.48
N ALA E 243 3.69 20.32 38.49
CA ALA E 243 3.86 19.85 39.86
C ALA E 243 3.49 18.38 39.99
N PHE E 244 2.34 17.99 39.44
CA PHE E 244 1.93 16.59 39.45
C PHE E 244 3.03 15.69 38.91
N LYS E 245 3.65 16.08 37.80
CA LYS E 245 4.69 15.23 37.22
C LYS E 245 5.90 15.16 38.13
N ASP E 246 6.24 16.27 38.80
CA ASP E 246 7.37 16.24 39.72
C ASP E 246 7.08 15.34 40.90
N LYS E 247 5.83 15.32 41.38
CA LYS E 247 5.51 14.53 42.56
C LYS E 247 5.38 13.06 42.24
N VAL E 248 4.85 12.72 41.07
CA VAL E 248 4.47 11.35 40.74
C VAL E 248 4.73 11.15 39.26
N ASP E 249 4.87 9.88 38.86
CA ASP E 249 5.30 9.57 37.49
C ASP E 249 4.14 9.54 36.51
N VAL E 250 3.66 10.74 36.15
CA VAL E 250 2.58 10.82 35.17
C VAL E 250 3.09 10.30 33.83
N ALA E 251 2.41 9.29 33.30
CA ALA E 251 2.80 8.69 32.04
C ALA E 251 1.85 8.99 30.91
N SER E 252 0.61 9.39 31.20
CA SER E 252 -0.40 9.59 30.18
C SER E 252 -1.33 10.71 30.61
N VAL E 253 -1.98 11.32 29.61
CA VAL E 253 -2.87 12.46 29.81
C VAL E 253 -4.20 12.18 29.15
N ILE E 254 -5.26 12.66 29.79
CA ILE E 254 -6.62 12.52 29.28
C ILE E 254 -7.31 13.87 29.50
N VAL E 255 -7.78 14.48 28.42
CA VAL E 255 -8.53 15.73 28.51
C VAL E 255 -10.01 15.40 28.50
N THR E 256 -10.77 16.03 29.38
CA THR E 256 -12.19 15.79 29.50
C THR E 256 -12.97 17.01 29.07
N LYS E 257 -14.28 16.84 28.94
CA LYS E 257 -15.21 17.94 28.73
C LYS E 257 -14.99 18.62 27.39
N LEU E 258 -14.52 17.84 26.42
CA LEU E 258 -14.29 18.31 25.05
C LEU E 258 -15.52 18.19 24.18
N ASP E 259 -16.71 18.23 24.77
CA ASP E 259 -17.92 18.18 23.96
C ASP E 259 -17.99 19.39 23.05
N GLY E 260 -18.28 19.15 21.77
CA GLY E 260 -18.67 20.20 20.86
C GLY E 260 -17.63 21.25 20.60
N HIS E 261 -17.76 22.41 21.25
CA HIS E 261 -16.98 23.58 20.89
C HIS E 261 -15.89 23.92 21.90
N ALA E 262 -15.47 22.97 22.71
CA ALA E 262 -14.36 23.21 23.62
C ALA E 262 -13.05 23.07 22.86
N LYS E 263 -12.10 23.97 23.16
CA LYS E 263 -10.83 23.96 22.44
C LYS E 263 -9.77 23.15 23.16
N GLY E 264 -9.49 23.51 24.42
CA GLY E 264 -8.61 22.68 25.23
C GLY E 264 -7.14 22.91 25.00
N GLY E 265 -6.75 24.13 24.66
CA GLY E 265 -5.34 24.44 24.47
C GLY E 265 -4.47 24.28 25.70
N GLY E 266 -5.07 24.12 26.89
CA GLY E 266 -4.30 23.79 28.07
C GLY E 266 -3.53 22.49 27.91
N ALA E 267 -4.05 21.59 27.08
CA ALA E 267 -3.41 20.29 26.88
C ALA E 267 -1.98 20.44 26.44
N LEU E 268 -1.69 21.49 25.66
CA LEU E 268 -0.33 21.75 25.22
C LEU E 268 0.60 21.92 26.40
N SER E 269 0.19 22.71 27.39
CA SER E 269 0.92 22.76 28.65
C SER E 269 0.94 21.39 29.33
N ALA E 270 -0.20 20.68 29.35
CA ALA E 270 -0.25 19.41 30.06
C ALA E 270 0.71 18.38 29.44
N VAL E 271 0.79 18.33 28.12
CA VAL E 271 1.66 17.35 27.47
C VAL E 271 3.12 17.63 27.79
N ALA E 272 3.55 18.87 27.63
CA ALA E 272 4.97 19.19 27.84
C ALA E 272 5.35 19.06 29.31
N ALA E 273 4.51 19.57 30.21
CA ALA E 273 4.85 19.58 31.63
C ALA E 273 4.90 18.17 32.20
N THR E 274 4.05 17.29 31.71
CA THR E 274 3.98 15.92 32.19
C THR E 274 4.79 14.96 31.36
N LYS E 275 5.35 15.43 30.25
CA LYS E 275 6.19 14.62 29.36
C LYS E 275 5.44 13.41 28.81
N SER E 276 4.12 13.54 28.65
CA SER E 276 3.23 12.42 28.36
C SER E 276 2.26 12.75 27.23
N PRO E 277 1.82 11.75 26.48
CA PRO E 277 0.88 11.99 25.39
C PRO E 277 -0.56 11.88 25.85
N ILE E 278 -1.46 12.43 25.04
CA ILE E 278 -2.90 12.40 25.33
C ILE E 278 -3.48 11.12 24.73
N ILE E 279 -3.88 10.19 25.59
CA ILE E 279 -4.31 8.89 25.10
C ILE E 279 -5.80 8.85 24.76
N PHE E 280 -6.63 9.62 25.47
CA PHE E 280 -8.06 9.63 25.20
C PHE E 280 -8.59 11.04 25.39
N ILE E 281 -9.80 11.28 24.90
CA ILE E 281 -10.55 12.49 25.21
C ILE E 281 -11.95 12.06 25.63
N GLY E 282 -12.56 12.85 26.49
CA GLY E 282 -13.91 12.60 26.95
C GLY E 282 -14.80 13.75 26.51
N THR E 283 -16.01 13.41 26.09
CA THR E 283 -16.82 14.28 25.25
C THR E 283 -18.26 14.35 25.74
N GLY E 284 -18.50 14.08 27.01
CA GLY E 284 -19.84 14.07 27.55
C GLY E 284 -19.89 13.27 28.84
N GLU E 285 -21.05 13.35 29.51
CA GLU E 285 -21.17 12.74 30.83
C GLU E 285 -21.44 11.24 30.80
N HIS E 286 -21.81 10.66 29.65
CA HIS E 286 -22.13 9.24 29.60
C HIS E 286 -20.89 8.40 29.34
N ILE E 287 -20.99 7.14 29.77
CA ILE E 287 -19.82 6.30 29.90
C ILE E 287 -19.17 6.03 28.55
N ASP E 288 -19.92 6.20 27.47
CA ASP E 288 -19.36 6.03 26.13
C ASP E 288 -19.04 7.35 25.43
N ASP E 289 -19.23 8.50 26.09
CA ASP E 289 -18.76 9.77 25.56
C ASP E 289 -17.24 9.84 25.78
N PHE E 290 -16.51 9.12 24.93
CA PHE E 290 -15.12 8.80 25.20
C PHE E 290 -14.56 8.20 23.92
N GLU E 291 -13.46 8.74 23.41
CA GLU E 291 -12.86 8.23 22.19
C GLU E 291 -11.36 8.44 22.26
N PRO E 292 -10.57 7.56 21.66
CA PRO E 292 -9.13 7.78 21.62
C PRO E 292 -8.78 9.13 21.02
N PHE E 293 -7.77 9.76 21.59
CA PHE E 293 -7.34 11.06 21.11
C PHE E 293 -6.82 10.92 19.69
N LYS E 294 -7.16 11.89 18.85
CA LYS E 294 -6.60 12.01 17.51
C LYS E 294 -6.11 13.43 17.30
N THR E 295 -4.88 13.54 16.78
CA THR E 295 -4.14 14.79 16.86
C THR E 295 -4.72 15.88 15.97
N GLN E 296 -4.85 15.60 14.66
CA GLN E 296 -5.30 16.64 13.73
C GLN E 296 -6.70 17.15 13.99
N PRO E 297 -7.68 16.34 14.37
CA PRO E 297 -8.99 16.94 14.69
C PRO E 297 -8.91 17.82 15.90
N PHE E 298 -8.07 17.46 16.88
CA PHE E 298 -7.91 18.31 18.06
C PHE E 298 -7.27 19.64 17.70
N ILE E 299 -6.19 19.60 16.91
CA ILE E 299 -5.50 20.82 16.49
C ILE E 299 -6.37 21.64 15.55
N SER E 300 -7.18 20.97 14.71
CA SER E 300 -8.08 21.68 13.80
C SER E 300 -9.03 22.60 14.55
N LYS E 301 -9.75 22.05 15.54
CA LYS E 301 -10.65 22.85 16.35
C LYS E 301 -9.92 24.01 17.00
N LEU E 302 -8.75 23.71 17.58
CA LEU E 302 -7.95 24.71 18.27
C LEU E 302 -7.69 25.91 17.38
N LEU E 303 -7.29 25.64 16.14
CA LEU E 303 -6.88 26.66 15.20
C LEU E 303 -8.08 27.37 14.60
N GLY E 304 -9.03 26.61 14.09
CA GLY E 304 -10.19 27.17 13.39
C GLY E 304 -11.08 27.98 14.31
N MET F 1 -3.26 61.24 13.91
CA MET F 1 -3.12 60.33 15.05
C MET F 1 -2.99 58.91 14.49
N GLY F 2 -2.17 58.06 15.13
CA GLY F 2 -1.46 58.37 16.35
C GLY F 2 -0.20 59.25 16.30
N SER F 3 0.48 59.32 17.44
CA SER F 3 1.56 60.26 17.65
C SER F 3 2.56 59.64 18.62
N LEU F 4 3.47 60.46 19.15
CA LEU F 4 4.48 59.93 20.06
C LEU F 4 3.88 59.57 21.41
N SER F 5 2.91 60.37 21.88
CA SER F 5 2.23 60.04 23.14
C SER F 5 1.48 58.72 23.01
N ARG F 6 0.52 58.65 22.09
CA ARG F 6 -0.25 57.42 21.94
C ARG F 6 0.66 56.24 21.62
N GLU F 7 1.73 56.48 20.85
CA GLU F 7 2.63 55.37 20.53
C GLU F 7 3.25 54.80 21.81
N ASP F 8 3.70 55.68 22.70
CA ASP F 8 4.23 55.25 23.98
C ASP F 8 3.14 54.65 24.87
N MET F 9 1.93 55.20 24.82
CA MET F 9 0.83 54.60 25.56
C MET F 9 0.63 53.15 25.12
N GLU F 10 0.42 52.95 23.82
CA GLU F 10 0.16 51.61 23.33
C GLU F 10 1.26 50.62 23.71
N SER F 11 2.50 51.06 23.77
CA SER F 11 3.59 50.11 23.97
C SER F 11 3.59 49.58 25.40
N VAL F 12 3.22 50.41 26.38
CA VAL F 12 3.00 49.89 27.73
C VAL F 12 1.68 49.13 27.79
N LEU F 13 0.62 49.71 27.20
CA LEU F 13 -0.67 49.04 27.11
C LEU F 13 -0.55 47.66 26.46
N ASP F 14 0.41 47.46 25.58
CA ASP F 14 0.58 46.11 25.04
C ASP F 14 1.26 45.20 26.05
N LYS F 15 2.25 45.71 26.76
CA LYS F 15 2.92 44.87 27.74
C LYS F 15 2.00 44.52 28.89
N MET F 16 1.10 45.43 29.27
CA MET F 16 0.21 45.17 30.39
C MET F 16 -0.94 44.25 29.98
N ARG F 17 -1.43 44.40 28.76
CA ARG F 17 -2.44 43.47 28.26
C ARG F 17 -1.88 42.05 28.21
N ASP F 18 -0.60 41.90 27.89
CA ASP F 18 0.01 40.57 27.91
C ASP F 18 0.17 40.05 29.32
N HIS F 19 0.36 40.95 30.28
CA HIS F 19 0.51 40.53 31.66
C HIS F 19 -0.81 40.03 32.23
N LEU F 20 -1.92 40.72 31.93
CA LEU F 20 -3.22 40.21 32.33
C LEU F 20 -3.48 38.83 31.74
N ILE F 21 -3.16 38.67 30.47
CA ILE F 21 -3.39 37.42 29.76
C ILE F 21 -2.60 36.29 30.40
N ALA F 22 -1.35 36.56 30.81
CA ALA F 22 -0.55 35.54 31.46
C ALA F 22 -1.07 35.22 32.85
N LYS F 23 -1.80 36.14 33.46
CA LYS F 23 -2.44 35.92 34.75
C LYS F 23 -3.91 35.58 34.61
N ASN F 24 -4.28 34.95 33.48
CA ASN F 24 -5.55 34.28 33.27
C ASN F 24 -6.74 35.24 33.15
N VAL F 25 -6.52 36.52 32.82
CA VAL F 25 -7.62 37.32 32.30
C VAL F 25 -7.90 36.87 30.88
N ALA F 26 -9.18 36.73 30.54
CA ALA F 26 -9.56 36.34 29.19
C ALA F 26 -9.05 37.38 28.18
N ALA F 27 -8.28 36.88 27.20
CA ALA F 27 -7.68 37.70 26.17
C ALA F 27 -8.54 38.89 25.73
N ASP F 28 -9.77 38.63 25.32
CA ASP F 28 -10.57 39.71 24.77
C ASP F 28 -10.95 40.73 25.83
N ILE F 29 -11.19 40.29 27.05
CA ILE F 29 -11.41 41.23 28.14
C ILE F 29 -10.20 42.12 28.32
N ALA F 30 -9.00 41.50 28.37
CA ALA F 30 -7.74 42.22 28.53
C ALA F 30 -7.60 43.29 27.45
N VAL F 31 -7.83 42.88 26.20
CA VAL F 31 -7.88 43.82 25.08
C VAL F 31 -8.82 44.99 25.41
N GLN F 32 -10.12 44.70 25.54
CA GLN F 32 -11.09 45.76 25.77
C GLN F 32 -10.72 46.63 26.95
N LEU F 33 -10.05 46.05 27.94
CA LEU F 33 -9.79 46.77 29.17
C LEU F 33 -8.76 47.86 28.95
N CYS F 34 -7.71 47.56 28.21
CA CYS F 34 -6.68 48.55 27.93
C CYS F 34 -7.17 49.59 26.94
N GLU F 35 -8.06 49.21 26.04
CA GLU F 35 -8.59 50.17 25.08
C GLU F 35 -9.50 51.18 25.74
N SER F 36 -10.15 50.81 26.84
CA SER F 36 -10.88 51.81 27.60
C SER F 36 -9.91 52.74 28.32
N VAL F 37 -8.79 52.21 28.80
CA VAL F 37 -7.76 53.08 29.36
C VAL F 37 -7.24 54.02 28.29
N ALA F 38 -6.85 53.47 27.14
CA ALA F 38 -6.48 54.28 26.00
C ALA F 38 -7.47 55.42 25.78
N ASN F 39 -8.72 55.07 25.46
CA ASN F 39 -9.72 56.07 25.14
C ASN F 39 -9.90 57.09 26.24
N LYS F 40 -9.70 56.69 27.50
CA LYS F 40 -9.83 57.64 28.60
C LYS F 40 -8.66 58.64 28.61
N LEU F 41 -7.47 58.19 28.22
CA LEU F 41 -6.26 59.03 28.26
C LEU F 41 -6.01 59.74 26.94
N GLU F 42 -7.06 60.34 26.37
CA GLU F 42 -6.95 61.07 25.12
C GLU F 42 -6.11 62.33 25.28
N GLY F 43 -6.18 62.98 26.44
CA GLY F 43 -5.42 64.19 26.72
C GLY F 43 -3.95 63.95 26.97
N PHE F 49 8.95 58.16 28.98
CA PHE F 49 8.12 58.88 29.93
C PHE F 49 7.75 57.95 31.08
N SER F 50 8.50 58.05 32.18
CA SER F 50 8.14 57.29 33.37
C SER F 50 6.79 57.72 33.91
N THR F 51 6.50 59.02 33.84
CA THR F 51 5.22 59.52 34.31
C THR F 51 4.08 59.00 33.46
N VAL F 52 4.33 58.73 32.17
CA VAL F 52 3.26 58.16 31.33
C VAL F 52 3.04 56.69 31.67
N THR F 53 4.08 55.97 32.07
CA THR F 53 3.89 54.58 32.45
C THR F 53 3.12 54.49 33.76
N SER F 54 3.38 55.42 34.69
CA SER F 54 2.68 55.38 35.97
C SER F 54 1.22 55.80 35.84
N THR F 55 0.92 56.76 34.97
CA THR F 55 -0.47 57.15 34.77
C THR F 55 -1.28 56.04 34.11
N VAL F 56 -0.65 55.23 33.28
CA VAL F 56 -1.31 54.05 32.71
C VAL F 56 -1.64 53.05 33.81
N LYS F 57 -0.61 52.64 34.56
CA LYS F 57 -0.79 51.80 35.74
C LYS F 57 -1.90 52.32 36.64
N GLN F 58 -1.91 53.62 36.92
CA GLN F 58 -2.96 54.18 37.77
C GLN F 58 -4.33 53.97 37.15
N ALA F 59 -4.47 54.31 35.86
CA ALA F 59 -5.76 54.21 35.20
C ALA F 59 -6.24 52.76 35.19
N LEU F 60 -5.34 51.84 34.86
CA LEU F 60 -5.65 50.42 34.86
C LEU F 60 -6.10 49.93 36.23
N GLN F 61 -5.26 50.16 37.24
CA GLN F 61 -5.59 49.76 38.60
C GLN F 61 -6.98 50.22 39.00
N GLU F 62 -7.31 51.49 38.72
CA GLU F 62 -8.60 52.03 39.14
C GLU F 62 -9.77 51.32 38.47
N SER F 63 -9.66 51.03 37.18
CA SER F 63 -10.75 50.37 36.48
C SER F 63 -10.94 48.94 36.99
N LEU F 64 -9.82 48.20 37.10
CA LEU F 64 -9.88 46.86 37.65
C LEU F 64 -10.64 46.83 38.97
N VAL F 65 -10.27 47.72 39.88
CA VAL F 65 -11.02 47.89 41.13
C VAL F 65 -12.50 48.10 40.82
N GLN F 66 -12.82 49.11 40.03
CA GLN F 66 -14.23 49.43 39.80
C GLN F 66 -14.96 48.28 39.13
N ILE F 67 -14.24 47.45 38.38
CA ILE F 67 -14.87 46.27 37.77
C ILE F 67 -15.25 45.27 38.85
N LEU F 68 -14.31 44.95 39.74
CA LEU F 68 -14.52 43.90 40.73
C LEU F 68 -15.69 44.23 41.64
N GLN F 69 -15.84 45.49 42.03
CA GLN F 69 -16.93 45.85 42.92
C GLN F 69 -17.98 46.69 42.19
N PRO F 70 -19.00 46.08 41.57
CA PRO F 70 -20.03 46.88 40.90
C PRO F 70 -20.87 47.68 41.88
N GLN F 71 -21.50 48.73 41.36
CA GLN F 71 -22.20 49.69 42.22
C GLN F 71 -23.29 49.01 43.03
N ARG F 72 -23.97 48.02 42.43
CA ARG F 72 -24.99 47.27 43.15
C ARG F 72 -24.37 46.30 44.13
N ARG F 73 -24.90 46.28 45.34
CA ARG F 73 -24.39 45.46 46.43
C ARG F 73 -25.39 44.34 46.72
N VAL F 74 -24.89 43.17 47.13
CA VAL F 74 -25.75 42.02 47.43
C VAL F 74 -25.52 41.57 48.87
N ASP F 75 -26.54 41.78 49.71
CA ASP F 75 -26.45 41.47 51.15
C ASP F 75 -27.46 40.36 51.43
N MET F 76 -26.98 39.12 51.42
CA MET F 76 -27.90 37.99 51.42
C MET F 76 -28.68 37.88 52.71
N LEU F 77 -28.00 37.93 53.87
CA LEU F 77 -28.69 37.92 55.15
C LEU F 77 -29.79 38.95 55.19
N ARG F 78 -29.51 40.15 54.69
CA ARG F 78 -30.53 41.20 54.66
C ARG F 78 -31.72 40.77 53.84
N ASP F 79 -31.49 40.23 52.64
CA ASP F 79 -32.60 39.78 51.80
C ASP F 79 -33.35 38.63 52.44
N ILE F 80 -32.65 37.76 53.18
CA ILE F 80 -33.32 36.63 53.82
C ILE F 80 -34.25 37.10 54.91
N MET F 81 -33.77 38.00 55.78
CA MET F 81 -34.62 38.57 56.80
C MET F 81 -35.86 39.23 56.21
N ASP F 82 -35.70 39.91 55.07
CA ASP F 82 -36.87 40.44 54.37
C ASP F 82 -37.86 39.33 54.06
N ALA F 83 -37.38 38.21 53.53
CA ALA F 83 -38.28 37.09 53.24
C ALA F 83 -38.91 36.55 54.51
N GLN F 84 -38.19 36.59 55.63
CA GLN F 84 -38.79 36.21 56.90
C GLN F 84 -39.92 37.17 57.28
N ARG F 85 -39.72 38.48 57.09
CA ARG F 85 -40.79 39.44 57.35
C ARG F 85 -42.00 39.14 56.49
N ARG F 86 -41.76 38.82 55.21
CA ARG F 86 -42.81 38.45 54.26
C ARG F 86 -43.33 37.03 54.46
N GLN F 87 -42.73 36.29 55.38
CA GLN F 87 -43.16 34.92 55.66
C GLN F 87 -43.13 34.07 54.40
N ARG F 88 -42.00 34.14 53.68
CA ARG F 88 -41.71 33.37 52.49
C ARG F 88 -40.29 32.83 52.58
N PRO F 89 -40.04 31.61 52.10
CA PRO F 89 -38.65 31.15 51.97
C PRO F 89 -37.87 32.02 51.00
N TYR F 90 -36.59 32.19 51.30
CA TYR F 90 -35.67 32.91 50.44
C TYR F 90 -34.96 31.87 49.59
N VAL F 91 -35.26 31.87 48.29
CA VAL F 91 -34.92 30.75 47.40
C VAL F 91 -33.67 31.10 46.61
N VAL F 92 -32.71 30.18 46.56
CA VAL F 92 -31.42 30.42 45.92
C VAL F 92 -31.09 29.25 45.01
N THR F 93 -30.80 29.53 43.75
CA THR F 93 -30.40 28.53 42.78
C THR F 93 -28.90 28.61 42.52
N PHE F 94 -28.28 27.46 42.38
CA PHE F 94 -26.87 27.35 42.01
C PHE F 94 -26.84 26.74 40.63
N CYS F 95 -26.07 27.35 39.75
CA CYS F 95 -25.87 26.79 38.42
C CYS F 95 -24.41 27.01 38.03
N GLY F 96 -23.97 26.23 37.05
CA GLY F 96 -22.57 26.17 36.67
C GLY F 96 -22.29 24.96 35.81
N VAL F 97 -21.14 24.96 35.14
CA VAL F 97 -20.78 23.87 34.26
C VAL F 97 -20.19 22.75 35.10
N ASN F 98 -19.77 21.66 34.46
CA ASN F 98 -19.41 20.45 35.18
C ASN F 98 -18.16 20.66 36.02
N GLY F 99 -18.24 20.30 37.30
CA GLY F 99 -17.10 20.17 38.19
C GLY F 99 -16.64 21.43 38.89
N VAL F 100 -17.37 22.53 38.76
CA VAL F 100 -16.84 23.83 39.16
C VAL F 100 -16.98 24.08 40.65
N GLY F 101 -17.51 23.08 41.36
CA GLY F 101 -17.69 23.15 42.79
C GLY F 101 -19.07 23.57 43.26
N LYS F 102 -20.11 23.28 42.48
CA LYS F 102 -21.46 23.70 42.86
C LYS F 102 -21.87 23.08 44.18
N SER F 103 -21.85 21.75 44.26
CA SER F 103 -22.49 21.07 45.38
C SER F 103 -21.74 21.33 46.68
N THR F 104 -20.42 21.39 46.61
CA THR F 104 -19.60 21.58 47.81
C THR F 104 -19.78 22.99 48.39
N ASN F 105 -20.00 23.97 47.52
CA ASN F 105 -20.07 25.36 47.96
C ASN F 105 -21.47 25.74 48.42
N LEU F 106 -22.50 25.08 47.87
CA LEU F 106 -23.83 25.15 48.46
C LEU F 106 -23.77 24.76 49.93
N ALA F 107 -22.93 23.76 50.25
CA ALA F 107 -22.81 23.26 51.62
C ALA F 107 -22.15 24.30 52.53
N LYS F 108 -21.04 24.89 52.08
CA LYS F 108 -20.40 25.97 52.82
C LYS F 108 -21.42 27.07 53.13
N ILE F 109 -22.20 27.46 52.13
CA ILE F 109 -23.11 28.58 52.33
C ILE F 109 -24.22 28.22 53.32
N SER F 110 -24.64 26.95 53.34
CA SER F 110 -25.60 26.51 54.34
C SER F 110 -25.05 26.66 55.75
N PHE F 111 -23.87 26.08 56.01
CA PHE F 111 -23.18 26.26 57.27
C PHE F 111 -23.09 27.74 57.66
N TRP F 112 -22.66 28.58 56.71
CA TRP F 112 -22.60 30.01 56.97
C TRP F 112 -23.95 30.55 57.44
N LEU F 113 -25.04 30.14 56.77
CA LEU F 113 -26.37 30.59 57.17
C LEU F 113 -26.80 30.01 58.51
N LEU F 114 -26.57 28.71 58.73
CA LEU F 114 -26.85 28.13 60.02
C LEU F 114 -26.05 28.82 61.11
N GLU F 115 -24.76 29.06 60.86
CA GLU F 115 -23.91 29.78 61.79
C GLU F 115 -24.47 31.15 62.13
N ASN F 116 -25.28 31.71 61.23
CA ASN F 116 -25.97 32.96 61.45
C ASN F 116 -27.41 32.76 61.89
N GLY F 117 -27.85 31.50 62.05
CA GLY F 117 -29.10 31.23 62.70
C GLY F 117 -30.32 31.04 61.82
N PHE F 118 -30.13 30.76 60.54
CA PHE F 118 -31.23 30.58 59.61
C PHE F 118 -31.42 29.10 59.30
N SER F 119 -32.67 28.67 59.21
CA SER F 119 -33.00 27.30 58.83
C SER F 119 -32.95 27.17 57.31
N VAL F 120 -32.24 26.16 56.82
CA VAL F 120 -32.01 26.01 55.39
C VAL F 120 -32.42 24.61 54.95
N LEU F 121 -33.16 24.54 53.86
CA LEU F 121 -33.60 23.28 53.26
C LEU F 121 -32.84 23.10 51.95
N ILE F 122 -32.14 21.99 51.83
CA ILE F 122 -31.35 21.73 50.64
C ILE F 122 -32.18 20.86 49.70
N ALA F 123 -32.39 21.35 48.49
CA ALA F 123 -33.21 20.67 47.49
C ALA F 123 -32.27 20.01 46.48
N ALA F 124 -32.30 18.69 46.42
CA ALA F 124 -31.33 17.95 45.62
C ALA F 124 -31.82 17.84 44.19
N CYS F 125 -31.61 18.90 43.40
CA CYS F 125 -32.13 18.94 42.04
C CYS F 125 -31.07 18.62 40.98
N ASP F 126 -29.95 18.01 41.37
CA ASP F 126 -29.15 17.27 40.40
C ASP F 126 -29.66 15.85 40.50
N THR F 127 -30.66 15.52 39.67
CA THR F 127 -31.19 14.17 39.63
C THR F 127 -30.53 13.33 38.56
N PHE F 128 -29.31 13.68 38.16
CA PHE F 128 -28.65 12.97 37.07
C PHE F 128 -27.34 12.32 37.46
N ARG F 129 -26.42 13.06 38.09
CA ARG F 129 -25.06 12.54 38.17
C ARG F 129 -24.91 11.57 39.33
N ALA F 130 -24.21 10.48 39.06
CA ALA F 130 -23.92 9.49 40.09
C ALA F 130 -23.54 10.16 41.38
N GLY F 131 -24.26 9.83 42.45
CA GLY F 131 -23.91 10.29 43.77
C GLY F 131 -24.37 11.68 44.12
N ALA F 132 -25.02 12.38 43.19
CA ALA F 132 -25.45 13.75 43.43
C ALA F 132 -26.23 13.89 44.73
N VAL F 133 -26.99 12.87 45.10
CA VAL F 133 -27.94 12.94 46.20
C VAL F 133 -27.35 12.38 47.49
N GLU F 134 -26.62 11.29 47.39
CA GLU F 134 -25.80 10.84 48.50
C GLU F 134 -24.82 11.93 48.94
N GLN F 135 -24.20 12.61 47.96
CA GLN F 135 -23.29 13.71 48.27
C GLN F 135 -23.97 14.78 49.10
N LEU F 136 -25.12 15.27 48.65
CA LEU F 136 -25.84 16.26 49.45
C LEU F 136 -26.27 15.68 50.79
N ARG F 137 -26.53 14.37 50.83
CA ARG F 137 -26.99 13.76 52.08
C ARG F 137 -25.89 13.79 53.12
N THR F 138 -24.68 13.39 52.75
CA THR F 138 -23.54 13.50 53.66
C THR F 138 -23.43 14.90 54.25
N HIS F 139 -23.40 15.92 53.39
CA HIS F 139 -23.34 17.28 53.90
C HIS F 139 -24.44 17.56 54.91
N THR F 140 -25.68 17.20 54.59
CA THR F 140 -26.80 17.51 55.47
C THR F 140 -26.66 16.84 56.82
N ARG F 141 -26.08 15.64 56.85
CA ARG F 141 -25.90 14.95 58.12
C ARG F 141 -24.87 15.65 59.01
N ARG F 142 -23.74 16.08 58.43
CA ARG F 142 -22.83 16.99 59.13
C ARG F 142 -23.58 18.24 59.60
N LEU F 143 -24.17 18.97 58.66
CA LEU F 143 -24.74 20.26 59.02
C LEU F 143 -25.80 20.12 60.11
N SER F 144 -26.56 19.03 60.09
CA SER F 144 -27.59 18.84 61.10
C SER F 144 -26.98 18.49 62.45
N ALA F 145 -25.90 17.71 62.45
CA ALA F 145 -25.17 17.48 63.68
C ALA F 145 -24.45 18.73 64.17
N LEU F 146 -23.86 19.51 63.25
CA LEU F 146 -23.31 20.78 63.67
C LEU F 146 -24.39 21.76 64.13
N HIS F 147 -25.66 21.47 63.92
CA HIS F 147 -26.75 22.35 64.35
C HIS F 147 -27.94 21.51 64.76
N PRO F 148 -27.99 21.07 66.02
CA PRO F 148 -28.97 20.08 66.44
C PRO F 148 -30.28 20.73 66.82
N PRO F 149 -31.40 20.03 66.61
CA PRO F 149 -32.70 20.63 66.89
C PRO F 149 -32.85 21.00 68.33
N GLU F 150 -32.33 20.15 69.22
CA GLU F 150 -32.56 20.35 70.65
C GLU F 150 -31.83 21.58 71.15
N LYS F 151 -30.59 21.81 70.69
CA LYS F 151 -29.90 23.04 71.04
C LYS F 151 -30.66 24.26 70.53
N HIS F 152 -31.07 24.20 69.26
CA HIS F 152 -31.77 25.34 68.70
C HIS F 152 -33.13 25.53 69.35
N GLY F 153 -33.77 24.45 69.76
CA GLY F 153 -35.01 24.60 70.51
C GLY F 153 -36.11 23.68 70.06
N GLY F 154 -35.86 22.87 69.04
CA GLY F 154 -36.88 21.93 68.63
C GLY F 154 -37.09 21.96 67.14
N ARG F 155 -37.18 23.16 66.54
CA ARG F 155 -37.34 23.22 65.10
C ARG F 155 -36.09 22.67 64.44
N THR F 156 -36.30 21.90 63.39
CA THR F 156 -35.20 21.42 62.56
C THR F 156 -34.59 22.58 61.79
N MET F 157 -33.26 22.60 61.72
CA MET F 157 -32.55 23.72 61.11
C MET F 157 -31.93 23.41 59.75
N VAL F 158 -31.66 22.15 59.47
CA VAL F 158 -31.14 21.72 58.18
C VAL F 158 -31.95 20.52 57.75
N GLN F 159 -32.34 20.47 56.48
CA GLN F 159 -33.01 19.29 55.99
C GLN F 159 -32.82 19.16 54.49
N LEU F 160 -32.65 17.92 54.05
CA LEU F 160 -32.47 17.59 52.64
C LEU F 160 -33.80 17.20 52.04
N PHE F 161 -34.22 17.90 50.99
CA PHE F 161 -35.40 17.52 50.23
C PHE F 161 -34.93 16.81 48.96
N GLU F 162 -35.05 15.50 48.94
CA GLU F 162 -34.60 14.67 47.84
C GLU F 162 -35.73 13.75 47.40
N LYS F 163 -35.78 13.50 46.10
CA LYS F 163 -36.65 12.49 45.48
C LYS F 163 -35.85 11.66 44.49
N GLY F 164 -34.65 11.24 44.89
CA GLY F 164 -33.77 10.36 44.14
C GLY F 164 -33.34 10.89 42.77
N TYR F 165 -33.10 9.96 41.87
CA TYR F 165 -32.69 10.24 40.51
C TYR F 165 -33.85 10.09 39.55
N GLY F 166 -33.69 10.67 38.38
CA GLY F 166 -34.59 10.43 37.28
C GLY F 166 -35.69 11.46 37.11
N LYS F 167 -36.18 12.06 38.20
CA LYS F 167 -37.37 12.88 38.07
C LYS F 167 -37.01 14.25 37.50
N ASP F 168 -38.03 15.04 37.18
CA ASP F 168 -37.83 16.34 36.56
C ASP F 168 -37.38 17.33 37.62
N ALA F 169 -36.15 17.84 37.45
CA ALA F 169 -35.54 18.69 38.48
C ALA F 169 -36.35 19.96 38.71
N ALA F 170 -36.94 20.52 37.66
CA ALA F 170 -37.70 21.75 37.84
C ALA F 170 -38.90 21.52 38.73
N GLY F 171 -39.41 20.28 38.75
CA GLY F 171 -40.58 19.95 39.55
C GLY F 171 -40.22 19.57 40.96
N ILE F 172 -39.09 18.88 41.12
CA ILE F 172 -38.58 18.59 42.46
C ILE F 172 -38.30 19.90 43.20
N ALA F 173 -37.67 20.86 42.52
CA ALA F 173 -37.39 22.15 43.13
C ALA F 173 -38.68 22.88 43.48
N MET F 174 -39.73 22.66 42.68
CA MET F 174 -41.01 23.31 42.93
C MET F 174 -41.62 22.81 44.24
N GLU F 175 -41.56 21.50 44.45
CA GLU F 175 -42.12 20.88 45.64
C GLU F 175 -41.34 21.26 46.89
N ALA F 176 -40.02 21.44 46.75
CA ALA F 176 -39.21 21.82 47.90
C ALA F 176 -39.53 23.23 48.38
N ILE F 177 -39.92 24.12 47.47
CA ILE F 177 -40.22 25.47 47.90
C ILE F 177 -41.54 25.52 48.63
N ALA F 178 -42.50 24.71 48.20
CA ALA F 178 -43.77 24.59 48.91
C ALA F 178 -43.57 23.88 50.24
N PHE F 179 -42.71 22.87 50.26
CA PHE F 179 -42.39 22.20 51.51
C PHE F 179 -41.67 23.14 52.48
N ALA F 180 -40.71 23.92 51.96
CA ALA F 180 -39.98 24.86 52.80
C ALA F 180 -40.92 25.91 53.36
N ARG F 181 -41.76 26.47 52.50
CA ARG F 181 -42.73 27.45 52.98
C ARG F 181 -43.64 26.83 54.02
N ASN F 182 -43.97 25.54 53.85
CA ASN F 182 -44.95 24.92 54.72
C ASN F 182 -44.37 24.51 56.06
N GLN F 183 -43.08 24.21 56.12
CA GLN F 183 -42.44 23.87 57.39
C GLN F 183 -41.71 25.02 58.04
N GLY F 184 -41.72 26.21 57.42
CA GLY F 184 -41.10 27.38 58.00
C GLY F 184 -39.61 27.51 57.82
N PHE F 185 -39.05 26.96 56.73
CA PHE F 185 -37.62 27.07 56.49
C PHE F 185 -37.24 28.43 55.92
N ASP F 186 -36.21 29.02 56.50
CA ASP F 186 -35.88 30.39 56.13
C ASP F 186 -35.28 30.46 54.73
N VAL F 187 -34.54 29.44 54.31
CA VAL F 187 -33.80 29.51 53.06
C VAL F 187 -33.94 28.17 52.33
N VAL F 188 -34.06 28.23 51.01
CA VAL F 188 -34.02 27.04 50.16
C VAL F 188 -32.81 27.17 49.26
N LEU F 189 -31.94 26.16 49.28
CA LEU F 189 -30.75 26.11 48.47
C LEU F 189 -30.94 24.99 47.47
N VAL F 190 -31.03 25.34 46.19
CA VAL F 190 -31.38 24.41 45.11
C VAL F 190 -30.09 24.00 44.42
N ASP F 191 -29.67 22.75 44.57
CA ASP F 191 -28.54 22.26 43.79
C ASP F 191 -29.06 21.85 42.41
N THR F 192 -28.30 22.13 41.36
CA THR F 192 -28.68 21.71 40.02
C THR F 192 -27.52 20.95 39.40
N ALA F 193 -27.78 20.23 38.32
CA ALA F 193 -26.72 19.41 37.75
C ALA F 193 -25.73 20.27 36.96
N GLY F 194 -24.54 19.72 36.74
CA GLY F 194 -23.57 20.37 35.89
C GLY F 194 -23.87 20.14 34.42
N ARG F 195 -23.69 21.20 33.63
CA ARG F 195 -24.08 21.23 32.23
C ARG F 195 -23.11 22.12 31.47
N MET F 196 -22.67 21.65 30.30
CA MET F 196 -21.93 22.52 29.39
C MET F 196 -22.83 23.63 28.88
N GLN F 197 -22.28 24.84 28.81
CA GLN F 197 -23.11 25.98 28.45
C GLN F 197 -23.59 25.92 27.00
N ASP F 198 -22.98 25.09 26.16
CA ASP F 198 -23.40 24.97 24.78
C ASP F 198 -24.36 23.81 24.55
N ASN F 199 -24.86 23.19 25.61
CA ASN F 199 -25.79 22.06 25.49
C ASN F 199 -27.21 22.60 25.55
N ALA F 200 -27.84 22.76 24.39
CA ALA F 200 -29.12 23.47 24.33
C ALA F 200 -30.21 22.78 25.14
N PRO F 201 -30.36 21.46 25.14
CA PRO F 201 -31.35 20.83 26.03
C PRO F 201 -31.14 21.20 27.48
N LEU F 202 -29.93 21.01 28.00
CA LEU F 202 -29.69 21.25 29.42
C LEU F 202 -29.82 22.71 29.79
N MET F 203 -29.41 23.61 28.88
CA MET F 203 -29.57 25.04 29.14
C MET F 203 -31.04 25.42 29.16
N THR F 204 -31.82 24.81 28.27
CA THR F 204 -33.25 25.03 28.27
C THR F 204 -33.89 24.53 29.55
N ALA F 205 -33.42 23.39 30.05
CA ALA F 205 -34.02 22.78 31.24
C ALA F 205 -33.71 23.59 32.49
N LEU F 206 -32.50 24.17 32.57
CA LEU F 206 -32.17 25.02 33.71
C LEU F 206 -32.95 26.33 33.65
N ALA F 207 -32.98 26.97 32.47
CA ALA F 207 -33.79 28.17 32.32
C ALA F 207 -35.23 27.91 32.76
N LYS F 208 -35.75 26.73 32.42
CA LYS F 208 -37.11 26.35 32.79
C LYS F 208 -37.27 26.25 34.30
N LEU F 209 -36.41 25.45 34.94
CA LEU F 209 -36.43 25.33 36.39
C LEU F 209 -36.44 26.69 37.07
N ILE F 210 -35.61 27.61 36.57
CA ILE F 210 -35.50 28.92 37.21
C ILE F 210 -36.76 29.75 36.99
N THR F 211 -37.27 29.78 35.76
CA THR F 211 -38.41 30.65 35.47
C THR F 211 -39.68 30.20 36.20
N VAL F 212 -39.91 28.90 36.23
CA VAL F 212 -41.09 28.34 36.90
C VAL F 212 -41.09 28.66 38.39
N ASN F 213 -39.92 28.61 39.03
CA ASN F 213 -39.82 28.76 40.48
C ASN F 213 -39.45 30.15 40.95
N THR F 214 -39.00 31.03 40.04
CA THR F 214 -38.59 32.40 40.36
C THR F 214 -37.75 32.53 41.63
N PRO F 215 -36.59 31.88 41.69
CA PRO F 215 -35.72 32.02 42.86
C PRO F 215 -35.35 33.47 43.10
N ASP F 216 -35.07 33.78 44.36
CA ASP F 216 -34.63 35.13 44.70
C ASP F 216 -33.24 35.41 44.18
N LEU F 217 -32.42 34.38 44.01
CA LEU F 217 -31.01 34.59 43.77
C LEU F 217 -30.48 33.45 42.93
N VAL F 218 -30.23 33.71 41.65
CA VAL F 218 -29.40 32.79 40.85
C VAL F 218 -27.95 33.10 41.13
N LEU F 219 -27.19 32.07 41.46
CA LEU F 219 -25.75 32.19 41.66
C LEU F 219 -25.08 31.32 40.60
N PHE F 220 -24.36 31.97 39.69
CA PHE F 220 -23.45 31.25 38.81
C PHE F 220 -22.23 30.81 39.60
N VAL F 221 -21.86 29.54 39.48
CA VAL F 221 -20.65 29.02 40.10
C VAL F 221 -19.63 28.74 39.01
N GLY F 222 -18.50 29.44 39.09
CA GLY F 222 -17.41 29.22 38.16
C GLY F 222 -16.12 29.10 38.94
N GLU F 223 -15.20 28.33 38.39
CA GLU F 223 -13.92 28.11 39.04
C GLU F 223 -12.88 29.11 38.54
N ALA F 224 -11.94 29.44 39.42
CA ALA F 224 -10.89 30.38 39.06
C ALA F 224 -9.85 29.77 38.12
N LEU F 225 -9.91 28.46 37.89
CA LEU F 225 -8.97 27.77 37.03
C LEU F 225 -9.31 27.89 35.56
N VAL F 226 -10.54 28.30 35.25
CA VAL F 226 -11.00 28.35 33.87
C VAL F 226 -10.31 29.51 33.15
N GLY F 227 -10.02 29.33 31.88
CA GLY F 227 -9.44 30.40 31.09
C GLY F 227 -10.45 31.27 30.39
N ASN F 228 -10.44 31.21 29.05
CA ASN F 228 -11.33 32.08 28.28
C ASN F 228 -12.78 31.62 28.33
N GLU F 229 -13.03 30.39 28.77
CA GLU F 229 -14.40 29.90 28.85
C GLU F 229 -15.23 30.62 29.92
N ALA F 230 -14.58 31.29 30.87
CA ALA F 230 -15.32 32.09 31.84
C ALA F 230 -16.33 32.98 31.17
N VAL F 231 -15.95 33.55 30.02
CA VAL F 231 -16.81 34.49 29.31
C VAL F 231 -17.90 33.75 28.56
N ASP F 232 -17.51 32.76 27.76
CA ASP F 232 -18.50 31.97 27.05
C ASP F 232 -19.56 31.42 28.00
N GLN F 233 -19.12 30.88 29.15
CA GLN F 233 -20.06 30.27 30.08
C GLN F 233 -21.10 31.28 30.56
N LEU F 234 -20.65 32.46 30.93
CA LEU F 234 -21.60 33.40 31.53
C LEU F 234 -22.51 34.01 30.48
N VAL F 235 -22.03 34.10 29.22
CA VAL F 235 -22.81 34.72 28.16
C VAL F 235 -23.93 33.78 27.71
N LYS F 236 -23.56 32.52 27.42
CA LYS F 236 -24.54 31.49 27.10
C LYS F 236 -25.54 31.31 28.24
N PHE F 237 -25.04 31.12 29.47
CA PHE F 237 -25.92 30.97 30.63
C PHE F 237 -26.91 32.12 30.72
N ASN F 238 -26.42 33.34 30.74
CA ASN F 238 -27.33 34.47 30.85
C ASN F 238 -28.25 34.54 29.63
N ARG F 239 -27.75 34.14 28.46
CA ARG F 239 -28.60 34.12 27.27
C ARG F 239 -29.78 33.17 27.47
N ALA F 240 -29.48 31.91 27.82
CA ALA F 240 -30.52 30.93 28.11
C ALA F 240 -31.53 31.44 29.13
N LEU F 241 -31.06 32.08 30.20
CA LEU F 241 -31.97 32.56 31.23
C LEU F 241 -32.85 33.69 30.73
N ALA F 242 -32.43 34.36 29.66
CA ALA F 242 -33.19 35.44 29.05
C ALA F 242 -34.08 34.91 27.94
N ASP F 243 -33.51 34.06 27.08
CA ASP F 243 -34.24 33.59 25.91
C ASP F 243 -35.45 32.76 26.30
N HIS F 244 -35.32 31.89 27.30
CA HIS F 244 -36.35 30.93 27.67
C HIS F 244 -37.25 31.39 28.82
N SER F 245 -37.19 32.64 29.25
CA SER F 245 -38.05 33.05 30.35
C SER F 245 -39.45 33.45 29.86
N MET F 246 -40.41 33.44 30.78
CA MET F 246 -41.76 33.91 30.47
C MET F 246 -42.13 35.19 31.22
N ALA F 247 -41.14 36.01 31.58
CA ALA F 247 -41.41 37.26 32.26
C ALA F 247 -40.87 38.42 31.44
N GLN F 248 -41.60 39.51 31.40
CA GLN F 248 -41.00 40.76 30.94
C GLN F 248 -39.95 41.19 31.95
N THR F 249 -38.80 41.63 31.46
CA THR F 249 -37.62 41.86 32.30
C THR F 249 -37.29 40.57 33.07
N PRO F 250 -36.74 39.57 32.39
CA PRO F 250 -36.52 38.26 33.02
C PRO F 250 -35.31 38.21 33.95
N ARG F 251 -35.40 37.31 34.93
CA ARG F 251 -34.43 37.23 36.01
C ARG F 251 -33.19 36.47 35.53
N LEU F 252 -32.04 37.12 35.61
CA LEU F 252 -30.78 36.56 35.15
C LEU F 252 -29.89 36.26 36.34
N ILE F 253 -28.66 35.84 36.02
CA ILE F 253 -27.67 35.56 37.06
C ILE F 253 -27.49 36.80 37.91
N ASP F 254 -27.48 36.59 39.23
CA ASP F 254 -27.50 37.68 40.20
C ASP F 254 -26.14 37.94 40.85
N GLY F 255 -25.26 36.94 40.87
CA GLY F 255 -24.01 37.05 41.59
C GLY F 255 -23.18 35.82 41.31
N ILE F 256 -21.90 35.91 41.68
CA ILE F 256 -20.94 34.89 41.29
C ILE F 256 -20.35 34.23 42.54
N VAL F 257 -20.22 32.92 42.48
CA VAL F 257 -19.46 32.14 43.44
C VAL F 257 -18.20 31.70 42.71
N LEU F 258 -17.09 32.29 43.07
CA LEU F 258 -15.82 32.03 42.41
C LEU F 258 -15.04 31.01 43.23
N THR F 259 -14.74 29.86 42.65
CA THR F 259 -14.21 28.74 43.42
C THR F 259 -12.77 28.44 43.03
N LYS F 260 -12.12 27.62 43.87
CA LYS F 260 -10.78 27.08 43.62
C LYS F 260 -9.75 28.20 43.48
N PHE F 261 -10.04 29.30 44.16
CA PHE F 261 -9.13 30.43 44.26
C PHE F 261 -7.80 30.05 44.89
N ASP F 262 -7.76 28.93 45.60
CA ASP F 262 -6.55 28.39 46.20
C ASP F 262 -5.75 27.54 45.24
N THR F 263 -6.08 27.53 43.96
CA THR F 263 -5.36 26.69 43.02
C THR F 263 -4.60 27.48 41.98
N ILE F 264 -4.73 28.80 41.93
CA ILE F 264 -4.29 29.58 40.79
C ILE F 264 -3.07 30.43 41.08
N ASP F 265 -2.51 30.36 42.30
CA ASP F 265 -1.43 31.24 42.73
C ASP F 265 -1.82 32.69 42.48
N ASP F 266 -1.05 33.37 41.63
CA ASP F 266 -1.28 34.76 41.22
C ASP F 266 -2.10 34.87 39.94
N LYS F 267 -2.26 33.77 39.20
CA LYS F 267 -3.02 33.79 37.95
C LYS F 267 -4.50 34.02 38.24
N VAL F 268 -4.82 35.16 38.82
CA VAL F 268 -6.08 35.44 39.48
C VAL F 268 -7.13 36.01 38.52
N GLY F 269 -6.86 35.99 37.21
CA GLY F 269 -7.59 36.83 36.28
C GLY F 269 -9.01 36.41 35.96
N ALA F 270 -9.40 35.17 36.28
CA ALA F 270 -10.77 34.77 35.99
C ALA F 270 -11.80 35.57 36.80
N ALA F 271 -11.34 36.38 37.76
CA ALA F 271 -12.26 37.20 38.53
C ALA F 271 -12.68 38.43 37.75
N ILE F 272 -11.85 38.88 36.81
CA ILE F 272 -12.22 40.04 35.99
C ILE F 272 -13.13 39.61 34.86
N SER F 273 -12.75 38.54 34.14
CA SER F 273 -13.62 38.01 33.10
C SER F 273 -15.07 37.89 33.58
N MET F 274 -15.28 37.37 34.79
CA MET F 274 -16.63 37.08 35.23
C MET F 274 -17.36 38.33 35.68
N THR F 275 -16.68 39.24 36.38
CA THR F 275 -17.32 40.48 36.78
C THR F 275 -17.42 41.46 35.62
N TYR F 276 -16.78 41.16 34.50
CA TYR F 276 -16.78 42.12 33.41
C TYR F 276 -18.02 41.98 32.55
N ILE F 277 -18.31 40.75 32.09
CA ILE F 277 -19.43 40.52 31.20
C ILE F 277 -20.75 40.68 31.91
N THR F 278 -20.80 40.31 33.19
CA THR F 278 -21.94 40.59 34.05
C THR F 278 -21.62 41.84 34.82
N SER F 279 -22.61 42.68 35.07
CA SER F 279 -22.39 43.77 36.02
C SER F 279 -22.68 43.33 37.44
N LYS F 280 -22.28 42.08 37.76
CA LYS F 280 -22.71 41.34 38.91
C LYS F 280 -21.55 41.00 39.85
N PRO F 281 -21.80 41.00 41.15
CA PRO F 281 -20.72 40.79 42.11
C PRO F 281 -20.28 39.34 42.21
N ILE F 282 -19.01 39.19 42.59
CA ILE F 282 -18.55 37.95 43.20
C ILE F 282 -19.07 37.97 44.62
N VAL F 283 -20.09 37.15 44.90
CA VAL F 283 -20.71 37.14 46.21
C VAL F 283 -19.86 36.37 47.20
N PHE F 284 -19.28 35.25 46.77
CA PHE F 284 -18.45 34.40 47.60
C PHE F 284 -17.26 33.93 46.80
N VAL F 285 -16.16 33.69 47.50
CA VAL F 285 -14.97 33.11 46.88
C VAL F 285 -14.68 31.80 47.60
N GLY F 286 -14.50 30.74 46.83
CA GLY F 286 -14.14 29.46 47.38
C GLY F 286 -12.64 29.32 47.53
N THR F 287 -12.20 29.01 48.75
CA THR F 287 -10.78 29.01 49.09
C THR F 287 -10.30 27.65 49.58
N GLY F 288 -11.08 26.59 49.38
CA GLY F 288 -10.64 25.26 49.75
C GLY F 288 -11.77 24.26 49.63
N GLN F 289 -11.57 23.09 50.23
CA GLN F 289 -12.55 22.03 50.10
C GLN F 289 -13.42 21.83 51.33
N THR F 290 -13.29 22.66 52.37
CA THR F 290 -13.98 22.45 53.63
C THR F 290 -14.90 23.61 53.96
N TYR F 291 -15.80 23.36 54.91
CA TYR F 291 -16.94 24.25 55.16
C TYR F 291 -16.51 25.68 55.46
N CYS F 292 -15.35 25.85 56.09
CA CYS F 292 -14.91 27.18 56.48
C CYS F 292 -14.29 27.95 55.32
N ASP F 293 -13.90 27.26 54.25
CA ASP F 293 -13.14 27.82 53.14
C ASP F 293 -14.05 28.64 52.24
N LEU F 294 -14.66 29.66 52.81
CA LEU F 294 -15.59 30.53 52.10
C LEU F 294 -15.21 31.97 52.47
N ARG F 295 -14.52 32.64 51.56
CA ARG F 295 -14.04 34.00 51.80
C ARG F 295 -14.84 34.98 50.96
N SER F 296 -14.72 36.25 51.31
CA SER F 296 -15.27 37.29 50.46
C SER F 296 -14.19 37.83 49.52
N LEU F 297 -14.64 38.55 48.50
CA LEU F 297 -13.74 39.12 47.51
C LEU F 297 -13.08 40.38 48.02
N ASN F 298 -11.74 40.46 47.88
CA ASN F 298 -10.98 41.67 48.21
C ASN F 298 -10.39 42.29 46.94
N ALA F 299 -11.08 43.31 46.42
CA ALA F 299 -10.69 43.91 45.14
C ALA F 299 -9.24 44.39 45.16
N LYS F 300 -8.84 45.13 46.19
CA LYS F 300 -7.47 45.64 46.25
C LYS F 300 -6.46 44.49 46.17
N ALA F 301 -6.71 43.42 46.92
CA ALA F 301 -5.78 42.30 46.90
C ALA F 301 -5.73 41.65 45.53
N VAL F 302 -6.90 41.44 44.91
CA VAL F 302 -6.94 40.84 43.59
C VAL F 302 -6.22 41.72 42.58
N VAL F 303 -6.54 43.02 42.56
CA VAL F 303 -5.90 43.92 41.60
C VAL F 303 -4.41 43.97 41.87
N ALA F 304 -3.99 43.86 43.14
CA ALA F 304 -2.57 43.87 43.46
C ALA F 304 -1.87 42.65 42.88
N ALA F 305 -2.47 41.47 43.04
CA ALA F 305 -1.88 40.26 42.49
C ALA F 305 -1.78 40.33 40.96
N LEU F 306 -2.70 41.07 40.34
CA LEU F 306 -2.70 41.14 38.89
C LEU F 306 -1.61 42.07 38.38
N MET F 307 -1.36 43.16 39.10
CA MET F 307 -0.34 44.11 38.67
C MET F 307 1.07 43.62 38.97
N LYS F 308 1.27 42.91 40.08
CA LYS F 308 2.62 42.51 40.47
C LYS F 308 3.26 41.63 39.40
N ALA F 309 4.58 41.58 39.42
CA ALA F 309 5.37 40.89 38.39
C ALA F 309 4.99 39.42 38.26
N ILE G 30 61.05 -8.05 -25.14
CA ILE G 30 60.98 -7.22 -23.93
C ILE G 30 59.67 -7.47 -23.22
N ILE G 31 58.59 -6.90 -23.76
CA ILE G 31 57.29 -6.98 -23.10
C ILE G 31 56.77 -8.40 -23.11
N ASN G 32 57.13 -9.18 -24.14
CA ASN G 32 56.77 -10.59 -24.16
C ASN G 32 57.33 -11.31 -22.93
N GLU G 33 58.60 -11.08 -22.63
CA GLU G 33 59.17 -11.58 -21.38
C GLU G 33 58.46 -11.00 -20.17
N GLU G 34 58.02 -9.74 -20.25
CA GLU G 34 57.44 -9.07 -19.10
C GLU G 34 56.02 -9.55 -18.83
N VAL G 35 55.21 -9.70 -19.89
CA VAL G 35 53.85 -10.18 -19.72
C VAL G 35 53.84 -11.56 -19.07
N LEU G 36 54.86 -12.37 -19.38
CA LEU G 36 54.88 -13.74 -18.88
C LEU G 36 55.00 -13.79 -17.35
N ASN G 37 55.90 -12.98 -16.79
CA ASN G 37 56.10 -13.01 -15.35
C ASN G 37 54.84 -12.60 -14.59
N ALA G 38 54.06 -11.69 -15.16
CA ALA G 38 52.75 -11.40 -14.58
C ALA G 38 51.85 -12.63 -14.64
N MET G 39 52.01 -13.45 -15.68
CA MET G 39 51.24 -14.68 -15.76
C MET G 39 51.78 -15.76 -14.84
N LEU G 40 53.08 -15.71 -14.55
CA LEU G 40 53.68 -16.69 -13.67
C LEU G 40 53.30 -16.42 -12.22
N LYS G 41 53.30 -15.16 -11.80
CA LYS G 41 52.87 -14.85 -10.45
C LYS G 41 51.39 -15.16 -10.26
N GLU G 42 50.63 -15.37 -11.32
CA GLU G 42 49.26 -15.86 -11.19
C GLU G 42 49.25 -17.32 -10.74
N VAL G 43 50.06 -18.16 -11.41
CA VAL G 43 50.16 -19.56 -11.02
C VAL G 43 50.61 -19.68 -9.58
N CYS G 44 51.66 -18.94 -9.21
CA CYS G 44 52.19 -19.00 -7.86
C CYS G 44 51.17 -18.53 -6.82
N THR G 45 50.32 -17.56 -7.15
CA THR G 45 49.23 -17.23 -6.24
C THR G 45 48.31 -18.42 -6.03
N ALA G 46 47.92 -19.09 -7.12
CA ALA G 46 47.01 -20.22 -7.01
C ALA G 46 47.62 -21.35 -6.20
N LEU G 47 48.89 -21.70 -6.47
CA LEU G 47 49.52 -22.83 -5.81
C LEU G 47 49.63 -22.61 -4.31
N LEU G 48 50.05 -21.43 -3.89
CA LEU G 48 50.07 -21.15 -2.46
C LEU G 48 48.66 -21.24 -1.88
N GLU G 49 47.67 -20.74 -2.62
CA GLU G 49 46.27 -20.86 -2.18
C GLU G 49 45.82 -22.31 -2.03
N ALA G 50 46.51 -23.24 -2.70
CA ALA G 50 46.23 -24.65 -2.64
C ALA G 50 47.18 -25.36 -1.68
N ASP G 51 47.71 -24.62 -0.71
CA ASP G 51 48.57 -25.12 0.36
C ASP G 51 49.77 -25.89 -0.18
N VAL G 52 50.42 -25.30 -1.15
CA VAL G 52 51.72 -25.81 -1.59
C VAL G 52 52.77 -25.11 -0.77
N ASN G 53 53.75 -25.87 -0.29
CA ASN G 53 54.86 -25.30 0.46
C ASN G 53 55.48 -24.18 -0.34
N ILE G 54 55.63 -23.01 0.30
CA ILE G 54 56.22 -21.87 -0.39
C ILE G 54 57.58 -22.25 -0.95
N LYS G 55 58.38 -22.98 -0.17
CA LYS G 55 59.67 -23.41 -0.67
C LYS G 55 59.55 -24.06 -2.03
N LEU G 56 58.46 -24.77 -2.28
CA LEU G 56 58.22 -25.48 -3.52
C LEU G 56 57.58 -24.60 -4.59
N VAL G 57 56.76 -23.63 -4.21
CA VAL G 57 56.19 -22.75 -5.21
C VAL G 57 57.29 -21.93 -5.86
N LYS G 58 58.14 -21.31 -5.03
CA LYS G 58 59.27 -20.55 -5.56
C LYS G 58 60.18 -21.41 -6.41
N GLN G 59 60.44 -22.65 -5.98
CA GLN G 59 61.34 -23.50 -6.77
C GLN G 59 60.73 -23.81 -8.12
N LEU G 60 59.42 -24.05 -8.17
CA LEU G 60 58.75 -24.32 -9.44
C LEU G 60 58.77 -23.10 -10.35
N ARG G 61 58.56 -21.90 -9.80
CA ARG G 61 58.64 -20.67 -10.58
C ARG G 61 59.96 -20.58 -11.32
N GLU G 62 61.06 -20.89 -10.64
CA GLU G 62 62.34 -20.91 -11.32
C GLU G 62 62.49 -22.08 -12.29
N ASN G 63 61.73 -23.16 -12.08
CA ASN G 63 61.77 -24.28 -13.01
C ASN G 63 61.03 -23.98 -14.30
N VAL G 64 59.86 -23.35 -14.21
CA VAL G 64 59.10 -23.06 -15.40
C VAL G 64 59.67 -21.85 -16.14
N LYS G 65 60.27 -20.89 -15.41
CA LYS G 65 60.99 -19.82 -16.08
C LYS G 65 62.20 -20.36 -16.82
N SER G 66 62.89 -21.34 -16.22
CA SER G 66 64.10 -21.89 -16.80
C SER G 66 63.82 -22.53 -18.16
N ALA G 67 62.85 -23.44 -18.22
CA ALA G 67 62.57 -24.17 -19.45
C ALA G 67 62.11 -23.24 -20.56
N ILE G 68 61.18 -22.33 -20.26
CA ILE G 68 60.53 -21.56 -21.31
C ILE G 68 61.52 -20.66 -22.01
N ASP G 69 61.56 -20.76 -23.34
CA ASP G 69 62.34 -19.89 -24.20
C ASP G 69 61.42 -18.91 -24.91
N LEU G 70 61.91 -17.71 -25.14
CA LEU G 70 61.09 -16.63 -25.70
C LEU G 70 61.98 -15.47 -26.19
N LYS G 79 52.54 -17.68 -24.70
CA LYS G 79 51.09 -17.75 -24.54
C LYS G 79 50.70 -18.33 -23.18
N ARG G 80 49.51 -17.97 -22.72
CA ARG G 80 49.03 -18.45 -21.41
C ARG G 80 49.00 -19.97 -21.37
N LYS G 81 48.43 -20.59 -22.40
CA LYS G 81 48.33 -22.05 -22.42
C LYS G 81 49.71 -22.70 -22.44
N MET G 82 50.69 -22.06 -23.05
CA MET G 82 52.02 -22.65 -23.12
C MET G 82 52.67 -22.69 -21.75
N ILE G 83 52.52 -21.62 -20.98
CA ILE G 83 53.06 -21.57 -19.63
C ILE G 83 52.38 -22.61 -18.75
N GLN G 84 51.04 -22.64 -18.79
CA GLN G 84 50.30 -23.59 -17.99
C GLN G 84 50.74 -25.02 -18.31
N HIS G 85 51.03 -25.30 -19.58
CA HIS G 85 51.49 -26.64 -19.94
C HIS G 85 52.82 -26.95 -19.29
N ALA G 86 53.71 -25.95 -19.19
CA ALA G 86 55.00 -26.19 -18.54
C ALA G 86 54.82 -26.35 -17.05
N VAL G 87 54.00 -25.50 -16.45
CA VAL G 87 53.71 -25.59 -15.02
C VAL G 87 53.17 -26.98 -14.69
N PHE G 88 52.14 -27.43 -15.42
CA PHE G 88 51.53 -28.71 -15.11
C PHE G 88 52.56 -29.83 -15.21
N LYS G 89 53.46 -29.76 -16.20
CA LYS G 89 54.52 -30.75 -16.29
C LYS G 89 55.39 -30.74 -15.04
N GLU G 90 55.54 -29.57 -14.43
CA GLU G 90 56.38 -29.46 -13.24
C GLU G 90 55.69 -30.08 -12.02
N LEU G 91 54.44 -29.68 -11.76
CA LEU G 91 53.62 -30.30 -10.72
C LEU G 91 53.64 -31.82 -10.81
N VAL G 92 53.45 -32.37 -12.02
CA VAL G 92 53.38 -33.81 -12.19
C VAL G 92 54.67 -34.45 -11.70
N LYS G 93 55.81 -33.83 -12.03
CA LYS G 93 57.12 -34.32 -11.56
C LYS G 93 57.21 -34.25 -10.04
N LEU G 94 56.51 -33.30 -9.42
CA LEU G 94 56.59 -33.18 -7.98
C LEU G 94 55.88 -34.33 -7.27
N VAL G 95 54.85 -34.91 -7.90
CA VAL G 95 54.14 -35.99 -7.25
C VAL G 95 54.78 -37.34 -7.48
N ASP G 96 55.72 -37.45 -8.41
CA ASP G 96 56.38 -38.71 -8.67
C ASP G 96 57.59 -38.81 -7.77
N PRO G 97 57.63 -39.74 -6.81
CA PRO G 97 58.86 -39.98 -6.06
C PRO G 97 59.88 -40.81 -6.81
N GLY G 98 59.51 -41.35 -7.98
CA GLY G 98 60.39 -42.26 -8.67
C GLY G 98 60.53 -43.62 -8.03
N VAL G 99 59.61 -43.99 -7.14
CA VAL G 99 59.61 -45.29 -6.48
C VAL G 99 58.27 -45.95 -6.71
N LYS G 100 58.30 -47.23 -7.10
CA LYS G 100 57.08 -47.96 -7.39
C LYS G 100 56.29 -48.23 -6.12
N ALA G 101 54.97 -48.06 -6.20
CA ALA G 101 54.11 -48.27 -5.04
C ALA G 101 54.07 -49.73 -4.64
N TRP G 102 54.00 -49.96 -3.34
CA TRP G 102 54.01 -51.32 -2.81
C TRP G 102 52.66 -51.98 -3.02
N THR G 103 52.70 -53.30 -3.25
CA THR G 103 51.51 -54.06 -3.53
C THR G 103 51.53 -55.39 -2.80
N PRO G 104 50.43 -55.78 -2.18
CA PRO G 104 50.43 -57.02 -1.40
C PRO G 104 50.68 -58.22 -2.29
N THR G 105 51.21 -59.28 -1.69
CA THR G 105 51.46 -60.54 -2.38
C THR G 105 50.36 -61.52 -2.00
N LYS G 106 49.68 -62.06 -3.00
CA LYS G 106 48.64 -63.05 -2.77
C LYS G 106 49.22 -64.29 -2.09
N GLY G 107 48.55 -64.75 -1.04
CA GLY G 107 48.98 -65.93 -0.34
C GLY G 107 49.89 -65.70 0.84
N LYS G 108 50.67 -64.62 0.84
CA LYS G 108 51.49 -64.35 2.02
C LYS G 108 50.74 -63.41 2.98
N GLN G 109 51.25 -63.34 4.20
CA GLN G 109 50.68 -62.48 5.25
C GLN G 109 51.26 -61.08 5.09
N ASN G 110 50.51 -60.18 4.46
CA ASN G 110 50.94 -58.81 4.27
C ASN G 110 50.46 -57.93 5.43
N VAL G 111 51.39 -57.20 6.05
CA VAL G 111 51.09 -56.36 7.21
C VAL G 111 51.18 -54.90 6.77
N ILE G 112 50.18 -54.11 7.16
CA ILE G 112 50.03 -52.72 6.71
C ILE G 112 49.77 -51.86 7.95
N MET G 113 50.70 -50.96 8.25
CA MET G 113 50.67 -50.17 9.47
C MET G 113 50.36 -48.72 9.15
N PHE G 114 49.40 -48.14 9.87
CA PHE G 114 48.93 -46.80 9.61
C PHE G 114 49.47 -45.85 10.66
N VAL G 115 50.06 -44.73 10.21
CA VAL G 115 50.53 -43.67 11.08
C VAL G 115 50.15 -42.32 10.47
N GLY G 116 50.19 -41.28 11.29
CA GLY G 116 49.75 -39.97 10.85
C GLY G 116 49.31 -39.11 12.01
N LEU G 117 49.16 -37.83 11.71
CA LEU G 117 48.85 -36.84 12.74
C LEU G 117 47.47 -37.11 13.34
N GLN G 118 47.27 -36.59 14.54
CA GLN G 118 45.98 -36.68 15.18
C GLN G 118 44.89 -36.18 14.23
N GLY G 119 43.91 -37.04 13.98
CA GLY G 119 42.72 -36.62 13.28
C GLY G 119 42.78 -36.69 11.77
N SER G 120 43.92 -37.11 11.21
CA SER G 120 44.09 -37.03 9.76
C SER G 120 43.02 -37.83 9.03
N GLY G 121 42.72 -39.03 9.52
CA GLY G 121 41.77 -39.92 8.88
C GLY G 121 42.17 -41.36 9.05
N LYS G 122 43.03 -41.63 10.04
CA LYS G 122 43.70 -42.93 10.12
C LYS G 122 42.71 -44.07 10.28
N THR G 123 41.88 -43.99 11.31
CA THR G 123 41.02 -45.11 11.70
C THR G 123 39.99 -45.41 10.61
N THR G 124 39.39 -44.34 10.07
CA THR G 124 38.42 -44.52 9.02
C THR G 124 39.05 -45.16 7.79
N THR G 125 40.21 -44.64 7.38
CA THR G 125 40.90 -45.16 6.20
C THR G 125 41.39 -46.59 6.41
N CYS G 126 41.55 -47.02 7.66
CA CYS G 126 41.91 -48.41 7.90
C CYS G 126 40.83 -49.34 7.35
N SER G 127 39.58 -49.07 7.69
CA SER G 127 38.48 -49.88 7.20
C SER G 127 38.27 -49.70 5.69
N LYS G 128 38.50 -48.48 5.18
CA LYS G 128 38.34 -48.23 3.74
C LYS G 128 39.28 -49.12 2.93
N LEU G 129 40.57 -49.13 3.27
CA LEU G 129 41.50 -49.97 2.55
C LEU G 129 41.15 -51.44 2.71
N ALA G 130 40.70 -51.83 3.92
CA ALA G 130 40.25 -53.19 4.15
C ALA G 130 39.06 -53.53 3.27
N TYR G 131 38.08 -52.63 3.19
CA TYR G 131 36.94 -52.84 2.31
C TYR G 131 37.38 -52.89 0.86
N TYR G 132 38.37 -52.09 0.48
CA TYR G 132 38.86 -52.13 -0.90
C TYR G 132 39.37 -53.51 -1.26
N TYR G 133 40.25 -54.07 -0.42
CA TYR G 133 40.90 -55.34 -0.72
C TYR G 133 39.97 -56.52 -0.54
N GLN G 134 39.03 -56.42 0.40
CA GLN G 134 38.07 -57.52 0.57
C GLN G 134 37.15 -57.60 -0.63
N ARG G 135 36.68 -56.46 -1.12
CA ARG G 135 35.91 -56.44 -2.36
C ARG G 135 36.73 -56.94 -3.55
N LYS G 136 38.04 -56.74 -3.55
CA LYS G 136 38.86 -57.28 -4.63
C LYS G 136 39.17 -58.76 -4.43
N GLY G 137 38.61 -59.39 -3.40
CA GLY G 137 38.79 -60.81 -3.16
C GLY G 137 40.03 -61.15 -2.35
N TRP G 138 40.31 -60.35 -1.32
CA TRP G 138 41.39 -60.64 -0.38
C TRP G 138 40.78 -60.94 0.98
N LYS G 139 41.51 -61.71 1.77
CA LYS G 139 41.13 -62.00 3.15
C LYS G 139 41.78 -60.94 4.02
N THR G 140 41.01 -59.94 4.41
CA THR G 140 41.52 -58.78 5.15
C THR G 140 40.99 -58.80 6.58
N CYS G 141 41.73 -58.12 7.47
CA CYS G 141 41.35 -57.97 8.87
C CYS G 141 41.91 -56.67 9.41
N LEU G 142 41.48 -56.34 10.62
CA LEU G 142 41.79 -55.05 11.22
C LEU G 142 42.21 -55.24 12.68
N ILE G 143 43.15 -54.42 13.12
CA ILE G 143 43.59 -54.35 14.50
C ILE G 143 43.41 -52.91 14.97
N CYS G 144 42.90 -52.73 16.18
CA CYS G 144 42.85 -51.43 16.82
C CYS G 144 43.92 -51.41 17.90
N ALA G 145 45.06 -50.81 17.58
CA ALA G 145 46.16 -50.63 18.52
C ALA G 145 46.29 -49.17 18.98
N ASP G 146 45.15 -48.50 19.15
CA ASP G 146 45.07 -47.16 19.74
C ASP G 146 44.57 -47.35 21.19
N THR G 147 45.50 -47.40 22.13
CA THR G 147 45.20 -47.54 23.55
C THR G 147 45.00 -46.19 24.25
N PHE G 148 44.90 -45.10 23.48
CA PHE G 148 44.81 -43.75 24.05
C PHE G 148 43.48 -43.08 23.73
N ARG G 149 43.18 -42.89 22.46
CA ARG G 149 41.98 -42.16 22.08
C ARG G 149 40.74 -42.78 22.73
N ALA G 150 39.99 -41.96 23.48
CA ALA G 150 38.68 -42.38 23.95
C ALA G 150 37.88 -42.97 22.80
N GLY G 151 37.45 -44.22 22.96
CA GLY G 151 36.60 -44.84 21.97
C GLY G 151 37.31 -45.33 20.72
N ALA G 152 38.63 -45.38 20.73
CA ALA G 152 39.38 -45.81 19.56
C ALA G 152 38.90 -47.17 19.09
N PHE G 153 38.78 -48.13 20.02
CA PHE G 153 38.42 -49.49 19.66
C PHE G 153 36.95 -49.61 19.32
N ASP G 154 36.08 -48.98 20.11
CA ASP G 154 34.68 -48.84 19.72
C ASP G 154 34.54 -48.29 18.32
N GLN G 155 35.33 -47.25 17.99
CA GLN G 155 35.21 -46.63 16.68
C GLN G 155 35.64 -47.60 15.58
N LEU G 156 36.83 -48.19 15.71
CA LEU G 156 37.26 -49.18 14.75
C LEU G 156 36.35 -50.41 14.77
N LYS G 157 35.88 -50.82 15.96
CA LYS G 157 35.01 -51.99 16.08
C LYS G 157 33.72 -51.81 15.28
N GLN G 158 33.03 -50.69 15.50
CA GLN G 158 31.80 -50.42 14.75
C GLN G 158 32.06 -50.35 13.25
N ASN G 159 33.10 -49.61 12.85
CA ASN G 159 33.52 -49.57 11.45
C ASN G 159 33.63 -50.96 10.84
N ALA G 160 34.31 -51.88 11.55
CA ALA G 160 34.63 -53.18 10.99
C ALA G 160 33.44 -54.14 10.98
N THR G 161 32.44 -53.90 11.82
CA THR G 161 31.27 -54.75 11.79
C THR G 161 30.32 -54.39 10.67
N LYS G 162 30.07 -53.09 10.45
CA LYS G 162 29.20 -52.67 9.36
C LYS G 162 29.70 -53.25 8.03
N ALA G 163 31.01 -53.38 7.88
CA ALA G 163 31.63 -53.91 6.67
C ALA G 163 31.99 -55.38 6.78
N ARG G 164 31.42 -56.12 7.74
CA ARG G 164 31.61 -57.57 7.84
C ARG G 164 33.10 -57.96 7.81
N ILE G 165 33.93 -57.16 8.46
CA ILE G 165 35.36 -57.44 8.47
C ILE G 165 35.78 -57.92 9.86
N PRO G 166 36.72 -58.87 9.95
CA PRO G 166 37.27 -59.26 11.26
C PRO G 166 38.14 -58.15 11.83
N PHE G 167 37.95 -57.88 13.12
CA PHE G 167 38.73 -56.88 13.85
C PHE G 167 39.44 -57.55 15.01
N TYR G 168 40.39 -56.81 15.58
CA TYR G 168 41.05 -57.20 16.82
C TYR G 168 41.36 -55.94 17.63
N GLY G 169 41.12 -56.02 18.93
CA GLY G 169 41.40 -54.93 19.84
C GLY G 169 41.21 -55.38 21.27
N SER G 170 41.26 -54.44 22.20
CA SER G 170 41.21 -54.78 23.63
C SER G 170 40.77 -53.58 24.42
N TYR G 171 39.65 -53.68 25.13
CA TYR G 171 39.29 -52.59 26.03
C TYR G 171 40.22 -52.50 27.23
N THR G 172 41.02 -53.53 27.49
CA THR G 172 41.82 -53.59 28.71
C THR G 172 43.28 -53.27 28.48
N GLU G 173 43.88 -53.80 27.41
CA GLU G 173 45.32 -53.67 27.20
C GLU G 173 45.72 -52.24 26.87
N MET G 174 46.72 -51.73 27.59
CA MET G 174 47.20 -50.37 27.46
C MET G 174 48.48 -50.24 26.66
N ASP G 175 49.24 -51.32 26.52
CA ASP G 175 50.47 -51.23 25.76
C ASP G 175 50.14 -51.55 24.30
N PRO G 176 50.12 -50.55 23.42
CA PRO G 176 49.73 -50.80 22.03
C PRO G 176 50.66 -51.74 21.29
N VAL G 177 51.90 -51.90 21.76
CA VAL G 177 52.78 -52.88 21.14
C VAL G 177 52.27 -54.29 21.37
N ILE G 178 51.60 -54.51 22.49
CA ILE G 178 51.08 -55.84 22.80
C ILE G 178 49.88 -56.16 21.94
N ILE G 179 48.91 -55.25 21.89
CA ILE G 179 47.74 -55.45 21.03
C ILE G 179 48.19 -55.75 19.61
N ALA G 180 49.17 -55.02 19.12
CA ALA G 180 49.62 -55.20 17.75
C ALA G 180 50.25 -56.56 17.55
N SER G 181 51.08 -57.00 18.49
CA SER G 181 51.81 -58.25 18.31
C SER G 181 50.89 -59.46 18.44
N GLU G 182 50.04 -59.46 19.46
CA GLU G 182 49.07 -60.55 19.60
C GLU G 182 48.14 -60.60 18.39
N GLY G 183 47.56 -59.45 18.00
CA GLY G 183 46.66 -59.38 16.86
C GLY G 183 47.29 -59.78 15.55
N VAL G 184 48.45 -59.20 15.24
CA VAL G 184 49.16 -59.64 14.04
C VAL G 184 49.46 -61.13 14.13
N GLU G 185 49.86 -61.60 15.31
CA GLU G 185 50.15 -63.01 15.46
C GLU G 185 48.91 -63.87 15.20
N LYS G 186 47.78 -63.48 15.80
CA LYS G 186 46.54 -64.24 15.62
C LYS G 186 46.21 -64.38 14.14
N PHE G 187 46.18 -63.26 13.41
CA PHE G 187 45.71 -63.26 12.02
C PHE G 187 46.70 -63.94 11.07
N LYS G 188 47.95 -64.13 11.48
CA LYS G 188 48.84 -64.98 10.71
C LYS G 188 48.47 -66.46 10.91
N ASN G 189 48.22 -66.86 12.16
CA ASN G 189 47.84 -68.24 12.44
C ASN G 189 46.52 -68.61 11.78
N GLU G 190 45.76 -67.61 11.34
CA GLU G 190 44.53 -67.84 10.63
C GLU G 190 44.66 -67.53 9.15
N ASN G 191 45.90 -67.35 8.67
CA ASN G 191 46.23 -67.19 7.24
C ASN G 191 45.41 -66.10 6.56
N PHE G 192 45.42 -64.90 7.16
CA PHE G 192 44.91 -63.74 6.45
C PHE G 192 45.94 -63.25 5.46
N GLU G 193 45.45 -62.55 4.43
CA GLU G 193 46.33 -61.93 3.45
C GLU G 193 46.61 -60.48 3.72
N ILE G 194 45.66 -59.76 4.30
CA ILE G 194 45.76 -58.31 4.51
C ILE G 194 45.52 -58.02 5.99
N ILE G 195 46.56 -57.52 6.67
CA ILE G 195 46.51 -57.25 8.10
C ILE G 195 46.78 -55.76 8.31
N ILE G 196 45.74 -54.99 8.60
CA ILE G 196 45.82 -53.53 8.70
C ILE G 196 45.79 -53.13 10.18
N VAL G 197 46.86 -52.47 10.63
CA VAL G 197 47.04 -52.06 12.01
C VAL G 197 46.76 -50.57 12.12
N ASP G 198 45.75 -50.22 12.90
CA ASP G 198 45.46 -48.83 13.25
C ASP G 198 46.33 -48.44 14.44
N THR G 199 46.92 -47.25 14.41
CA THR G 199 47.68 -46.72 15.53
C THR G 199 47.11 -45.36 15.90
N SER G 200 47.58 -44.83 17.03
CA SER G 200 47.07 -43.58 17.56
C SER G 200 47.73 -42.37 16.90
N GLY G 201 46.98 -41.28 16.84
CA GLY G 201 47.50 -40.04 16.26
C GLY G 201 48.63 -39.47 17.10
N ARG G 202 49.65 -38.96 16.41
CA ARG G 202 50.85 -38.47 17.09
C ARG G 202 51.50 -37.37 16.26
N HIS G 203 52.36 -36.58 16.92
CA HIS G 203 53.07 -35.48 16.30
C HIS G 203 54.53 -35.51 16.73
N LYS G 204 55.40 -35.02 15.85
CA LYS G 204 56.84 -35.19 16.01
C LYS G 204 57.38 -34.66 17.32
N GLN G 205 56.86 -33.53 17.81
CA GLN G 205 57.44 -32.97 19.03
C GLN G 205 57.05 -33.74 20.29
N GLU G 206 56.34 -34.87 20.18
CA GLU G 206 56.05 -35.71 21.33
C GLU G 206 56.92 -36.96 21.20
N ASP G 207 58.12 -36.89 21.79
CA ASP G 207 59.11 -37.93 21.59
C ASP G 207 58.62 -39.30 22.06
N SER G 208 57.96 -39.34 23.22
CA SER G 208 57.47 -40.62 23.72
C SER G 208 56.53 -41.27 22.72
N LEU G 209 55.67 -40.49 22.07
CA LEU G 209 54.74 -41.06 21.10
C LEU G 209 55.50 -41.56 19.88
N PHE G 210 56.47 -40.80 19.40
CA PHE G 210 57.19 -41.23 18.21
C PHE G 210 58.02 -42.46 18.47
N GLU G 211 58.45 -42.66 19.72
CA GLU G 211 59.20 -43.86 20.10
C GLU G 211 58.28 -45.06 20.19
N GLU G 212 57.09 -44.84 20.74
CA GLU G 212 56.08 -45.90 20.76
C GLU G 212 55.71 -46.32 19.35
N MET G 213 55.74 -45.39 18.40
CA MET G 213 55.51 -45.75 17.01
C MET G 213 56.60 -46.68 16.50
N LEU G 214 57.85 -46.36 16.80
CA LEU G 214 58.94 -47.25 16.41
C LEU G 214 58.76 -48.63 16.99
N GLN G 215 58.42 -48.70 18.28
CA GLN G 215 58.29 -49.99 18.96
C GLN G 215 57.30 -50.89 18.25
N VAL G 216 56.19 -50.33 17.80
CA VAL G 216 55.18 -51.15 17.13
C VAL G 216 55.71 -51.62 15.78
N ALA G 217 56.36 -50.72 15.04
CA ALA G 217 56.89 -51.07 13.73
C ALA G 217 57.86 -52.23 13.81
N ASN G 218 58.86 -52.14 14.69
CA ASN G 218 59.78 -53.26 14.87
C ASN G 218 59.07 -54.49 15.37
N ALA G 219 57.93 -54.33 16.06
CA ALA G 219 57.28 -55.47 16.69
C ALA G 219 56.52 -56.29 15.67
N ILE G 220 55.77 -55.64 14.79
CA ILE G 220 54.97 -56.36 13.81
C ILE G 220 55.70 -56.52 12.48
N GLN G 221 56.76 -55.76 12.25
CA GLN G 221 57.54 -55.86 11.02
C GLN G 221 56.67 -55.65 9.80
N PRO G 222 56.05 -54.48 9.63
CA PRO G 222 55.12 -54.32 8.53
C PRO G 222 55.82 -54.35 7.19
N ASP G 223 55.14 -54.94 6.20
CA ASP G 223 55.62 -54.88 4.82
C ASP G 223 55.41 -53.50 4.23
N ASN G 224 54.49 -52.71 4.78
CA ASN G 224 54.17 -51.40 4.21
C ASN G 224 53.61 -50.48 5.29
N ILE G 225 54.19 -49.30 5.45
CA ILE G 225 53.73 -48.28 6.40
C ILE G 225 53.14 -47.12 5.62
N VAL G 226 51.92 -46.71 5.99
CA VAL G 226 51.20 -45.68 5.27
C VAL G 226 51.08 -44.45 6.16
N TYR G 227 51.62 -43.33 5.68
CA TYR G 227 51.41 -42.03 6.29
C TYR G 227 50.09 -41.46 5.76
N VAL G 228 49.24 -41.00 6.66
CA VAL G 228 47.94 -40.47 6.30
C VAL G 228 47.95 -38.98 6.57
N MET G 229 47.60 -38.19 5.54
CA MET G 229 47.60 -36.75 5.71
C MET G 229 46.26 -36.14 5.29
N ASP G 230 45.77 -35.29 6.17
CA ASP G 230 44.60 -34.46 5.90
C ASP G 230 44.95 -33.48 4.78
N ALA G 231 44.09 -33.41 3.76
CA ALA G 231 44.43 -32.54 2.65
C ALA G 231 44.38 -31.06 3.01
N SER G 232 43.73 -30.71 4.13
CA SER G 232 43.64 -29.31 4.53
C SER G 232 44.95 -28.77 5.12
N ILE G 233 45.97 -29.61 5.30
CA ILE G 233 47.14 -29.23 6.09
C ILE G 233 47.99 -28.20 5.36
N GLY G 234 48.44 -27.20 6.12
CA GLY G 234 49.17 -26.07 5.57
C GLY G 234 50.67 -26.20 5.54
N GLN G 235 51.38 -25.16 6.00
CA GLN G 235 52.82 -25.14 5.83
C GLN G 235 53.56 -26.11 6.76
N ALA G 236 52.89 -26.61 7.80
CA ALA G 236 53.48 -27.56 8.73
C ALA G 236 53.69 -28.95 8.14
N CYS G 237 53.12 -29.22 6.96
CA CYS G 237 53.07 -30.59 6.47
C CYS G 237 54.47 -31.14 6.21
N GLU G 238 55.33 -30.36 5.58
CA GLU G 238 56.66 -30.85 5.24
C GLU G 238 57.37 -31.39 6.48
N ALA G 239 57.32 -30.63 7.57
CA ALA G 239 58.12 -30.92 8.76
C ALA G 239 57.57 -32.14 9.52
N GLN G 240 56.25 -32.22 9.66
CA GLN G 240 55.66 -33.37 10.33
C GLN G 240 55.87 -34.63 9.52
N ALA G 241 55.61 -34.56 8.21
CA ALA G 241 55.82 -35.71 7.35
C ALA G 241 57.30 -36.12 7.31
N LYS G 242 58.21 -35.16 7.36
CA LYS G 242 59.62 -35.54 7.34
C LYS G 242 60.00 -36.30 8.60
N ALA G 243 59.57 -35.83 9.77
CA ALA G 243 59.87 -36.52 11.02
C ALA G 243 59.39 -37.98 10.98
N PHE G 244 58.14 -38.20 10.53
CA PHE G 244 57.62 -39.56 10.42
C PHE G 244 58.57 -40.47 9.66
N LYS G 245 59.05 -40.02 8.49
CA LYS G 245 59.93 -40.83 7.66
C LYS G 245 61.28 -41.08 8.33
N ASP G 246 61.76 -40.15 9.16
CA ASP G 246 63.04 -40.33 9.83
C ASP G 246 62.98 -41.37 10.93
N LYS G 247 61.82 -41.51 11.55
CA LYS G 247 61.62 -42.43 12.67
C LYS G 247 61.22 -43.82 12.21
N VAL G 248 60.54 -43.92 11.07
CA VAL G 248 59.97 -45.17 10.64
C VAL G 248 59.91 -45.18 9.11
N ASP G 249 60.04 -46.37 8.53
CA ASP G 249 60.13 -46.49 7.07
C ASP G 249 58.75 -46.34 6.42
N VAL G 250 58.29 -45.09 6.38
CA VAL G 250 57.08 -44.78 5.62
C VAL G 250 57.31 -45.16 4.16
N ALA G 251 56.35 -45.88 3.57
CA ALA G 251 56.50 -46.38 2.20
C ALA G 251 55.39 -45.96 1.25
N SER G 252 54.35 -45.25 1.71
CA SER G 252 53.23 -44.87 0.86
C SER G 252 52.43 -43.79 1.56
N VAL G 253 51.64 -43.05 0.79
CA VAL G 253 50.87 -41.92 1.32
C VAL G 253 49.41 -42.05 0.89
N ILE G 254 48.51 -41.61 1.77
CA ILE G 254 47.09 -41.58 1.51
C ILE G 254 46.54 -40.25 2.00
N VAL G 255 45.86 -39.53 1.11
CA VAL G 255 45.38 -38.19 1.40
C VAL G 255 43.89 -38.27 1.71
N THR G 256 43.50 -37.79 2.86
CA THR G 256 42.10 -37.87 3.23
C THR G 256 41.42 -36.55 2.90
N LYS G 257 40.11 -36.54 3.09
CA LYS G 257 39.34 -35.31 3.14
C LYS G 257 39.48 -34.50 1.87
N LEU G 258 39.84 -35.20 0.79
CA LEU G 258 39.81 -34.69 -0.56
C LEU G 258 38.43 -34.68 -1.16
N ASP G 259 37.36 -34.87 -0.40
CA ASP G 259 36.06 -34.86 -1.04
C ASP G 259 35.82 -33.52 -1.69
N GLY G 260 35.06 -33.56 -2.79
CA GLY G 260 34.60 -32.39 -3.52
C GLY G 260 35.61 -31.28 -3.70
N HIS G 261 35.42 -30.22 -2.92
CA HIS G 261 36.16 -28.96 -3.07
C HIS G 261 37.35 -28.96 -2.11
N ALA G 262 38.51 -29.39 -2.61
CA ALA G 262 39.68 -29.50 -1.76
C ALA G 262 40.92 -29.68 -2.62
N LYS G 263 41.95 -28.87 -2.39
CA LYS G 263 43.12 -28.87 -3.27
C LYS G 263 44.13 -29.92 -2.84
N GLY G 264 44.68 -29.78 -1.64
CA GLY G 264 45.59 -30.76 -1.10
C GLY G 264 47.04 -30.66 -1.51
N GLY G 265 47.51 -29.44 -1.82
CA GLY G 265 48.89 -29.17 -2.22
C GLY G 265 49.96 -29.64 -1.24
N GLY G 266 49.64 -29.75 0.05
CA GLY G 266 50.60 -30.26 1.00
C GLY G 266 51.14 -31.63 0.69
N ALA G 267 50.40 -32.42 -0.10
CA ALA G 267 50.84 -33.77 -0.41
C ALA G 267 52.12 -33.78 -1.22
N LEU G 268 52.46 -32.66 -1.87
CA LEU G 268 53.76 -32.56 -2.51
C LEU G 268 54.89 -32.60 -1.48
N SER G 269 54.69 -31.94 -0.33
CA SER G 269 55.66 -32.04 0.76
C SER G 269 55.67 -33.44 1.34
N ALA G 270 54.51 -34.08 1.42
CA ALA G 270 54.42 -35.42 2.00
C ALA G 270 55.17 -36.44 1.16
N VAL G 271 54.97 -36.41 -0.16
CA VAL G 271 55.62 -37.37 -1.04
C VAL G 271 57.13 -37.22 -0.97
N ALA G 272 57.61 -35.97 -1.04
CA ALA G 272 59.04 -35.70 -1.06
C ALA G 272 59.70 -36.18 0.21
N ALA G 273 59.10 -35.87 1.37
CA ALA G 273 59.73 -36.08 2.66
C ALA G 273 59.74 -37.55 3.05
N THR G 274 58.69 -38.28 2.70
CA THR G 274 58.57 -39.70 2.99
C THR G 274 59.12 -40.60 1.89
N LYS G 275 59.52 -40.02 0.74
CA LYS G 275 60.03 -40.78 -0.40
C LYS G 275 59.02 -41.83 -0.86
N SER G 276 57.74 -41.49 -0.77
CA SER G 276 56.66 -42.45 -0.89
C SER G 276 55.62 -41.96 -1.89
N PRO G 277 54.99 -42.87 -2.64
CA PRO G 277 53.93 -42.48 -3.56
C PRO G 277 52.58 -42.39 -2.87
N ILE G 278 51.71 -41.56 -3.41
CA ILE G 278 50.31 -41.54 -2.97
C ILE G 278 49.59 -42.70 -3.64
N ILE G 279 49.11 -43.65 -2.81
CA ILE G 279 48.49 -44.86 -3.31
C ILE G 279 46.98 -44.74 -3.43
N PHE G 280 46.35 -43.96 -2.55
CA PHE G 280 44.90 -43.83 -2.53
C PHE G 280 44.58 -42.43 -2.03
N ILE G 281 43.31 -42.03 -2.23
CA ILE G 281 42.77 -40.81 -1.63
C ILE G 281 41.45 -41.13 -0.93
N GLY G 282 41.12 -40.32 0.07
CA GLY G 282 39.85 -40.41 0.78
C GLY G 282 38.96 -39.24 0.37
N THR G 283 37.72 -39.57 0.03
CA THR G 283 36.81 -38.59 -0.57
C THR G 283 35.47 -38.50 0.17
N GLY G 284 35.42 -38.89 1.43
CA GLY G 284 34.22 -38.77 2.22
C GLY G 284 34.29 -39.68 3.42
N GLU G 285 33.26 -39.55 4.27
CA GLU G 285 33.23 -40.28 5.53
C GLU G 285 32.77 -41.73 5.40
N HIS G 286 32.18 -42.14 4.27
CA HIS G 286 31.71 -43.52 4.14
C HIS G 286 32.77 -44.42 3.52
N ILE G 287 32.64 -45.72 3.80
CA ILE G 287 33.71 -46.68 3.53
C ILE G 287 34.02 -46.81 2.04
N ASP G 288 33.11 -46.42 1.17
CA ASP G 288 33.35 -46.48 -0.26
C ASP G 288 33.75 -45.13 -0.83
N ASP G 289 33.79 -44.10 -0.01
CA ASP G 289 34.38 -42.82 -0.39
C ASP G 289 35.91 -42.95 -0.38
N PHE G 290 36.41 -43.64 -1.40
CA PHE G 290 37.80 -44.12 -1.43
C PHE G 290 38.15 -44.65 -2.81
N GLU G 291 39.20 -44.10 -3.44
CA GLU G 291 39.56 -44.47 -4.80
C GLU G 291 41.07 -44.44 -4.93
N PRO G 292 41.65 -45.22 -5.85
CA PRO G 292 43.09 -45.16 -6.06
C PRO G 292 43.53 -43.79 -6.55
N PHE G 293 44.72 -43.40 -6.13
CA PHE G 293 45.25 -42.09 -6.52
C PHE G 293 45.52 -42.05 -8.02
N LYS G 294 45.03 -40.98 -8.66
CA LYS G 294 45.30 -40.71 -10.07
C LYS G 294 45.94 -39.35 -10.17
N THR G 295 47.06 -39.28 -10.88
CA THR G 295 47.85 -38.06 -10.91
C THR G 295 47.13 -36.92 -11.63
N GLN G 296 46.65 -37.18 -12.85
CA GLN G 296 45.99 -36.15 -13.64
C GLN G 296 44.90 -35.40 -12.88
N PRO G 297 43.94 -36.04 -12.21
CA PRO G 297 42.85 -35.27 -11.60
C PRO G 297 43.30 -34.49 -10.37
N PHE G 298 44.30 -34.97 -9.64
CA PHE G 298 44.74 -34.25 -8.46
C PHE G 298 45.42 -32.95 -8.86
N ILE G 299 46.29 -33.00 -9.89
CA ILE G 299 47.04 -31.82 -10.29
C ILE G 299 46.12 -30.78 -10.91
N SER G 300 45.14 -31.21 -11.71
CA SER G 300 44.19 -30.27 -12.30
C SER G 300 43.49 -29.47 -11.22
N LYS G 301 42.91 -30.15 -10.24
CA LYS G 301 42.30 -29.45 -9.11
C LYS G 301 43.28 -28.50 -8.46
N LEU G 302 44.53 -28.96 -8.29
CA LEU G 302 45.57 -28.13 -7.70
C LEU G 302 45.76 -26.83 -8.47
N LEU G 303 45.80 -26.93 -9.80
CA LEU G 303 46.20 -25.81 -10.64
C LEU G 303 45.07 -24.82 -10.86
N GLY G 304 43.82 -25.27 -10.86
CA GLY G 304 42.69 -24.38 -11.07
C GLY G 304 41.98 -24.07 -9.77
N MET H 1 54.55 9.12 -8.30
CA MET H 1 54.62 7.66 -8.16
C MET H 1 54.89 7.04 -9.54
N GLY H 2 55.64 5.94 -9.63
CA GLY H 2 56.18 5.23 -8.48
C GLY H 2 57.33 5.90 -7.74
N SER H 3 57.06 6.24 -6.49
CA SER H 3 58.03 6.90 -5.62
C SER H 3 59.03 5.89 -5.05
N LEU H 4 60.25 6.38 -4.80
CA LEU H 4 61.31 5.52 -4.30
C LEU H 4 61.04 5.01 -2.89
N SER H 5 60.34 5.80 -2.08
CA SER H 5 59.95 5.32 -0.76
C SER H 5 59.01 4.12 -0.89
N ARG H 6 57.99 4.22 -1.73
CA ARG H 6 57.09 3.08 -1.92
C ARG H 6 57.86 1.86 -2.40
N GLU H 7 58.71 2.03 -3.40
CA GLU H 7 59.46 0.89 -3.95
C GLU H 7 60.33 0.26 -2.88
N ASP H 8 60.88 1.08 -1.99
CA ASP H 8 61.64 0.54 -0.86
C ASP H 8 60.70 -0.11 0.14
N MET H 9 59.54 0.50 0.40
CA MET H 9 58.53 -0.13 1.25
C MET H 9 58.06 -1.45 0.65
N GLU H 10 57.54 -1.40 -0.57
CA GLU H 10 57.06 -2.62 -1.23
C GLU H 10 58.04 -3.77 -1.13
N SER H 11 59.33 -3.52 -1.42
CA SER H 11 60.28 -4.63 -1.45
C SER H 11 60.39 -5.29 -0.08
N VAL H 12 60.32 -4.51 1.00
CA VAL H 12 60.43 -5.10 2.33
C VAL H 12 59.09 -5.69 2.76
N LEU H 13 57.98 -5.15 2.28
CA LEU H 13 56.67 -5.76 2.49
C LEU H 13 56.54 -7.09 1.74
N ASP H 14 57.24 -7.25 0.62
CA ASP H 14 57.17 -8.52 -0.08
C ASP H 14 57.94 -9.60 0.66
N LYS H 15 59.07 -9.22 1.27
CA LYS H 15 59.79 -10.18 2.09
C LYS H 15 58.95 -10.61 3.30
N MET H 16 58.16 -9.68 3.85
CA MET H 16 57.39 -10.00 5.04
C MET H 16 56.13 -10.77 4.69
N ARG H 17 55.49 -10.44 3.57
CA ARG H 17 54.34 -11.22 3.12
C ARG H 17 54.73 -12.68 2.91
N ASP H 18 55.77 -12.91 2.12
CA ASP H 18 56.27 -14.28 1.96
C ASP H 18 56.66 -14.88 3.30
N HIS H 19 57.08 -14.05 4.24
CA HIS H 19 57.47 -14.54 5.54
C HIS H 19 56.26 -15.10 6.30
N LEU H 20 55.19 -14.31 6.38
CA LEU H 20 53.97 -14.76 7.03
C LEU H 20 53.44 -16.03 6.38
N ILE H 21 53.48 -16.06 5.05
CA ILE H 21 52.93 -17.19 4.32
C ILE H 21 53.62 -18.48 4.72
N ALA H 22 54.95 -18.45 4.84
CA ALA H 22 55.70 -19.66 5.20
C ALA H 22 55.45 -20.07 6.64
N LYS H 23 55.07 -19.12 7.50
CA LYS H 23 54.67 -19.43 8.87
C LYS H 23 53.17 -19.70 8.97
N ASN H 24 52.57 -20.11 7.86
CA ASN H 24 51.23 -20.68 7.78
C ASN H 24 50.13 -19.64 7.87
N VAL H 25 50.43 -18.38 7.64
CA VAL H 25 49.36 -17.42 7.37
C VAL H 25 48.84 -17.67 5.97
N ALA H 26 47.52 -17.60 5.83
CA ALA H 26 46.88 -17.78 4.54
C ALA H 26 47.32 -16.67 3.61
N ALA H 27 47.70 -17.06 2.37
CA ALA H 27 48.34 -16.15 1.43
C ALA H 27 47.53 -14.88 1.21
N ASP H 28 46.23 -14.99 1.02
CA ASP H 28 45.50 -13.75 0.78
C ASP H 28 45.32 -12.93 2.05
N ILE H 29 45.41 -13.52 3.24
CA ILE H 29 45.39 -12.70 4.45
C ILE H 29 46.73 -11.98 4.59
N ALA H 30 47.82 -12.68 4.23
CA ALA H 30 49.14 -12.06 4.22
C ALA H 30 49.19 -10.89 3.25
N VAL H 31 48.56 -11.04 2.08
CA VAL H 31 48.46 -9.94 1.12
C VAL H 31 47.74 -8.75 1.75
N GLN H 32 46.47 -8.93 2.13
CA GLN H 32 45.73 -7.81 2.70
C GLN H 32 46.40 -7.23 3.93
N LEU H 33 47.19 -8.03 4.63
CA LEU H 33 47.86 -7.57 5.84
C LEU H 33 48.86 -6.48 5.51
N CYS H 34 49.67 -6.71 4.48
CA CYS H 34 50.72 -5.77 4.12
C CYS H 34 50.16 -4.57 3.37
N GLU H 35 49.13 -4.78 2.54
CA GLU H 35 48.47 -3.65 1.89
C GLU H 35 47.94 -2.65 2.91
N SER H 36 47.49 -3.11 4.07
CA SER H 36 47.07 -2.17 5.09
C SER H 36 48.26 -1.41 5.66
N VAL H 37 49.38 -2.10 5.88
CA VAL H 37 50.58 -1.42 6.36
C VAL H 37 50.99 -0.34 5.36
N ALA H 38 51.20 -0.74 4.11
CA ALA H 38 51.39 0.20 3.00
C ALA H 38 50.55 1.48 3.15
N ASN H 39 49.22 1.33 3.20
CA ASN H 39 48.34 2.49 3.32
C ASN H 39 48.58 3.25 4.62
N LYS H 40 49.01 2.56 5.67
CA LYS H 40 49.22 3.24 6.94
C LYS H 40 50.45 4.13 6.88
N LEU H 41 51.49 3.69 6.17
CA LEU H 41 52.76 4.40 6.12
C LEU H 41 52.84 5.38 4.95
N GLU H 42 51.82 6.22 4.79
CA GLU H 42 51.82 7.15 3.67
C GLU H 42 52.83 8.28 3.86
N GLY H 43 52.96 8.77 5.08
CA GLY H 43 53.90 9.84 5.36
C GLY H 43 55.12 9.39 6.16
N GLY H 47 62.38 7.73 6.23
CA GLY H 47 63.79 7.98 6.51
C GLY H 47 64.71 6.93 5.94
N THR H 48 65.88 6.73 6.56
CA THR H 48 66.88 5.75 6.13
C THR H 48 66.26 4.36 5.96
N PHE H 49 66.93 3.47 5.21
CA PHE H 49 66.31 2.19 4.84
C PHE H 49 66.22 1.25 6.04
N SER H 50 67.24 1.24 6.90
CA SER H 50 67.17 0.49 8.15
C SER H 50 65.94 0.89 8.97
N THR H 51 65.65 2.19 9.03
CA THR H 51 64.43 2.65 9.68
C THR H 51 63.19 2.17 8.95
N VAL H 52 63.25 2.07 7.62
CA VAL H 52 62.10 1.61 6.85
C VAL H 52 61.75 0.17 7.20
N THR H 53 62.76 -0.72 7.21
CA THR H 53 62.51 -2.09 7.64
C THR H 53 62.02 -2.13 9.09
N SER H 54 62.69 -1.39 9.97
CA SER H 54 62.25 -1.30 11.36
C SER H 54 60.84 -0.73 11.47
N THR H 55 60.44 0.14 10.55
CA THR H 55 59.13 0.77 10.67
C THR H 55 58.02 -0.17 10.22
N VAL H 56 58.26 -0.93 9.15
CA VAL H 56 57.25 -1.88 8.70
C VAL H 56 57.14 -3.03 9.69
N LYS H 57 58.29 -3.56 10.17
CA LYS H 57 58.26 -4.61 11.17
C LYS H 57 57.43 -4.18 12.38
N GLN H 58 57.54 -2.91 12.78
CA GLN H 58 56.75 -2.44 13.92
C GLN H 58 55.29 -2.26 13.55
N ALA H 59 55.02 -1.67 12.37
CA ALA H 59 53.64 -1.45 11.96
C ALA H 59 52.91 -2.77 11.75
N LEU H 60 53.61 -3.75 11.18
CA LEU H 60 53.04 -5.09 11.03
C LEU H 60 52.78 -5.72 12.39
N GLN H 61 53.78 -5.67 13.27
CA GLN H 61 53.58 -6.20 14.63
C GLN H 61 52.38 -5.56 15.29
N GLU H 62 52.22 -4.25 15.16
CA GLU H 62 51.09 -3.58 15.79
C GLU H 62 49.76 -4.11 15.26
N SER H 63 49.67 -4.40 13.96
CA SER H 63 48.38 -4.86 13.47
C SER H 63 48.20 -6.34 13.77
N LEU H 64 49.28 -7.13 13.68
CA LEU H 64 49.21 -8.53 14.06
C LEU H 64 48.69 -8.67 15.49
N VAL H 65 49.21 -7.87 16.40
CA VAL H 65 48.70 -7.92 17.77
C VAL H 65 47.25 -7.46 17.81
N GLN H 66 46.93 -6.36 17.13
CA GLN H 66 45.58 -5.82 17.17
C GLN H 66 44.55 -6.83 16.65
N ILE H 67 44.93 -7.61 15.65
CA ILE H 67 44.00 -8.57 15.06
C ILE H 67 43.71 -9.70 16.04
N LEU H 68 44.75 -10.19 16.72
CA LEU H 68 44.62 -11.38 17.55
C LEU H 68 43.67 -11.16 18.71
N GLN H 69 43.63 -9.96 19.30
CA GLN H 69 42.68 -9.71 20.37
C GLN H 69 41.63 -8.69 19.95
N PRO H 70 40.50 -9.13 19.34
CA PRO H 70 39.43 -8.19 19.03
C PRO H 70 38.71 -7.69 20.28
N GLN H 71 38.04 -6.55 20.11
CA GLN H 71 37.54 -5.76 21.24
C GLN H 71 36.73 -6.62 22.20
N ARG H 72 35.99 -7.58 21.68
CA ARG H 72 35.11 -8.40 22.49
C ARG H 72 35.92 -9.46 23.24
N ARG H 73 35.53 -9.74 24.48
CA ARG H 73 36.22 -10.69 25.36
C ARG H 73 35.18 -11.56 26.05
N VAL H 74 35.35 -12.88 25.97
CA VAL H 74 34.34 -13.82 26.47
C VAL H 74 34.72 -14.30 27.88
N ASP H 75 33.78 -14.18 28.81
CA ASP H 75 33.94 -14.64 30.18
C ASP H 75 32.83 -15.65 30.39
N MET H 76 33.12 -16.90 30.07
CA MET H 76 32.10 -17.93 30.10
C MET H 76 31.58 -18.14 31.52
N LEU H 77 32.49 -18.17 32.51
CA LEU H 77 32.07 -18.32 33.90
C LEU H 77 31.12 -17.21 34.30
N ARG H 78 31.43 -15.98 33.92
CA ARG H 78 30.56 -14.86 34.28
C ARG H 78 29.24 -14.93 33.52
N ASP H 79 29.29 -15.29 32.24
CA ASP H 79 28.08 -15.38 31.43
C ASP H 79 27.17 -16.50 31.90
N ILE H 80 27.76 -17.61 32.35
CA ILE H 80 26.96 -18.67 32.95
C ILE H 80 26.16 -18.15 34.14
N MET H 81 26.80 -17.39 35.02
CA MET H 81 26.10 -16.96 36.23
C MET H 81 24.82 -16.20 35.92
N ASP H 82 24.77 -15.45 34.81
CA ASP H 82 23.51 -14.84 34.38
C ASP H 82 22.47 -15.91 34.06
N ALA H 83 22.87 -16.94 33.32
CA ALA H 83 21.96 -18.04 33.02
C ALA H 83 21.51 -18.73 34.30
N GLN H 84 22.44 -18.91 35.25
CA GLN H 84 22.09 -19.46 36.56
C GLN H 84 21.06 -18.57 37.26
N ARG H 85 21.16 -17.26 37.06
CA ARG H 85 20.13 -16.37 37.57
C ARG H 85 18.84 -16.53 36.78
N ARG H 86 18.93 -16.57 35.45
CA ARG H 86 17.76 -16.76 34.63
C ARG H 86 17.16 -18.15 34.78
N GLN H 87 17.84 -19.05 35.48
CA GLN H 87 17.37 -20.42 35.71
C GLN H 87 17.18 -21.15 34.39
N ARG H 88 18.05 -20.85 33.43
CA ARG H 88 18.12 -21.56 32.19
C ARG H 88 19.55 -22.02 32.00
N PRO H 89 19.75 -23.22 31.45
CA PRO H 89 21.10 -23.68 31.15
C PRO H 89 21.81 -22.79 30.14
N TYR H 90 23.12 -22.70 30.32
CA TYR H 90 23.99 -21.96 29.41
C TYR H 90 24.49 -22.95 28.37
N VAL H 91 24.10 -22.76 27.12
CA VAL H 91 24.25 -23.78 26.09
C VAL H 91 25.42 -23.40 25.18
N VAL H 92 26.30 -24.36 24.95
CA VAL H 92 27.49 -24.18 24.13
C VAL H 92 27.50 -25.23 23.03
N THR H 93 27.63 -24.81 21.78
CA THR H 93 27.71 -25.72 20.64
C THR H 93 29.11 -25.73 20.04
N PHE H 94 29.61 -26.92 19.70
CA PHE H 94 30.94 -27.11 19.14
C PHE H 94 30.83 -27.60 17.71
N CYS H 95 31.37 -26.83 16.77
CA CYS H 95 31.27 -27.19 15.37
C CYS H 95 32.60 -26.92 14.68
N GLY H 96 32.76 -27.56 13.53
CA GLY H 96 34.00 -27.56 12.78
C GLY H 96 34.08 -28.82 11.94
N VAL H 97 35.08 -28.86 11.07
CA VAL H 97 35.24 -29.95 10.12
C VAL H 97 35.82 -31.17 10.82
N ASN H 98 36.02 -32.23 10.05
CA ASN H 98 36.33 -33.55 10.57
C ASN H 98 37.72 -33.61 11.20
N GLY H 99 37.80 -34.10 12.42
CA GLY H 99 39.09 -34.44 13.00
C GLY H 99 39.79 -33.32 13.75
N VAL H 100 39.20 -32.13 13.79
CA VAL H 100 39.92 -30.95 14.25
C VAL H 100 40.08 -30.90 15.77
N GLY H 101 39.33 -31.71 16.51
CA GLY H 101 39.55 -31.79 17.95
C GLY H 101 38.33 -31.36 18.72
N LYS H 102 37.18 -31.51 18.08
CA LYS H 102 35.91 -31.06 18.66
C LYS H 102 35.58 -31.81 19.95
N SER H 103 35.48 -33.14 19.88
CA SER H 103 34.98 -33.89 21.03
C SER H 103 35.97 -33.82 22.18
N THR H 104 37.28 -33.84 21.85
CA THR H 104 38.31 -33.91 22.88
C THR H 104 38.41 -32.61 23.66
N ASN H 105 38.26 -31.48 22.98
CA ASN H 105 38.38 -30.19 23.65
C ASN H 105 37.07 -29.76 24.31
N LEU H 106 35.95 -30.33 23.87
CA LEU H 106 34.74 -30.26 24.69
C LEU H 106 35.01 -30.85 26.06
N ALA H 107 35.79 -31.94 26.12
CA ALA H 107 36.06 -32.62 27.38
C ALA H 107 36.98 -31.78 28.27
N LYS H 108 38.05 -31.21 27.69
CA LYS H 108 38.91 -30.28 28.41
C LYS H 108 38.09 -29.16 29.04
N ILE H 109 37.27 -28.51 28.24
CA ILE H 109 36.46 -27.42 28.76
C ILE H 109 35.54 -27.91 29.86
N SER H 110 35.02 -29.15 29.72
CA SER H 110 34.18 -29.72 30.77
C SER H 110 34.94 -29.86 32.07
N PHE H 111 36.17 -30.37 31.99
CA PHE H 111 37.06 -30.45 33.14
C PHE H 111 37.21 -29.08 33.80
N TRP H 112 37.55 -28.06 33.01
CA TRP H 112 37.68 -26.71 33.54
C TRP H 112 36.40 -26.24 34.26
N LEU H 113 35.24 -26.49 33.67
CA LEU H 113 34.01 -25.96 34.26
C LEU H 113 33.67 -26.67 35.57
N LEU H 114 33.85 -27.99 35.62
CA LEU H 114 33.57 -28.73 36.84
C LEU H 114 34.56 -28.33 37.94
N GLU H 115 35.81 -28.15 37.57
CA GLU H 115 36.78 -27.67 38.51
C GLU H 115 36.37 -26.33 39.11
N ASN H 116 35.65 -25.51 38.36
CA ASN H 116 35.19 -24.22 38.86
C ASN H 116 33.80 -24.28 39.49
N GLY H 117 33.19 -25.45 39.55
CA GLY H 117 31.94 -25.60 40.28
C GLY H 117 30.69 -25.34 39.48
N PHE H 118 30.64 -25.75 38.23
CA PHE H 118 29.44 -25.68 37.43
C PHE H 118 29.12 -27.08 36.95
N SER H 119 27.84 -27.45 36.98
CA SER H 119 27.43 -28.76 36.47
C SER H 119 27.19 -28.65 34.97
N VAL H 120 27.65 -29.66 34.22
CA VAL H 120 27.58 -29.62 32.78
C VAL H 120 26.95 -30.92 32.27
N LEU H 121 26.01 -30.77 31.33
CA LEU H 121 25.46 -31.86 30.56
C LEU H 121 26.14 -31.91 29.20
N ILE H 122 26.81 -33.02 28.90
CA ILE H 122 27.39 -33.24 27.59
C ILE H 122 26.34 -33.85 26.66
N ALA H 123 25.89 -33.08 25.66
CA ALA H 123 24.99 -33.60 24.63
C ALA H 123 25.78 -34.28 23.52
N ALA H 124 25.56 -35.57 23.37
CA ALA H 124 26.22 -36.36 22.34
C ALA H 124 25.41 -36.26 21.05
N CYS H 125 25.65 -35.18 20.29
CA CYS H 125 24.83 -34.91 19.10
C CYS H 125 25.55 -35.18 17.79
N ASP H 126 26.77 -35.68 17.81
CA ASP H 126 27.28 -36.38 16.65
C ASP H 126 26.66 -37.78 16.70
N THR H 127 25.62 -38.02 15.91
CA THR H 127 25.02 -39.33 15.87
C THR H 127 25.47 -40.13 14.67
N PHE H 128 26.57 -39.73 14.02
CA PHE H 128 27.00 -40.36 12.78
C PHE H 128 28.28 -41.17 12.96
N ARG H 129 29.36 -40.56 13.43
CA ARG H 129 30.66 -41.18 13.27
C ARG H 129 30.86 -42.31 14.26
N ALA H 130 31.47 -43.40 13.80
CA ALA H 130 31.70 -44.55 14.66
C ALA H 130 32.43 -44.12 15.91
N GLY H 131 31.93 -44.58 17.06
CA GLY H 131 32.52 -44.28 18.34
C GLY H 131 32.14 -42.94 18.90
N ALA H 132 31.45 -42.09 18.13
CA ALA H 132 31.16 -40.73 18.54
C ALA H 132 30.57 -40.67 19.94
N VAL H 133 29.83 -41.70 20.34
CA VAL H 133 29.09 -41.66 21.58
C VAL H 133 29.84 -42.33 22.71
N GLU H 134 30.52 -43.44 22.42
CA GLU H 134 31.37 -44.07 23.42
C GLU H 134 32.50 -43.15 23.83
N GLN H 135 32.99 -42.35 22.88
CA GLN H 135 34.08 -41.41 23.14
C GLN H 135 33.65 -40.41 24.22
N LEU H 136 32.56 -39.72 23.97
CA LEU H 136 32.05 -38.82 24.99
C LEU H 136 31.70 -39.57 26.26
N ARG H 137 31.36 -40.86 26.13
CA ARG H 137 31.07 -41.66 27.32
C ARG H 137 32.34 -41.93 28.11
N THR H 138 33.44 -42.31 27.43
CA THR H 138 34.71 -42.48 28.14
C THR H 138 35.05 -41.21 28.92
N HIS H 139 34.91 -40.05 28.28
CA HIS H 139 35.27 -38.79 28.93
C HIS H 139 34.37 -38.49 30.12
N THR H 140 33.06 -38.75 30.01
CA THR H 140 32.14 -38.36 31.07
C THR H 140 32.37 -39.16 32.34
N ARG H 141 32.75 -40.42 32.21
CA ARG H 141 33.14 -41.21 33.36
C ARG H 141 34.42 -40.68 34.01
N ARG H 142 35.38 -40.23 33.19
CA ARG H 142 36.59 -39.63 33.73
C ARG H 142 36.27 -38.33 34.46
N LEU H 143 35.39 -37.50 33.89
CA LEU H 143 35.11 -36.19 34.49
C LEU H 143 34.23 -36.28 35.72
N SER H 144 33.50 -37.38 35.89
CA SER H 144 32.70 -37.52 37.09
C SER H 144 33.58 -37.66 38.33
N ALA H 145 34.85 -38.03 38.15
CA ALA H 145 35.75 -38.18 39.28
C ALA H 145 35.92 -36.87 40.06
N LEU H 146 35.54 -35.74 39.47
CA LEU H 146 35.87 -34.47 40.11
C LEU H 146 34.96 -34.13 41.28
N HIS H 147 33.83 -34.82 41.43
CA HIS H 147 32.84 -34.51 42.47
C HIS H 147 32.22 -35.81 42.95
N PRO H 148 31.92 -35.93 44.26
CA PRO H 148 31.31 -37.15 44.83
C PRO H 148 29.77 -37.14 44.82
N ARG H 155 24.97 -34.10 44.90
CA ARG H 155 24.38 -33.73 43.62
C ARG H 155 25.24 -34.18 42.41
N THR H 156 24.58 -34.45 41.29
CA THR H 156 25.24 -34.95 40.10
C THR H 156 25.78 -33.79 39.25
N MET H 157 27.05 -33.88 38.86
CA MET H 157 27.77 -32.75 38.30
C MET H 157 28.15 -32.90 36.82
N VAL H 158 28.30 -34.11 36.30
CA VAL H 158 28.55 -34.38 34.89
C VAL H 158 27.60 -35.47 34.42
N GLN H 159 27.02 -35.30 33.24
CA GLN H 159 26.15 -36.36 32.75
C GLN H 159 26.09 -36.29 31.24
N LEU H 160 26.22 -37.46 30.62
CA LEU H 160 26.07 -37.61 29.17
C LEU H 160 24.61 -37.76 28.78
N PHE H 161 24.14 -36.90 27.88
CA PHE H 161 22.82 -37.03 27.29
C PHE H 161 22.99 -37.65 25.90
N GLU H 162 22.36 -38.80 25.71
CA GLU H 162 22.76 -39.70 24.64
C GLU H 162 21.55 -40.52 24.22
N LYS H 163 21.36 -40.63 22.90
CA LYS H 163 20.30 -41.43 22.29
C LYS H 163 20.85 -42.24 21.13
N GLY H 164 22.03 -42.84 21.30
CA GLY H 164 22.64 -43.67 20.28
C GLY H 164 22.96 -42.94 18.98
N TYR H 165 22.96 -43.69 17.90
CA TYR H 165 23.28 -43.21 16.56
C TYR H 165 22.03 -43.10 15.72
N GLY H 166 22.17 -42.51 14.54
CA GLY H 166 21.12 -42.49 13.56
C GLY H 166 20.19 -41.29 13.61
N LYS H 167 19.89 -40.77 14.80
CA LYS H 167 18.81 -39.80 14.98
C LYS H 167 19.17 -38.39 14.48
N ASP H 168 18.19 -37.49 14.53
CA ASP H 168 18.36 -36.11 14.10
C ASP H 168 19.01 -35.31 15.23
N ALA H 169 20.26 -34.90 15.00
CA ALA H 169 21.03 -34.21 16.03
C ALA H 169 20.30 -32.98 16.55
N ALA H 170 19.61 -32.27 15.67
CA ALA H 170 18.93 -31.06 16.10
C ALA H 170 17.88 -31.36 17.15
N GLY H 171 17.25 -32.54 17.09
CA GLY H 171 16.25 -32.91 18.07
C GLY H 171 16.82 -33.47 19.36
N ILE H 172 17.84 -34.30 19.23
CA ILE H 172 18.59 -34.78 20.40
C ILE H 172 19.06 -33.61 21.25
N ALA H 173 19.70 -32.61 20.61
CA ALA H 173 20.17 -31.43 21.31
C ALA H 173 19.02 -30.66 21.93
N MET H 174 17.81 -30.79 21.37
CA MET H 174 16.66 -30.09 21.94
C MET H 174 16.18 -30.77 23.20
N GLU H 175 16.15 -32.11 23.19
CA GLU H 175 15.85 -32.87 24.39
C GLU H 175 16.89 -32.62 25.46
N ALA H 176 18.15 -32.42 25.04
CA ALA H 176 19.25 -32.25 25.99
C ALA H 176 19.17 -30.91 26.72
N ILE H 177 18.76 -29.86 26.02
CA ILE H 177 18.63 -28.56 26.69
C ILE H 177 17.47 -28.58 27.66
N ALA H 178 16.37 -29.25 27.26
CA ALA H 178 15.19 -29.35 28.11
C ALA H 178 15.44 -30.23 29.32
N PHE H 179 16.11 -31.36 29.12
CA PHE H 179 16.56 -32.18 30.23
C PHE H 179 17.39 -31.37 31.23
N ALA H 180 18.44 -30.71 30.74
CA ALA H 180 19.32 -29.93 31.59
C ALA H 180 18.56 -28.82 32.33
N ARG H 181 17.63 -28.16 31.64
CA ARG H 181 16.83 -27.13 32.29
C ARG H 181 16.00 -27.72 33.41
N ASN H 182 15.44 -28.90 33.17
CA ASN H 182 14.55 -29.53 34.13
C ASN H 182 15.30 -30.17 35.29
N GLN H 183 16.57 -30.54 35.09
CA GLN H 183 17.39 -31.11 36.14
C GLN H 183 18.29 -30.08 36.80
N GLY H 184 18.21 -28.82 36.37
CA GLY H 184 19.03 -27.77 36.94
C GLY H 184 20.50 -27.84 36.63
N PHE H 185 20.88 -28.32 35.44
CA PHE H 185 22.28 -28.26 35.05
C PHE H 185 22.67 -26.82 34.69
N ASP H 186 23.93 -26.48 34.98
CA ASP H 186 24.39 -25.13 34.70
C ASP H 186 24.66 -24.91 33.22
N VAL H 187 25.20 -25.94 32.57
CA VAL H 187 25.79 -25.80 31.24
C VAL H 187 25.42 -27.03 30.42
N VAL H 188 25.04 -26.81 29.16
CA VAL H 188 24.92 -27.88 28.16
C VAL H 188 26.05 -27.70 27.17
N LEU H 189 26.74 -28.79 26.82
CA LEU H 189 27.85 -28.74 25.88
C LEU H 189 27.50 -29.66 24.70
N VAL H 190 27.17 -29.07 23.56
CA VAL H 190 26.66 -29.82 22.42
C VAL H 190 27.78 -30.20 21.49
N ASP H 191 28.00 -31.49 21.31
CA ASP H 191 28.95 -31.96 20.34
C ASP H 191 28.22 -32.18 19.02
N THR H 192 28.82 -31.77 17.92
CA THR H 192 28.25 -32.02 16.61
C THR H 192 29.23 -32.85 15.80
N ALA H 193 28.71 -33.56 14.80
CA ALA H 193 29.58 -34.35 13.93
C ALA H 193 30.47 -33.43 13.11
N GLY H 194 31.57 -34.00 12.61
CA GLY H 194 32.46 -33.25 11.74
C GLY H 194 31.92 -33.18 10.33
N ARG H 195 32.11 -32.03 9.69
CA ARG H 195 31.54 -31.85 8.37
C ARG H 195 32.41 -30.94 7.50
N MET H 196 32.71 -31.39 6.29
CA MET H 196 33.33 -30.51 5.30
C MET H 196 32.48 -29.27 5.10
N GLN H 197 33.15 -28.10 5.01
CA GLN H 197 32.42 -26.84 4.97
C GLN H 197 31.60 -26.66 3.69
N ASP H 198 31.96 -27.34 2.61
CA ASP H 198 31.24 -27.16 1.36
C ASP H 198 30.08 -28.13 1.19
N ASN H 199 29.85 -28.99 2.18
CA ASN H 199 28.91 -30.10 2.12
C ASN H 199 27.54 -29.59 2.55
N ALA H 200 26.72 -29.23 1.55
CA ALA H 200 25.52 -28.43 1.80
C ALA H 200 24.49 -29.10 2.70
N PRO H 201 24.22 -30.40 2.62
CA PRO H 201 23.26 -30.99 3.56
C PRO H 201 23.74 -30.93 5.00
N LEU H 202 24.96 -31.38 5.26
CA LEU H 202 25.52 -31.30 6.60
C LEU H 202 25.57 -29.87 7.12
N MET H 203 25.96 -28.92 6.26
CA MET H 203 25.97 -27.51 6.68
C MET H 203 24.56 -27.00 6.97
N THR H 204 23.56 -27.49 6.23
CA THR H 204 22.19 -27.12 6.54
C THR H 204 21.74 -27.80 7.81
N ALA H 205 22.21 -29.02 8.03
CA ALA H 205 21.93 -29.75 9.27
C ALA H 205 22.46 -28.99 10.48
N LEU H 206 23.73 -28.56 10.41
CA LEU H 206 24.31 -27.79 11.51
C LEU H 206 23.52 -26.53 11.75
N ALA H 207 23.11 -25.86 10.70
CA ALA H 207 22.40 -24.60 10.88
C ALA H 207 21.04 -24.84 11.51
N LYS H 208 20.46 -26.03 11.28
CA LYS H 208 19.18 -26.38 11.88
C LYS H 208 19.30 -26.56 13.38
N LEU H 209 20.33 -27.28 13.81
CA LEU H 209 20.61 -27.42 15.23
C LEU H 209 20.71 -26.06 15.92
N ILE H 210 21.41 -25.11 15.30
CA ILE H 210 21.71 -23.86 15.98
C ILE H 210 20.49 -22.95 16.01
N THR H 211 19.79 -22.85 14.89
CA THR H 211 18.63 -21.96 14.81
C THR H 211 17.47 -22.47 15.65
N VAL H 212 17.36 -23.78 15.80
CA VAL H 212 16.24 -24.37 16.54
C VAL H 212 16.44 -24.22 18.05
N ASN H 213 17.67 -24.43 18.52
CA ASN H 213 17.98 -24.45 19.94
C ASN H 213 18.48 -23.12 20.48
N THR H 214 18.92 -22.21 19.61
CA THR H 214 19.43 -20.89 19.99
C THR H 214 20.47 -20.93 21.12
N PRO H 215 21.60 -21.58 20.91
CA PRO H 215 22.59 -21.71 21.99
C PRO H 215 23.15 -20.37 22.41
N ASP H 216 23.65 -20.33 23.65
CA ASP H 216 24.17 -19.09 24.20
C ASP H 216 25.49 -18.72 23.55
N LEU H 217 26.23 -19.71 23.08
CA LEU H 217 27.60 -19.51 22.65
C LEU H 217 27.96 -20.56 21.60
N VAL H 218 28.28 -20.12 20.38
CA VAL H 218 28.65 -21.00 19.28
C VAL H 218 30.15 -20.91 19.08
N LEU H 219 30.83 -22.06 19.14
CA LEU H 219 32.28 -22.12 19.08
C LEU H 219 32.70 -22.90 17.84
N PHE H 220 33.43 -22.24 16.95
CA PHE H 220 34.04 -22.93 15.83
C PHE H 220 35.37 -23.51 16.26
N VAL H 221 35.61 -24.77 15.90
CA VAL H 221 36.85 -25.46 16.23
C VAL H 221 37.66 -25.64 14.96
N GLY H 222 38.78 -24.95 14.85
CA GLY H 222 39.73 -25.17 13.77
C GLY H 222 41.03 -25.67 14.36
N GLU H 223 41.86 -26.30 13.55
CA GLU H 223 43.15 -26.78 13.99
C GLU H 223 44.26 -25.84 13.51
N ALA H 224 45.27 -25.67 14.35
CA ALA H 224 46.43 -24.88 13.97
C ALA H 224 47.22 -25.54 12.84
N LEU H 225 46.90 -26.78 12.47
CA LEU H 225 47.59 -27.44 11.38
C LEU H 225 47.05 -27.05 10.03
N VAL H 226 45.83 -26.51 9.97
CA VAL H 226 45.20 -26.16 8.71
C VAL H 226 45.96 -25.01 8.06
N GLY H 227 45.99 -25.01 6.73
CA GLY H 227 46.53 -23.90 5.97
C GLY H 227 45.48 -22.89 5.51
N ASN H 228 45.33 -22.75 4.20
CA ASN H 228 44.45 -21.70 3.66
C ASN H 228 42.99 -21.98 3.94
N GLU H 229 42.63 -23.25 4.14
CA GLU H 229 41.24 -23.60 4.40
C GLU H 229 40.71 -22.99 5.69
N ALA H 230 41.60 -22.53 6.57
CA ALA H 230 41.18 -21.73 7.71
C ALA H 230 40.16 -20.68 7.30
N VAL H 231 40.45 -19.98 6.22
CA VAL H 231 39.54 -18.94 5.73
C VAL H 231 38.28 -19.56 5.15
N ASP H 232 38.45 -20.55 4.26
CA ASP H 232 37.30 -21.19 3.65
C ASP H 232 36.35 -21.73 4.71
N GLN H 233 36.88 -22.42 5.72
CA GLN H 233 36.03 -23.06 6.72
C GLN H 233 35.19 -22.03 7.46
N LEU H 234 35.82 -20.97 7.98
CA LEU H 234 35.08 -20.00 8.79
C LEU H 234 34.08 -19.22 7.97
N VAL H 235 34.45 -18.91 6.72
CA VAL H 235 33.53 -18.19 5.84
C VAL H 235 32.33 -19.05 5.53
N LYS H 236 32.57 -20.30 5.08
CA LYS H 236 31.49 -21.22 4.71
C LYS H 236 30.65 -21.62 5.91
N PHE H 237 31.26 -21.73 7.09
CA PHE H 237 30.46 -22.06 8.26
C PHE H 237 29.51 -20.92 8.60
N ASN H 238 30.02 -19.71 8.68
CA ASN H 238 29.16 -18.61 9.12
C ASN H 238 28.07 -18.34 8.09
N ARG H 239 28.37 -18.62 6.82
CA ARG H 239 27.39 -18.41 5.77
C ARG H 239 26.20 -19.32 5.96
N ALA H 240 26.46 -20.59 6.26
CA ALA H 240 25.39 -21.53 6.53
C ALA H 240 24.56 -21.08 7.73
N LEU H 241 25.20 -20.62 8.80
CA LEU H 241 24.40 -20.25 9.97
C LEU H 241 23.53 -19.03 9.68
N ALA H 242 23.93 -18.20 8.74
CA ALA H 242 23.11 -17.06 8.37
C ALA H 242 22.12 -17.43 7.29
N ASP H 243 22.59 -18.13 6.26
CA ASP H 243 21.73 -18.47 5.14
C ASP H 243 20.54 -19.31 5.59
N HIS H 244 20.76 -20.25 6.51
CA HIS H 244 19.73 -21.21 6.89
C HIS H 244 19.09 -20.92 8.24
N SER H 245 19.22 -19.70 8.77
CA SER H 245 18.55 -19.31 10.01
C SER H 245 17.10 -18.94 9.73
N MET H 246 16.40 -18.43 10.76
CA MET H 246 15.04 -17.89 10.63
C MET H 246 14.91 -16.70 11.60
N ALA H 247 15.63 -15.61 11.32
CA ALA H 247 15.74 -14.52 12.29
C ALA H 247 15.96 -13.20 11.58
N GLN H 248 15.41 -12.11 12.16
CA GLN H 248 15.82 -10.79 11.68
C GLN H 248 17.32 -10.60 11.86
N THR H 249 17.88 -11.30 12.83
CA THR H 249 19.33 -11.32 13.06
C THR H 249 19.70 -12.75 13.38
N PRO H 250 20.27 -13.49 12.42
CA PRO H 250 20.72 -14.85 12.69
C PRO H 250 21.84 -14.87 13.72
N ARG H 251 21.98 -15.99 14.42
CA ARG H 251 23.06 -16.18 15.37
C ARG H 251 24.25 -16.87 14.69
N LEU H 252 25.39 -16.20 14.67
CA LEU H 252 26.58 -16.70 14.02
C LEU H 252 27.61 -17.17 15.05
N ILE H 253 28.77 -17.58 14.55
CA ILE H 253 29.84 -18.05 15.41
C ILE H 253 30.24 -16.95 16.38
N ASP H 254 30.45 -17.35 17.65
CA ASP H 254 30.75 -16.42 18.73
C ASP H 254 32.21 -16.38 19.13
N GLY H 255 32.96 -17.44 18.85
CA GLY H 255 34.35 -17.50 19.22
C GLY H 255 34.98 -18.74 18.61
N ILE H 256 36.29 -18.84 18.76
CA ILE H 256 37.08 -19.84 18.09
C ILE H 256 37.82 -20.66 19.14
N VAL H 257 37.95 -21.95 18.89
CA VAL H 257 38.83 -22.83 19.64
C VAL H 257 39.85 -23.35 18.65
N LEU H 258 41.12 -22.96 18.83
CA LEU H 258 42.19 -23.31 17.92
C LEU H 258 43.03 -24.43 18.54
N THR H 259 43.14 -25.54 17.84
CA THR H 259 43.68 -26.75 18.45
C THR H 259 44.99 -27.16 17.77
N LYS H 260 45.67 -28.10 18.40
CA LYS H 260 46.91 -28.71 17.94
C LYS H 260 48.02 -27.69 17.80
N PHE H 261 47.90 -26.62 18.58
CA PHE H 261 48.92 -25.59 18.66
C PHE H 261 50.28 -26.17 18.97
N ASP H 262 50.32 -27.33 19.59
CA ASP H 262 51.54 -28.02 19.94
C ASP H 262 52.14 -28.81 18.78
N THR H 263 51.53 -28.75 17.60
CA THR H 263 52.00 -29.50 16.46
C THR H 263 52.69 -28.64 15.40
N ILE H 264 52.63 -27.31 15.51
CA ILE H 264 53.01 -26.45 14.40
C ILE H 264 54.30 -25.68 14.67
N ASP H 265 54.99 -25.95 15.78
CA ASP H 265 56.17 -25.18 16.14
C ASP H 265 55.84 -23.70 16.13
N ASP H 266 56.58 -22.97 15.30
CA ASP H 266 56.41 -21.53 15.09
C ASP H 266 55.53 -21.19 13.88
N LYS H 267 55.03 -22.17 13.11
CA LYS H 267 54.13 -21.89 12.01
C LYS H 267 52.72 -21.69 12.58
N VAL H 268 52.60 -20.58 13.27
CA VAL H 268 51.48 -20.23 14.10
C VAL H 268 50.46 -19.42 13.30
N GLY H 269 50.55 -19.51 11.96
CA GLY H 269 49.84 -18.57 11.12
C GLY H 269 48.34 -18.70 11.13
N ALA H 270 47.82 -19.90 11.42
CA ALA H 270 46.38 -20.13 11.34
C ALA H 270 45.62 -19.31 12.36
N ALA H 271 46.27 -18.81 13.40
CA ALA H 271 45.59 -17.92 14.33
C ALA H 271 45.28 -16.57 13.69
N ILE H 272 46.13 -16.12 12.77
CA ILE H 272 45.83 -14.88 12.06
C ILE H 272 44.72 -15.11 11.06
N SER H 273 44.85 -16.16 10.24
CA SER H 273 43.81 -16.48 9.27
C SER H 273 42.43 -16.40 9.88
N MET H 274 42.22 -17.06 11.02
CA MET H 274 40.88 -17.17 11.58
C MET H 274 40.46 -15.88 12.27
N THR H 275 41.40 -15.16 12.91
CA THR H 275 41.02 -13.89 13.54
C THR H 275 40.91 -12.75 12.55
N TYR H 276 41.44 -12.91 11.34
CA TYR H 276 41.31 -11.83 10.38
C TYR H 276 39.90 -11.76 9.83
N ILE H 277 39.33 -12.89 9.38
CA ILE H 277 38.03 -12.84 8.72
C ILE H 277 36.89 -12.62 9.71
N THR H 278 37.02 -13.12 10.95
CA THR H 278 36.02 -12.96 12.00
C THR H 278 36.46 -11.91 13.00
N SER H 279 35.52 -11.12 13.50
CA SER H 279 35.80 -10.22 14.61
C SER H 279 35.58 -10.89 15.95
N LYS H 280 35.63 -12.21 15.98
CA LYS H 280 35.37 -13.05 17.13
C LYS H 280 36.67 -13.54 17.73
N PRO H 281 36.69 -13.77 19.04
CA PRO H 281 37.93 -14.13 19.74
C PRO H 281 38.32 -15.59 19.55
N ILE H 282 39.63 -15.84 19.73
CA ILE H 282 40.10 -17.18 20.02
C ILE H 282 39.85 -17.39 21.50
N VAL H 283 38.84 -18.18 21.80
CA VAL H 283 38.39 -18.33 23.17
C VAL H 283 39.26 -19.34 23.91
N PHE H 284 39.67 -20.42 23.25
CA PHE H 284 40.52 -21.44 23.83
C PHE H 284 41.55 -21.89 22.81
N VAL H 285 42.71 -22.28 23.32
CA VAL H 285 43.78 -22.84 22.51
C VAL H 285 44.12 -24.19 23.13
N GLY H 286 44.02 -25.25 22.34
CA GLY H 286 44.38 -26.56 22.78
C GLY H 286 45.83 -26.83 22.46
N THR H 287 46.57 -27.30 23.46
CA THR H 287 48.01 -27.51 23.32
C THR H 287 48.41 -28.96 23.54
N GLY H 288 47.46 -29.89 23.55
CA GLY H 288 47.78 -31.30 23.74
C GLY H 288 46.53 -32.15 23.79
N GLN H 289 46.71 -33.40 24.18
CA GLN H 289 45.64 -34.37 24.13
C GLN H 289 44.96 -34.66 25.47
N THR H 290 45.33 -33.97 26.54
CA THR H 290 44.79 -34.24 27.87
C THR H 290 44.08 -33.01 28.42
N TYR H 291 43.37 -33.21 29.54
CA TYR H 291 42.45 -32.21 30.05
C TYR H 291 43.13 -30.91 30.45
N CYS H 292 44.45 -30.90 30.70
CA CYS H 292 45.09 -29.66 31.12
C CYS H 292 45.75 -28.90 29.99
N ASP H 293 45.67 -29.40 28.76
CA ASP H 293 46.16 -28.71 27.59
C ASP H 293 45.10 -27.78 27.00
N LEU H 294 44.76 -26.76 27.77
CA LEU H 294 43.76 -25.79 27.39
C LEU H 294 44.25 -24.42 27.83
N ARG H 295 44.83 -23.67 26.91
CA ARG H 295 45.48 -22.42 27.23
C ARG H 295 44.70 -21.23 26.67
N SER H 296 44.90 -20.08 27.28
CA SER H 296 44.41 -18.86 26.67
C SER H 296 45.37 -18.44 25.57
N LEU H 297 44.87 -17.61 24.67
CA LEU H 297 45.69 -17.06 23.62
C LEU H 297 46.61 -16.03 24.21
N ASN H 298 47.90 -16.09 23.85
CA ASN H 298 48.86 -15.02 24.12
C ASN H 298 49.22 -14.35 22.80
N ALA H 299 48.55 -13.23 22.52
CA ALA H 299 48.83 -12.46 21.32
C ALA H 299 50.32 -12.20 21.14
N LYS H 300 50.94 -11.58 22.16
CA LYS H 300 52.33 -11.17 22.07
C LYS H 300 53.22 -12.35 21.70
N ALA H 301 53.02 -13.49 22.36
CA ALA H 301 53.87 -14.64 22.09
C ALA H 301 53.68 -15.14 20.67
N VAL H 302 52.44 -15.12 20.19
CA VAL H 302 52.15 -15.50 18.81
C VAL H 302 52.92 -14.62 17.86
N VAL H 303 52.69 -13.30 17.95
CA VAL H 303 53.32 -12.36 17.01
C VAL H 303 54.83 -12.38 17.15
N ALA H 304 55.34 -12.62 18.36
CA ALA H 304 56.76 -12.92 18.50
C ALA H 304 57.16 -14.11 17.62
N ALA H 305 56.46 -15.25 17.78
CA ALA H 305 56.81 -16.45 17.03
C ALA H 305 56.69 -16.21 15.52
N LEU H 306 55.73 -15.39 15.11
CA LEU H 306 55.52 -15.10 13.70
C LEU H 306 56.65 -14.24 13.14
N MET H 307 57.11 -13.26 13.92
CA MET H 307 58.17 -12.36 13.46
C MET H 307 59.53 -13.03 13.42
N LYS H 308 59.82 -13.98 14.31
CA LYS H 308 61.22 -14.29 14.57
C LYS H 308 61.85 -15.11 13.45
N ALA H 309 61.14 -16.10 12.91
CA ALA H 309 61.77 -17.15 12.09
C ALA H 309 63.06 -17.65 12.70
#